data_5QGM
# 
_entry.id   5QGM 
# 
_audit_conform.dict_name       mmcif_pdbx.dic 
_audit_conform.dict_version    5.381 
_audit_conform.dict_location   http://mmcif.pdb.org/dictionaries/ascii/mmcif_pdbx.dic 
# 
loop_
_database_2.database_id 
_database_2.database_code 
_database_2.pdbx_database_accession 
_database_2.pdbx_DOI 
PDB   5QGM         pdb_00005qgm 10.2210/pdb5qgm/pdb 
WWPDB D_1001401923 ?            ?                   
# 
_pdbx_database_status.entry_id                        5QGM 
_pdbx_database_status.status_code                     REL 
_pdbx_database_status.status_code_sf                  REL 
_pdbx_database_status.status_code_mr                  ? 
_pdbx_database_status.status_code_cs                  ? 
_pdbx_database_status.recvd_initial_deposition_date   2018-05-15 
_pdbx_database_status.deposit_site                    RCSB 
_pdbx_database_status.process_site                    RCSB 
_pdbx_database_status.SG_entry                        ? 
_pdbx_database_status.pdb_format_compatible           Y 
_pdbx_database_status.methods_development_category    ? 
_pdbx_database_status.status_code_nmr_data            ? 
# 
loop_
_audit_author.name 
_audit_author.pdbx_ordinal 
_audit_author.identifier_ORCID 
'Krojer, T.'         1  ? 
'Talon, R.'          2  ? 
'Fairhead, M.'       3  ? 
'Diaz Saez, L.'      4  ? 
'Bradley, A.R.'      5  ? 
'Aimon, A.'          6  ? 
'Collins, P.'        7  ? 
'Brandao-Neto, J.'   8  ? 
'Douangamath, A.'    9  ? 
'Ruda, G.F.'         10 ? 
'Szommer, T.'        11 ? 
'Srikannathasan, V.' 12 ? 
'Elkins, J.'         13 ? 
'Spencer, J.'        14 ? 
'London, N.'         15 ? 
'Nelson, A.'         16 ? 
'Brennan, P.E.'      17 ? 
'Huber, K.'          18 ? 
'Bountra, C.'        19 ? 
'Arrowsmith, C.H.'   20 ? 
'Edwards, A.'        21 ? 
'von Delft, F.'      22 ? 
# 
_citation.id                        primary 
_citation.title                     'PanDDA analysis group deposition of models with modelled events (e.g. bound ligands)' 
_citation.journal_abbrev            'To Be Published' 
_citation.journal_volume            ? 
_citation.page_first                ? 
_citation.page_last                 ? 
_citation.year                      ? 
_citation.journal_id_ASTM           ? 
_citation.country                   ? 
_citation.journal_id_ISSN           ? 
_citation.journal_id_CSD            0353 
_citation.book_publisher            ? 
_citation.pdbx_database_id_PubMed   ? 
_citation.pdbx_database_id_DOI      ? 
# 
loop_
_citation_author.citation_id 
_citation_author.name 
_citation_author.identifier_ORCID 
_citation_author.ordinal 
primary 'Krojer, T.'         ? 1  
primary 'Talon, R.'          ? 2  
primary 'Fairhead, M.'       ? 3  
primary 'Diaz Saez, L.'      ? 4  
primary 'Bradley, A.R.'      ? 5  
primary 'Aimon, A.'          ? 6  
primary 'Collins, P.'        ? 7  
primary 'Brandao-Neto, J.'   ? 8  
primary 'Douangamath, A.'    ? 9  
primary 'Ruda, G.F.'         ? 10 
primary 'Szommer, T.'        ? 11 
primary 'Srikannathasan, V.' ? 12 
primary 'Elkins, J.'         ? 13 
primary 'Spencer, J.'        ? 14 
primary 'London, N.'         ? 15 
primary 'Nelson, A.'         ? 16 
primary 'Brennan, P.E.'      ? 17 
primary 'Huber, K.'          ? 18 
primary 'Bountra, C.'        ? 19 
primary 'Arrowsmith, C.H.'   ? 20 
primary 'Edwards, A.'        ? 21 
primary 'von Delft, F.'      ? 22 
# 
_cell.entry_id           5QGM 
_cell.length_a           126.293 
_cell.length_b           126.293 
_cell.length_c           41.707 
_cell.angle_alpha        90.000 
_cell.angle_beta         90.000 
_cell.angle_gamma        120.000 
_cell.Z_PDB              6 
_cell.pdbx_unique_axis   ? 
# 
_symmetry.entry_id                         5QGM 
_symmetry.space_group_name_H-M             'P 3 2 1' 
_symmetry.pdbx_full_space_group_name_H-M   ? 
_symmetry.cell_setting                     ? 
_symmetry.Int_Tables_number                150 
# 
loop_
_entity.id 
_entity.type 
_entity.src_method 
_entity.pdbx_description 
_entity.formula_weight 
_entity.pdbx_number_of_molecules 
_entity.pdbx_ec 
_entity.pdbx_mutation 
_entity.pdbx_fragment 
_entity.details 
1 polymer     man 'Peroxisomal coenzyme A diphosphatase NUDT7'         22197.600 1   3.6.1.- ? ? ? 
2 non-polymer syn 'ACETATE ION'                                        59.044    2   ?       ? ? ? 
3 non-polymer syn 'DIMETHYL SULFOXIDE'                                 78.133    2   ?       ? ? ? 
4 non-polymer syn "1-(4'-methoxy[1,1'-biphenyl]-2-yl)pyrrolidin-2-one" 267.322   1   ?       ? ? ? 
5 water       nat water                                                18.015    161 ?       ? ? ? 
# 
_entity_name_com.entity_id   1 
_entity_name_com.name        'Nucleoside diphosphate-linked moiety X motif 7,Nudix motif 7' 
# 
_entity_poly.entity_id                      1 
_entity_poly.type                           'polypeptide(L)' 
_entity_poly.nstd_linkage                   no 
_entity_poly.nstd_monomer                   yes 
_entity_poly.pdbx_seq_one_letter_code       
;SMLDDAKARLRKYDIGGKYSHLPYNKYSVLLPLVAKEGKLHLLFTVRSEKLRRAPGEVCFPGGKRDPTDMDDAATALREA
QEEVGLR(HYP)HQVEVV(CSO)CLVPCLIDTDTLITPFVGLIDHNFQAQPNPAEVKDVFLVPLAYFLHPQVHDQHYVTR
LGHRFINHIFEYTNPEDGVTYQIKGMTANLAVLVAFIILEKKPT
;
_entity_poly.pdbx_seq_one_letter_code_can   
;SMLDDAKARLRKYDIGGKYSHLPYNKYSVLLPLVAKEGKLHLLFTVRSEKLRRAPGEVCFPGGKRDPTDMDDAATALREA
QEEVGLRPHQVEVVCCLVPCLIDTDTLITPFVGLIDHNFQAQPNPAEVKDVFLVPLAYFLHPQVHDQHYVTRLGHRFINH
IFEYTNPEDGVTYQIKGMTANLAVLVAFIILEKKPT
;
_entity_poly.pdbx_strand_id                 A 
_entity_poly.pdbx_target_identifier         ? 
# 
loop_
_entity_poly_seq.entity_id 
_entity_poly_seq.num 
_entity_poly_seq.mon_id 
_entity_poly_seq.hetero 
1 1   SER n 
1 2   MET n 
1 3   LEU n 
1 4   ASP n 
1 5   ASP n 
1 6   ALA n 
1 7   LYS n 
1 8   ALA n 
1 9   ARG n 
1 10  LEU n 
1 11  ARG n 
1 12  LYS n 
1 13  TYR n 
1 14  ASP n 
1 15  ILE n 
1 16  GLY n 
1 17  GLY n 
1 18  LYS n 
1 19  TYR n 
1 20  SER n 
1 21  HIS n 
1 22  LEU n 
1 23  PRO n 
1 24  TYR n 
1 25  ASN n 
1 26  LYS n 
1 27  TYR n 
1 28  SER n 
1 29  VAL n 
1 30  LEU n 
1 31  LEU n 
1 32  PRO n 
1 33  LEU n 
1 34  VAL n 
1 35  ALA n 
1 36  LYS n 
1 37  GLU n 
1 38  GLY n 
1 39  LYS n 
1 40  LEU n 
1 41  HIS n 
1 42  LEU n 
1 43  LEU n 
1 44  PHE n 
1 45  THR n 
1 46  VAL n 
1 47  ARG n 
1 48  SER n 
1 49  GLU n 
1 50  LYS n 
1 51  LEU n 
1 52  ARG n 
1 53  ARG n 
1 54  ALA n 
1 55  PRO n 
1 56  GLY n 
1 57  GLU n 
1 58  VAL n 
1 59  CYS n 
1 60  PHE n 
1 61  PRO n 
1 62  GLY n 
1 63  GLY n 
1 64  LYS n 
1 65  ARG n 
1 66  ASP n 
1 67  PRO n 
1 68  THR n 
1 69  ASP n 
1 70  MET n 
1 71  ASP n 
1 72  ASP n 
1 73  ALA n 
1 74  ALA n 
1 75  THR n 
1 76  ALA n 
1 77  LEU n 
1 78  ARG n 
1 79  GLU n 
1 80  ALA n 
1 81  GLN n 
1 82  GLU n 
1 83  GLU n 
1 84  VAL n 
1 85  GLY n 
1 86  LEU n 
1 87  ARG n 
1 88  HYP n 
1 89  HIS n 
1 90  GLN n 
1 91  VAL n 
1 92  GLU n 
1 93  VAL n 
1 94  VAL n 
1 95  CSO n 
1 96  CYS n 
1 97  LEU n 
1 98  VAL n 
1 99  PRO n 
1 100 CYS n 
1 101 LEU n 
1 102 ILE n 
1 103 ASP n 
1 104 THR n 
1 105 ASP n 
1 106 THR n 
1 107 LEU n 
1 108 ILE n 
1 109 THR n 
1 110 PRO n 
1 111 PHE n 
1 112 VAL n 
1 113 GLY n 
1 114 LEU n 
1 115 ILE n 
1 116 ASP n 
1 117 HIS n 
1 118 ASN n 
1 119 PHE n 
1 120 GLN n 
1 121 ALA n 
1 122 GLN n 
1 123 PRO n 
1 124 ASN n 
1 125 PRO n 
1 126 ALA n 
1 127 GLU n 
1 128 VAL n 
1 129 LYS n 
1 130 ASP n 
1 131 VAL n 
1 132 PHE n 
1 133 LEU n 
1 134 VAL n 
1 135 PRO n 
1 136 LEU n 
1 137 ALA n 
1 138 TYR n 
1 139 PHE n 
1 140 LEU n 
1 141 HIS n 
1 142 PRO n 
1 143 GLN n 
1 144 VAL n 
1 145 HIS n 
1 146 ASP n 
1 147 GLN n 
1 148 HIS n 
1 149 TYR n 
1 150 VAL n 
1 151 THR n 
1 152 ARG n 
1 153 LEU n 
1 154 GLY n 
1 155 HIS n 
1 156 ARG n 
1 157 PHE n 
1 158 ILE n 
1 159 ASN n 
1 160 HIS n 
1 161 ILE n 
1 162 PHE n 
1 163 GLU n 
1 164 TYR n 
1 165 THR n 
1 166 ASN n 
1 167 PRO n 
1 168 GLU n 
1 169 ASP n 
1 170 GLY n 
1 171 VAL n 
1 172 THR n 
1 173 TYR n 
1 174 GLN n 
1 175 ILE n 
1 176 LYS n 
1 177 GLY n 
1 178 MET n 
1 179 THR n 
1 180 ALA n 
1 181 ASN n 
1 182 LEU n 
1 183 ALA n 
1 184 VAL n 
1 185 LEU n 
1 186 VAL n 
1 187 ALA n 
1 188 PHE n 
1 189 ILE n 
1 190 ILE n 
1 191 LEU n 
1 192 GLU n 
1 193 LYS n 
1 194 LYS n 
1 195 PRO n 
1 196 THR n 
# 
_entity_src_gen.entity_id                          1 
_entity_src_gen.pdbx_src_id                        1 
_entity_src_gen.pdbx_alt_source_flag               sample 
_entity_src_gen.pdbx_seq_type                      'Biological sequence' 
_entity_src_gen.pdbx_beg_seq_num                   1 
_entity_src_gen.pdbx_end_seq_num                   196 
_entity_src_gen.gene_src_common_name               Human 
_entity_src_gen.gene_src_genus                     ? 
_entity_src_gen.pdbx_gene_src_gene                 NUDT7 
_entity_src_gen.gene_src_species                   ? 
_entity_src_gen.gene_src_strain                    ? 
_entity_src_gen.gene_src_tissue                    ? 
_entity_src_gen.gene_src_tissue_fraction           ? 
_entity_src_gen.gene_src_details                   ? 
_entity_src_gen.pdbx_gene_src_fragment             ? 
_entity_src_gen.pdbx_gene_src_scientific_name      'Homo sapiens' 
_entity_src_gen.pdbx_gene_src_ncbi_taxonomy_id     9606 
_entity_src_gen.pdbx_gene_src_variant              ? 
_entity_src_gen.pdbx_gene_src_cell_line            ? 
_entity_src_gen.pdbx_gene_src_atcc                 ? 
_entity_src_gen.pdbx_gene_src_organ                ? 
_entity_src_gen.pdbx_gene_src_organelle            ? 
_entity_src_gen.pdbx_gene_src_cell                 ? 
_entity_src_gen.pdbx_gene_src_cellular_location    ? 
_entity_src_gen.host_org_common_name               ? 
_entity_src_gen.pdbx_host_org_scientific_name      'Escherichia coli' 
_entity_src_gen.pdbx_host_org_ncbi_taxonomy_id     562 
_entity_src_gen.host_org_genus                     ? 
_entity_src_gen.pdbx_host_org_gene                 ? 
_entity_src_gen.pdbx_host_org_organ                ? 
_entity_src_gen.host_org_species                   ? 
_entity_src_gen.pdbx_host_org_tissue               ? 
_entity_src_gen.pdbx_host_org_tissue_fraction      ? 
_entity_src_gen.pdbx_host_org_strain               ? 
_entity_src_gen.pdbx_host_org_variant              ? 
_entity_src_gen.pdbx_host_org_cell_line            ? 
_entity_src_gen.pdbx_host_org_atcc                 ? 
_entity_src_gen.pdbx_host_org_culture_collection   ? 
_entity_src_gen.pdbx_host_org_cell                 ? 
_entity_src_gen.pdbx_host_org_organelle            ? 
_entity_src_gen.pdbx_host_org_cellular_location    ? 
_entity_src_gen.pdbx_host_org_vector_type          ? 
_entity_src_gen.pdbx_host_org_vector               ? 
_entity_src_gen.host_org_details                   ? 
_entity_src_gen.expression_system_id               ? 
_entity_src_gen.plasmid_name                       ? 
_entity_src_gen.plasmid_details                    ? 
_entity_src_gen.pdbx_description                   ? 
# 
_struct_ref.id                         1 
_struct_ref.db_name                    UNP 
_struct_ref.db_code                    NUDT7_HUMAN 
_struct_ref.pdbx_db_accession          P0C024 
_struct_ref.pdbx_db_isoform            ? 
_struct_ref.entity_id                  1 
_struct_ref.pdbx_seq_one_letter_code   
;SLLDDAKARLRKYDIGGKYSHLPYNKYSVLLPLVAKEGKLHLLFTVRSEKLRRAPGEVCFPGGKRDPTDMDDAATALREA
QEEVGLRPHQVEVVCCLVPCLIDTDTLITPFVGLIDHNFQAQPNPAEVKDVFLVPLAYFLHPQVHDQHYVTRLGHRFINH
IFEYTNPEDGVTYQIKGMTANLAVLVAFIILEKKPT
;
_struct_ref.pdbx_align_begin           14 
# 
_struct_ref_seq.align_id                      1 
_struct_ref_seq.ref_id                        1 
_struct_ref_seq.pdbx_PDB_id_code              5QGM 
_struct_ref_seq.pdbx_strand_id                A 
_struct_ref_seq.seq_align_beg                 1 
_struct_ref_seq.pdbx_seq_align_beg_ins_code   ? 
_struct_ref_seq.seq_align_end                 196 
_struct_ref_seq.pdbx_seq_align_end_ins_code   ? 
_struct_ref_seq.pdbx_db_accession             P0C024 
_struct_ref_seq.db_align_beg                  14 
_struct_ref_seq.pdbx_db_align_beg_ins_code    ? 
_struct_ref_seq.db_align_end                  209 
_struct_ref_seq.pdbx_db_align_end_ins_code    ? 
_struct_ref_seq.pdbx_auth_seq_align_beg       15 
_struct_ref_seq.pdbx_auth_seq_align_end       210 
# 
_struct_ref_seq_dif.align_id                     1 
_struct_ref_seq_dif.pdbx_pdb_id_code             5QGM 
_struct_ref_seq_dif.mon_id                       MET 
_struct_ref_seq_dif.pdbx_pdb_strand_id           A 
_struct_ref_seq_dif.seq_num                      2 
_struct_ref_seq_dif.pdbx_pdb_ins_code            ? 
_struct_ref_seq_dif.pdbx_seq_db_name             UNP 
_struct_ref_seq_dif.pdbx_seq_db_accession_code   P0C024 
_struct_ref_seq_dif.db_mon_id                    LEU 
_struct_ref_seq_dif.pdbx_seq_db_seq_num          15 
_struct_ref_seq_dif.details                      conflict 
_struct_ref_seq_dif.pdbx_auth_seq_num            16 
_struct_ref_seq_dif.pdbx_ordinal                 1 
# 
loop_
_chem_comp.id 
_chem_comp.type 
_chem_comp.mon_nstd_flag 
_chem_comp.name 
_chem_comp.pdbx_synonyms 
_chem_comp.formula 
_chem_comp.formula_weight 
ACT non-polymer         . 'ACETATE ION'                                        ?              'C2 H3 O2 -1'    59.044  
ALA 'L-peptide linking' y ALANINE                                              ?              'C3 H7 N O2'     89.093  
ARG 'L-peptide linking' y ARGININE                                             ?              'C6 H15 N4 O2 1' 175.209 
ASN 'L-peptide linking' y ASPARAGINE                                           ?              'C4 H8 N2 O3'    132.118 
ASP 'L-peptide linking' y 'ASPARTIC ACID'                                      ?              'C4 H7 N O4'     133.103 
CSO 'L-peptide linking' n S-HYDROXYCYSTEINE                                    ?              'C3 H7 N O3 S'   137.158 
CYS 'L-peptide linking' y CYSTEINE                                             ?              'C3 H7 N O2 S'   121.158 
DMS non-polymer         . 'DIMETHYL SULFOXIDE'                                 ?              'C2 H6 O S'      78.133  
GLN 'L-peptide linking' y GLUTAMINE                                            ?              'C5 H10 N2 O3'   146.144 
GLU 'L-peptide linking' y 'GLUTAMIC ACID'                                      ?              'C5 H9 N O4'     147.129 
GLY 'peptide linking'   y GLYCINE                                              ?              'C2 H5 N O2'     75.067  
H4Y non-polymer         . "1-(4'-methoxy[1,1'-biphenyl]-2-yl)pyrrolidin-2-one" ?              'C17 H17 N O2'   267.322 
HIS 'L-peptide linking' y HISTIDINE                                            ?              'C6 H10 N3 O2 1' 156.162 
HOH non-polymer         . WATER                                                ?              'H2 O'           18.015  
HYP 'L-peptide linking' n 4-HYDROXYPROLINE                                     HYDROXYPROLINE 'C5 H9 N O3'     131.130 
ILE 'L-peptide linking' y ISOLEUCINE                                           ?              'C6 H13 N O2'    131.173 
LEU 'L-peptide linking' y LEUCINE                                              ?              'C6 H13 N O2'    131.173 
LYS 'L-peptide linking' y LYSINE                                               ?              'C6 H15 N2 O2 1' 147.195 
MET 'L-peptide linking' y METHIONINE                                           ?              'C5 H11 N O2 S'  149.211 
PHE 'L-peptide linking' y PHENYLALANINE                                        ?              'C9 H11 N O2'    165.189 
PRO 'L-peptide linking' y PROLINE                                              ?              'C5 H9 N O2'     115.130 
SER 'L-peptide linking' y SERINE                                               ?              'C3 H7 N O3'     105.093 
THR 'L-peptide linking' y THREONINE                                            ?              'C4 H9 N O3'     119.119 
TYR 'L-peptide linking' y TYROSINE                                             ?              'C9 H11 N O3'    181.189 
VAL 'L-peptide linking' y VALINE                                               ?              'C5 H11 N O2'    117.146 
# 
_exptl.crystals_number   1 
_exptl.entry_id          5QGM 
_exptl.method            'X-RAY DIFFRACTION' 
# 
_exptl_crystal.id                    1 
_exptl_crystal.pdbx_mosaicity        0.100 
_exptl_crystal.pdbx_mosaicity_esd    ? 
_exptl_crystal.density_Matthews      4.33 
_exptl_crystal.density_diffrn        ? 
_exptl_crystal.density_meas          ? 
_exptl_crystal.density_meas_temp     ? 
_exptl_crystal.density_percent_sol   71.56 
_exptl_crystal.size_max              ? 
_exptl_crystal.size_mid              ? 
_exptl_crystal.size_min              ? 
_exptl_crystal.size_rad              ? 
_exptl_crystal.description           ? 
# 
_exptl_crystal_grow.crystal_id      1 
_exptl_crystal_grow.method          'VAPOR DIFFUSION, SITTING DROP' 
_exptl_crystal_grow.pH              5.5 
_exptl_crystal_grow.temp            293 
_exptl_crystal_grow.pdbx_details    '0.1M bis-tris pH 5.5 -- 0.1M ammonium acetate -- 5%(w/v) PEG10K' 
_exptl_crystal_grow.temp_details    ? 
_exptl_crystal_grow.pdbx_pH_range   ? 
# 
_diffrn.id                     1 
_diffrn.ambient_temp           100 
_diffrn.crystal_id             1 
_diffrn.ambient_temp_details   ? 
# 
_diffrn_detector.detector               PIXEL 
_diffrn_detector.type                   'DECTRIS PILATUS 6M' 
_diffrn_detector.pdbx_collection_date   2017-05-11 
_diffrn_detector.diffrn_id              1 
_diffrn_detector.details                ? 
# 
_diffrn_radiation.diffrn_id                        1 
_diffrn_radiation.wavelength_id                    1 
_diffrn_radiation.pdbx_diffrn_protocol             'SINGLE WAVELENGTH' 
_diffrn_radiation.pdbx_monochromatic_or_laue_m_l   ? 
_diffrn_radiation.monochromator                    ? 
_diffrn_radiation.pdbx_scattering_type             x-ray 
# 
_diffrn_radiation_wavelength.id           1 
_diffrn_radiation_wavelength.wavelength   0.92819 
_diffrn_radiation_wavelength.wt           1.0 
# 
_diffrn_source.diffrn_id                   1 
_diffrn_source.source                      SYNCHROTRON 
_diffrn_source.type                        'DIAMOND BEAMLINE I04-1' 
_diffrn_source.pdbx_wavelength_list        0.92819 
_diffrn_source.pdbx_synchrotron_site       Diamond 
_diffrn_source.pdbx_synchrotron_beamline   I04-1 
_diffrn_source.pdbx_wavelength             ? 
# 
_reflns.entry_id                     5QGM 
_reflns.pdbx_diffrn_id               1 
_reflns.pdbx_ordinal                 1 
_reflns.observed_criterion_sigma_I   ? 
_reflns.observed_criterion_sigma_F   ? 
_reflns.d_resolution_low             29.360 
_reflns.d_resolution_high            1.950 
_reflns.number_obs                   28166 
_reflns.number_all                   ? 
_reflns.percent_possible_obs         99.900 
_reflns.pdbx_Rmerge_I_obs            0.057 
_reflns.pdbx_Rsym_value              ? 
_reflns.pdbx_netI_over_sigmaI        26.200 
_reflns.B_iso_Wilson_estimate        ? 
_reflns.pdbx_redundancy              10.000 
_reflns.pdbx_Rrim_I_all              0.060 
_reflns.pdbx_Rpim_I_all              0.019 
_reflns.pdbx_CC_half                 1.000 
_reflns.pdbx_netI_over_av_sigmaI     ? 
_reflns.pdbx_number_measured_all     281254 
_reflns.pdbx_scaling_rejects         0 
_reflns.pdbx_chi_squared             ? 
_reflns.Rmerge_F_all                 ? 
_reflns.Rmerge_F_obs                 ? 
_reflns.observed_criterion_F_max     ? 
_reflns.observed_criterion_F_min     ? 
_reflns.observed_criterion_I_max     ? 
_reflns.observed_criterion_I_min     ? 
_reflns.pdbx_d_res_high_opt          ? 
_reflns.pdbx_d_res_low_opt           ? 
_reflns.details                      ? 
# 
loop_
_reflns_shell.pdbx_diffrn_id 
_reflns_shell.pdbx_ordinal 
_reflns_shell.d_res_high 
_reflns_shell.d_res_low 
_reflns_shell.number_measured_obs 
_reflns_shell.number_measured_all 
_reflns_shell.number_unique_obs 
_reflns_shell.pdbx_rejects 
_reflns_shell.Rmerge_I_obs 
_reflns_shell.meanI_over_sigI_obs 
_reflns_shell.pdbx_Rsym_value 
_reflns_shell.pdbx_chi_squared 
_reflns_shell.pdbx_redundancy 
_reflns_shell.percent_possible_obs 
_reflns_shell.pdbx_netI_over_sigmaI_obs 
_reflns_shell.number_possible 
_reflns_shell.number_unique_all 
_reflns_shell.Rmerge_F_all 
_reflns_shell.Rmerge_F_obs 
_reflns_shell.Rmerge_I_all 
_reflns_shell.meanI_over_sigI_all 
_reflns_shell.percent_possible_all 
_reflns_shell.pdbx_Rrim_I_all 
_reflns_shell.pdbx_Rpim_I_all 
_reflns_shell.pdbx_CC_half 
1 1 1.950 2.000  ? 20312 ? ? 1.040 ? ? ? 9.900 ? 2.300  ? 2049 ? ? ? ? 99.200 1.099 0.350 0.884 
1 2 8.710 29.360 ? 3287  ? ? 0.021 ? ? ? 9.700 ? 97.600 ? 339  ? ? ? ? 96.700 0.022 0.007 1.000 
# 
_refine.entry_id                                 5QGM 
_refine.pdbx_refine_id                           'X-RAY DIFFRACTION' 
_refine.ls_d_res_high                            1.9600 
_refine.ls_d_res_low                             109.3700 
_refine.pdbx_ls_sigma_F                          0.000 
_refine.pdbx_data_cutoff_high_absF               ? 
_refine.pdbx_data_cutoff_low_absF                ? 
_refine.ls_percent_reflns_obs                    98.9100 
_refine.ls_number_reflns_obs                     26116 
_refine.ls_number_reflns_all                     ? 
_refine.pdbx_ls_cross_valid_method               THROUGHOUT 
_refine.ls_matrix_type                           ? 
_refine.pdbx_R_Free_selection_details            RANDOM 
_refine.details                                  
'HYDROGENS HAVE BEEN ADDED IN THE RIDING POSITIONS U VALUES      : REFINED INDIVIDUALLY' 
_refine.ls_R_factor_all                          ? 
_refine.ls_R_factor_obs                          0.1920 
_refine.ls_R_factor_R_work                       0.1904 
_refine.ls_wR_factor_R_work                      ? 
_refine.ls_R_factor_R_free                       0.2206 
_refine.ls_wR_factor_R_free                      ? 
_refine.ls_percent_reflns_R_free                 4.9000 
_refine.ls_number_reflns_R_free                  1345 
_refine.ls_number_reflns_R_work                  ? 
_refine.ls_R_factor_R_free_error                 ? 
_refine.B_iso_mean                               41.5010 
_refine.solvent_model_param_bsol                 ? 
_refine.solvent_model_param_ksol                 ? 
_refine.pdbx_isotropic_thermal_model             ? 
_refine.aniso_B[1][1]                            0.5200 
_refine.aniso_B[2][2]                            0.5200 
_refine.aniso_B[3][3]                            -1.6900 
_refine.aniso_B[1][2]                            0.2600 
_refine.aniso_B[1][3]                            0.0000 
_refine.aniso_B[2][3]                            -0.0000 
_refine.correlation_coeff_Fo_to_Fc               0.9610 
_refine.correlation_coeff_Fo_to_Fc_free          0.9450 
_refine.overall_SU_R_Cruickshank_DPI             ? 
_refine.pdbx_overall_SU_R_free_Cruickshank_DPI   ? 
_refine.pdbx_overall_SU_R_Blow_DPI               ? 
_refine.pdbx_overall_SU_R_free_Blow_DPI          ? 
_refine.overall_SU_R_free                        ? 
_refine.pdbx_overall_ESU_R                       0.1110 
_refine.pdbx_overall_ESU_R_Free                  0.1110 
_refine.overall_SU_ML                            0.0910 
_refine.overall_SU_B                             3.3330 
_refine.solvent_model_details                    MASK 
_refine.pdbx_solvent_vdw_probe_radii             1.2000 
_refine.pdbx_solvent_ion_probe_radii             0.8000 
_refine.pdbx_solvent_shrinkage_radii             0.8000 
_refine.ls_number_parameters                     ? 
_refine.ls_number_restraints                     ? 
_refine.pdbx_starting_model                      5T3P 
_refine.pdbx_method_to_determine_struct          'FOURIER SYNTHESIS' 
_refine.pdbx_stereochemistry_target_values       'MAXIMUM LIKELIHOOD' 
_refine.pdbx_stereochem_target_val_spec_case     ? 
_refine.overall_FOM_work_R_set                   ? 
_refine.B_iso_max                                116.130 
_refine.B_iso_min                                22.700 
_refine.pdbx_overall_phase_error                 ? 
_refine.occupancy_max                            ? 
_refine.occupancy_min                            ? 
_refine.pdbx_diffrn_id                           1 
_refine.pdbx_TLS_residual_ADP_flag               ? 
_refine.pdbx_ls_sigma_I                          ? 
_refine.pdbx_data_cutoff_high_rms_absF           ? 
_refine.ls_R_factor_R_free_error_details         ? 
# 
_refine_hist.cycle_id                         final 
_refine_hist.pdbx_refine_id                   'X-RAY DIFFRACTION' 
_refine_hist.d_res_high                       1.9600 
_refine_hist.d_res_low                        109.3700 
_refine_hist.pdbx_number_atoms_ligand         36 
_refine_hist.number_atoms_solvent             161 
_refine_hist.number_atoms_total               1664 
_refine_hist.pdbx_number_residues_total       186 
_refine_hist.pdbx_B_iso_mean_ligand           54.86 
_refine_hist.pdbx_B_iso_mean_solvent          50.38 
_refine_hist.pdbx_number_atoms_protein        1467 
_refine_hist.pdbx_number_atoms_nucleic_acid   0 
# 
loop_
_refine_ls_restr.pdbx_refine_id 
_refine_ls_restr.type 
_refine_ls_restr.number 
_refine_ls_restr.dev_ideal 
_refine_ls_restr.dev_ideal_target 
_refine_ls_restr.weight 
_refine_ls_restr.pdbx_restraint_function 
'X-RAY DIFFRACTION' r_bond_refined_d       1535 0.013  0.019  ? ? 
'X-RAY DIFFRACTION' r_bond_other_d         1458 0.002  0.020  ? ? 
'X-RAY DIFFRACTION' r_angle_refined_deg    2083 1.679  1.991  ? ? 
'X-RAY DIFFRACTION' r_angle_other_deg      3379 0.976  2.984  ? ? 
'X-RAY DIFFRACTION' r_dihedral_angle_1_deg 184  6.231  5.000  ? ? 
'X-RAY DIFFRACTION' r_dihedral_angle_2_deg 66   33.503 24.242 ? ? 
'X-RAY DIFFRACTION' r_dihedral_angle_3_deg 252  15.698 15.000 ? ? 
'X-RAY DIFFRACTION' r_dihedral_angle_4_deg 8    15.398 15.000 ? ? 
'X-RAY DIFFRACTION' r_chiral_restr         237  0.101  0.200  ? ? 
'X-RAY DIFFRACTION' r_gen_planes_refined   1672 0.008  0.021  ? ? 
'X-RAY DIFFRACTION' r_gen_planes_other     292  0.001  0.020  ? ? 
'X-RAY DIFFRACTION' r_mcbond_it            744  3.024  3.758  ? ? 
'X-RAY DIFFRACTION' r_mcbond_other         741  2.994  3.743  ? ? 
'X-RAY DIFFRACTION' r_mcangle_it           924  4.395  5.576  ? ? 
# 
_refine_ls_shell.d_res_high                       1.9580 
_refine_ls_shell.d_res_low                        2.0090 
_refine_ls_shell.pdbx_total_number_of_bins_used   20 
_refine_ls_shell.percent_reflns_obs               98.6300 
_refine_ls_shell.number_reflns_R_work             1932 
_refine_ls_shell.R_factor_all                     ? 
_refine_ls_shell.R_factor_R_work                  0.2690 
_refine_ls_shell.R_factor_R_free                  0.2690 
_refine_ls_shell.percent_reflns_R_free            ? 
_refine_ls_shell.number_reflns_R_free             80 
_refine_ls_shell.R_factor_R_free_error            ? 
_refine_ls_shell.number_reflns_all                2012 
_refine_ls_shell.number_reflns_obs                ? 
_refine_ls_shell.pdbx_refine_id                   'X-RAY DIFFRACTION' 
# 
_struct.entry_id                  5QGM 
_struct.title                     
;PanDDA analysis group deposition of models with modelled events (e.g. bound ligands) -- Crystal Structure of NUDT7 in complex with OX-160
;
_struct.pdbx_model_details        ? 
_struct.pdbx_CASP_flag            ? 
_struct.pdbx_model_type_details   ? 
# 
_struct_keywords.entry_id        5QGM 
_struct_keywords.text            'PanDDA, SGC - Diamond I04-1 fragment screening, NUDIX domain, XChemExplorer, HYDROLASE' 
_struct_keywords.pdbx_keywords   HYDROLASE 
# 
loop_
_struct_asym.id 
_struct_asym.pdbx_blank_PDB_chainid_flag 
_struct_asym.pdbx_modified 
_struct_asym.entity_id 
_struct_asym.details 
A N N 1 ? 
B N N 2 ? 
C N N 2 ? 
D N N 3 ? 
E N N 3 ? 
F N N 4 ? 
G N N 5 ? 
# 
loop_
_struct_conf.conf_type_id 
_struct_conf.id 
_struct_conf.pdbx_PDB_helix_id 
_struct_conf.beg_label_comp_id 
_struct_conf.beg_label_asym_id 
_struct_conf.beg_label_seq_id 
_struct_conf.pdbx_beg_PDB_ins_code 
_struct_conf.end_label_comp_id 
_struct_conf.end_label_asym_id 
_struct_conf.end_label_seq_id 
_struct_conf.pdbx_end_PDB_ins_code 
_struct_conf.beg_auth_comp_id 
_struct_conf.beg_auth_asym_id 
_struct_conf.beg_auth_seq_id 
_struct_conf.end_auth_comp_id 
_struct_conf.end_auth_asym_id 
_struct_conf.end_auth_seq_id 
_struct_conf.pdbx_PDB_helix_class 
_struct_conf.details 
_struct_conf.pdbx_PDB_helix_length 
HELX_P HELX_P1 AA1 SER A 1   ? LYS A 12  ? SER A 15  LYS A 26  1 ? 12 
HELX_P HELX_P2 AA2 ASP A 71  ? GLY A 85  ? ASP A 85  GLY A 99  1 ? 15 
HELX_P HELX_P3 AA3 ARG A 87  ? HIS A 89  ? ARG A 101 HIS A 103 5 ? 3  
HELX_P HELX_P4 AA4 ALA A 137 ? HIS A 141 ? ALA A 151 HIS A 155 5 ? 5  
HELX_P HELX_P5 AA5 LYS A 176 ? GLU A 192 ? LYS A 190 GLU A 206 1 ? 17 
# 
_struct_conf_type.id          HELX_P 
_struct_conf_type.criteria    ? 
_struct_conf_type.reference   ? 
# 
loop_
_struct_conn.id 
_struct_conn.conn_type_id 
_struct_conn.pdbx_leaving_atom_flag 
_struct_conn.pdbx_PDB_id 
_struct_conn.ptnr1_label_asym_id 
_struct_conn.ptnr1_label_comp_id 
_struct_conn.ptnr1_label_seq_id 
_struct_conn.ptnr1_label_atom_id 
_struct_conn.pdbx_ptnr1_label_alt_id 
_struct_conn.pdbx_ptnr1_PDB_ins_code 
_struct_conn.pdbx_ptnr1_standard_comp_id 
_struct_conn.ptnr1_symmetry 
_struct_conn.ptnr2_label_asym_id 
_struct_conn.ptnr2_label_comp_id 
_struct_conn.ptnr2_label_seq_id 
_struct_conn.ptnr2_label_atom_id 
_struct_conn.pdbx_ptnr2_label_alt_id 
_struct_conn.pdbx_ptnr2_PDB_ins_code 
_struct_conn.ptnr1_auth_asym_id 
_struct_conn.ptnr1_auth_comp_id 
_struct_conn.ptnr1_auth_seq_id 
_struct_conn.ptnr2_auth_asym_id 
_struct_conn.ptnr2_auth_comp_id 
_struct_conn.ptnr2_auth_seq_id 
_struct_conn.ptnr2_symmetry 
_struct_conn.pdbx_ptnr3_label_atom_id 
_struct_conn.pdbx_ptnr3_label_seq_id 
_struct_conn.pdbx_ptnr3_label_comp_id 
_struct_conn.pdbx_ptnr3_label_asym_id 
_struct_conn.pdbx_ptnr3_label_alt_id 
_struct_conn.pdbx_ptnr3_PDB_ins_code 
_struct_conn.details 
_struct_conn.pdbx_dist_value 
_struct_conn.pdbx_value_order 
_struct_conn.pdbx_role 
covale1 covale both ? A ARG 87 C ? ? ? 1_555 A HYP 88 N ? ? A ARG 101 A HYP 102 1_555 ? ? ? ? ? ? ? 1.339 ? ? 
covale2 covale both ? A HYP 88 C ? ? ? 1_555 A HIS 89 N ? ? A HYP 102 A HIS 103 1_555 ? ? ? ? ? ? ? 1.331 ? ? 
covale3 covale both ? A VAL 94 C ? ? ? 1_555 A CSO 95 N ? ? A VAL 108 A CSO 109 1_555 ? ? ? ? ? ? ? 1.333 ? ? 
covale4 covale both ? A CSO 95 C ? ? ? 1_555 A CYS 96 N ? ? A CSO 109 A CYS 110 1_555 ? ? ? ? ? ? ? 1.328 ? ? 
# 
_struct_conn_type.id          covale 
_struct_conn_type.criteria    ? 
_struct_conn_type.reference   ? 
# 
loop_
_struct_sheet.id 
_struct_sheet.type 
_struct_sheet.number_strands 
_struct_sheet.details 
AA1 ? 4 ? 
AA2 ? 4 ? 
AA3 ? 3 ? 
AA4 ? 3 ? 
# 
loop_
_struct_sheet_order.sheet_id 
_struct_sheet_order.range_id_1 
_struct_sheet_order.range_id_2 
_struct_sheet_order.offset 
_struct_sheet_order.sense 
AA1 1 2 ? anti-parallel 
AA1 2 3 ? parallel      
AA1 3 4 ? anti-parallel 
AA2 1 2 ? anti-parallel 
AA2 2 3 ? parallel      
AA2 3 4 ? anti-parallel 
AA3 1 2 ? anti-parallel 
AA3 2 3 ? anti-parallel 
AA4 1 2 ? anti-parallel 
AA4 2 3 ? anti-parallel 
# 
loop_
_struct_sheet_range.sheet_id 
_struct_sheet_range.id 
_struct_sheet_range.beg_label_comp_id 
_struct_sheet_range.beg_label_asym_id 
_struct_sheet_range.beg_label_seq_id 
_struct_sheet_range.pdbx_beg_PDB_ins_code 
_struct_sheet_range.end_label_comp_id 
_struct_sheet_range.end_label_asym_id 
_struct_sheet_range.end_label_seq_id 
_struct_sheet_range.pdbx_end_PDB_ins_code 
_struct_sheet_range.beg_auth_comp_id 
_struct_sheet_range.beg_auth_asym_id 
_struct_sheet_range.beg_auth_seq_id 
_struct_sheet_range.end_auth_comp_id 
_struct_sheet_range.end_auth_asym_id 
_struct_sheet_range.end_auth_seq_id 
AA1 1 VAL A 91  ? CYS A 96  ? VAL A 105 CYS A 110 
AA1 2 THR A 106 ? ILE A 115 ? THR A 120 ILE A 129 
AA1 3 ASN A 25  ? LYS A 36  ? ASN A 39  LYS A 50  
AA1 4 LYS A 39  ? ARG A 47  ? LYS A 53  ARG A 61  
AA2 1 CYS A 100 ? ILE A 102 ? CYS A 114 ILE A 116 
AA2 2 THR A 106 ? ILE A 115 ? THR A 120 ILE A 129 
AA2 3 ASN A 25  ? LYS A 36  ? ASN A 39  LYS A 50  
AA2 4 GLY A 62  ? LYS A 64  ? GLY A 76  LYS A 78  
AA3 1 VAL A 128 ? PRO A 135 ? VAL A 142 PRO A 149 
AA3 2 LYS A 39  ? ARG A 47  ? LYS A 53  ARG A 61  
AA3 3 VAL A 58  ? CYS A 59  ? VAL A 72  CYS A 73  
AA4 1 VAL A 144 ? ASP A 146 ? VAL A 158 ASP A 160 
AA4 2 HIS A 160 ? THR A 165 ? HIS A 174 THR A 179 
AA4 3 THR A 172 ? ILE A 175 ? THR A 186 ILE A 189 
# 
loop_
_pdbx_struct_sheet_hbond.sheet_id 
_pdbx_struct_sheet_hbond.range_id_1 
_pdbx_struct_sheet_hbond.range_id_2 
_pdbx_struct_sheet_hbond.range_1_label_atom_id 
_pdbx_struct_sheet_hbond.range_1_label_comp_id 
_pdbx_struct_sheet_hbond.range_1_label_asym_id 
_pdbx_struct_sheet_hbond.range_1_label_seq_id 
_pdbx_struct_sheet_hbond.range_1_PDB_ins_code 
_pdbx_struct_sheet_hbond.range_1_auth_atom_id 
_pdbx_struct_sheet_hbond.range_1_auth_comp_id 
_pdbx_struct_sheet_hbond.range_1_auth_asym_id 
_pdbx_struct_sheet_hbond.range_1_auth_seq_id 
_pdbx_struct_sheet_hbond.range_2_label_atom_id 
_pdbx_struct_sheet_hbond.range_2_label_comp_id 
_pdbx_struct_sheet_hbond.range_2_label_asym_id 
_pdbx_struct_sheet_hbond.range_2_label_seq_id 
_pdbx_struct_sheet_hbond.range_2_PDB_ins_code 
_pdbx_struct_sheet_hbond.range_2_auth_atom_id 
_pdbx_struct_sheet_hbond.range_2_auth_comp_id 
_pdbx_struct_sheet_hbond.range_2_auth_asym_id 
_pdbx_struct_sheet_hbond.range_2_auth_seq_id 
AA1 1 2 N VAL A 94  ? N VAL A 108 O VAL A 112 ? O VAL A 126 
AA1 2 3 O GLY A 113 ? O GLY A 127 N LEU A 33  ? N LEU A 47  
AA1 3 4 N LYS A 36  ? N LYS A 50  O LYS A 39  ? O LYS A 53  
AA2 1 2 N CYS A 100 ? N CYS A 114 O ILE A 108 ? O ILE A 122 
AA2 2 3 O GLY A 113 ? O GLY A 127 N LEU A 33  ? N LEU A 47  
AA2 3 4 N SER A 28  ? N SER A 42  O GLY A 63  ? O GLY A 77  
AA3 1 2 O PHE A 132 ? O PHE A 146 N PHE A 44  ? N PHE A 58  
AA3 2 3 N THR A 45  ? N THR A 59  O CYS A 59  ? O CYS A 73  
AA4 1 2 N HIS A 145 ? N HIS A 159 O ILE A 161 ? O ILE A 175 
AA4 2 3 N TYR A 164 ? N TYR A 178 O TYR A 173 ? O TYR A 187 
# 
loop_
_struct_site.id 
_struct_site.pdbx_evidence_code 
_struct_site.pdbx_auth_asym_id 
_struct_site.pdbx_auth_comp_id 
_struct_site.pdbx_auth_seq_id 
_struct_site.pdbx_auth_ins_code 
_struct_site.pdbx_num_residues 
_struct_site.details 
AC1 Software A ACT 301 ? 3  'binding site for residue ACT A 301' 
AC2 Software A ACT 302 ? 2  'binding site for residue ACT A 302' 
AC3 Software A DMS 303 ? 6  'binding site for residue DMS A 303' 
AC4 Software A DMS 304 ? 3  'binding site for residue DMS A 304' 
AC5 Software A H4Y 305 ? 10 'binding site for residue H4Y A 305' 
# 
loop_
_struct_site_gen.id 
_struct_site_gen.site_id 
_struct_site_gen.pdbx_num_res 
_struct_site_gen.label_comp_id 
_struct_site_gen.label_asym_id 
_struct_site_gen.label_seq_id 
_struct_site_gen.pdbx_auth_ins_code 
_struct_site_gen.auth_comp_id 
_struct_site_gen.auth_asym_id 
_struct_site_gen.auth_seq_id 
_struct_site_gen.label_atom_id 
_struct_site_gen.label_alt_id 
_struct_site_gen.symmetry 
_struct_site_gen.details 
1  AC1 3  VAL A 58  ? VAL A 72  . ? 1_555 ? 
2  AC1 3  TYR A 173 ? TYR A 187 . ? 1_555 ? 
3  AC1 3  GLN A 174 ? GLN A 188 . ? 1_555 ? 
4  AC2 2  HYP A 88  ? HYP A 102 . ? 1_555 ? 
5  AC2 2  VAL A 91  ? VAL A 105 . ? 1_555 ? 
6  AC3 6  GLY A 85  ? GLY A 99  . ? 1_555 ? 
7  AC3 6  ARG A 87  ? ARG A 101 . ? 1_555 ? 
8  AC3 6  GLN A 90  ? GLN A 104 . ? 1_555 ? 
9  AC3 6  PHE A 119 ? PHE A 133 . ? 1_555 ? 
10 AC3 6  GLN A 120 ? GLN A 134 . ? 1_555 ? 
11 AC3 6  GLN A 122 ? GLN A 136 . ? 1_555 ? 
12 AC4 3  ASP A 116 ? ASP A 130 . ? 1_555 ? 
13 AC4 3  HIS A 117 ? HIS A 131 . ? 1_555 ? 
14 AC4 3  ASP A 130 ? ASP A 144 . ? 2_545 ? 
15 AC5 10 TYR A 27  ? TYR A 41  . ? 1_555 ? 
16 AC5 10 VAL A 29  ? VAL A 43  . ? 1_555 ? 
17 AC5 10 ARG A 47  ? ARG A 61  . ? 1_555 ? 
18 AC5 10 ARG A 53  ? ARG A 67  . ? 1_555 ? 
19 AC5 10 CYS A 59  ? CYS A 73  . ? 1_555 ? 
20 AC5 10 PHE A 60  ? PHE A 74  . ? 1_555 ? 
21 AC5 10 GLY A 62  ? GLY A 76  . ? 1_555 ? 
22 AC5 10 GLY A 63  ? GLY A 77  . ? 1_555 ? 
23 AC5 10 HOH G .   ? HOH A 412 . ? 1_555 ? 
24 AC5 10 HOH G .   ? HOH A 422 . ? 1_555 ? 
# 
_atom_sites.entry_id                    5QGM 
_atom_sites.fract_transf_matrix[1][1]   -0.00542345 
_atom_sites.fract_transf_matrix[1][2]   0.00735756 
_atom_sites.fract_transf_matrix[1][3]   -0.00022463 
_atom_sites.fract_transf_matrix[2][1]   -0.00683649 
_atom_sites.fract_transf_matrix[2][2]   0.00082574 
_atom_sites.fract_transf_matrix[2][3]   0.00601456 
_atom_sites.fract_transf_matrix[3][1]   0.01471787 
_atom_sites.fract_transf_matrix[3][2]   0.01131225 
_atom_sites.fract_transf_matrix[3][3]   0.01517610 
_atom_sites.fract_transf_vector[1]      0.136637 
_atom_sites.fract_transf_vector[2]      -0.434904 
_atom_sites.fract_transf_vector[3]      1.979340 
# 
loop_
_atom_type.symbol 
C 
N 
O 
S 
# 
loop_
_atom_site.group_PDB 
_atom_site.id 
_atom_site.type_symbol 
_atom_site.label_atom_id 
_atom_site.label_alt_id 
_atom_site.label_comp_id 
_atom_site.label_asym_id 
_atom_site.label_entity_id 
_atom_site.label_seq_id 
_atom_site.pdbx_PDB_ins_code 
_atom_site.Cartn_x 
_atom_site.Cartn_y 
_atom_site.Cartn_z 
_atom_site.occupancy 
_atom_site.B_iso_or_equiv 
_atom_site.pdbx_formal_charge 
_atom_site.auth_seq_id 
_atom_site.auth_comp_id 
_atom_site.auth_asym_id 
_atom_site.auth_atom_id 
_atom_site.pdbx_PDB_model_num 
ATOM   1    N N   . SER A 1 1   ? 12.499  18.244  -6.479  1.00 65.41  ? 15  SER A N   1 
ATOM   2    C CA  . SER A 1 1   ? 11.353  18.487  -5.546  1.00 64.45  ? 15  SER A CA  1 
ATOM   3    C C   . SER A 1 1   ? 11.118  17.238  -4.670  1.00 63.94  ? 15  SER A C   1 
ATOM   4    O O   . SER A 1 1   ? 11.855  16.254  -4.800  1.00 55.83  ? 15  SER A O   1 
ATOM   5    C CB  . SER A 1 1   ? 10.096  18.889  -6.348  1.00 64.87  ? 15  SER A CB  1 
ATOM   6    O OG  . SER A 1 1   ? 9.596   17.825  -7.167  1.00 58.44  ? 15  SER A OG  1 
ATOM   7    N N   . MET A 1 2   ? 10.124  17.316  -3.777  1.00 62.79  ? 16  MET A N   1 
ATOM   8    C CA  . MET A 1 2   ? 9.670   16.188  -2.918  1.00 68.08  ? 16  MET A CA  1 
ATOM   9    C C   . MET A 1 2   ? 9.211   14.931  -3.682  1.00 68.38  ? 16  MET A C   1 
ATOM   10   O O   . MET A 1 2   ? 9.570   13.807  -3.305  1.00 61.16  ? 16  MET A O   1 
ATOM   11   C CB  . MET A 1 2   ? 8.526   16.650  -1.986  1.00 67.37  ? 16  MET A CB  1 
ATOM   12   C CG  . MET A 1 2   ? 7.775   15.559  -1.217  1.00 67.99  ? 16  MET A CG  1 
ATOM   13   S SD  . MET A 1 2   ? 6.656   16.274  0.020   1.00 69.33  ? 16  MET A SD  1 
ATOM   14   C CE  . MET A 1 2   ? 5.427   16.967  -1.055  1.00 66.72  ? 16  MET A CE  1 
ATOM   15   N N   . LEU A 1 3   ? 8.398   15.113  -4.715  1.00 63.56  ? 17  LEU A N   1 
ATOM   16   C CA  . LEU A 1 3   ? 7.848   13.958  -5.431  1.00 63.53  ? 17  LEU A CA  1 
ATOM   17   C C   . LEU A 1 3   ? 8.825   13.348  -6.424  1.00 61.82  ? 17  LEU A C   1 
ATOM   18   O O   . LEU A 1 3   ? 8.853   12.136  -6.609  1.00 61.82  ? 17  LEU A O   1 
ATOM   19   C CB  . LEU A 1 3   ? 6.597   14.360  -6.159  1.00 61.56  ? 17  LEU A CB  1 
ATOM   20   C CG  . LEU A 1 3   ? 5.407   14.449  -5.214  1.00 64.67  ? 17  LEU A CG  1 
ATOM   21   C CD1 . LEU A 1 3   ? 4.418   15.494  -5.752  1.00 60.17  ? 17  LEU A CD1 1 
ATOM   22   C CD2 . LEU A 1 3   ? 4.778   13.063  -5.052  1.00 63.19  ? 17  LEU A CD2 1 
ATOM   23   N N   . ASP A 1 4   ? 9.598   14.208  -7.071  1.00 61.56  ? 18  ASP A N   1 
ATOM   24   C CA  . ASP A 1 4   ? 10.640  13.781  -7.988  1.00 62.91  ? 18  ASP A CA  1 
ATOM   25   C C   . ASP A 1 4   ? 11.728  13.033  -7.269  1.00 58.84  ? 18  ASP A C   1 
ATOM   26   O O   . ASP A 1 4   ? 12.316  12.103  -7.820  1.00 53.64  ? 18  ASP A O   1 
ATOM   27   C CB  . ASP A 1 4   ? 11.257  14.987  -8.711  1.00 63.67  ? 18  ASP A CB  1 
ATOM   28   C CG  . ASP A 1 4   ? 10.321  15.583  -9.748  1.00 67.85  ? 18  ASP A CG  1 
ATOM   29   O OD1 . ASP A 1 4   ? 9.293   14.956  -10.097 1.00 65.00  ? 18  ASP A OD1 1 
ATOM   30   O OD2 . ASP A 1 4   ? 10.625  16.690  -10.221 1.00 75.15  ? 18  ASP A OD2 1 
ATOM   31   N N   . ASP A 1 5   ? 12.005  13.471  -6.049  1.00 54.25  ? 19  ASP A N   1 
ATOM   32   C CA  . ASP A 1 5   ? 12.976  12.821  -5.214  1.00 57.00  ? 19  ASP A CA  1 
ATOM   33   C C   . ASP A 1 5   ? 12.506  11.460  -4.716  1.00 46.83  ? 19  ASP A C   1 
ATOM   34   O O   . ASP A 1 5   ? 13.312  10.528  -4.686  1.00 42.35  ? 19  ASP A O   1 
ATOM   35   C CB  . ASP A 1 5   ? 13.374  13.747  -4.076  1.00 65.34  ? 19  ASP A CB  1 
ATOM   36   C CG  . ASP A 1 5   ? 14.215  14.931  -4.566  1.00 77.07  ? 19  ASP A CG  1 
ATOM   37   O OD1 . ASP A 1 5   ? 14.436  15.078  -5.801  1.00 84.81  ? 19  ASP A OD1 1 
ATOM   38   O OD2 . ASP A 1 5   ? 14.645  15.729  -3.711  1.00 85.56  ? 19  ASP A OD2 1 
ATOM   39   N N   . ALA A 1 6   ? 11.222  11.337  -4.399  1.00 40.15  ? 20  ALA A N   1 
ATOM   40   C CA  . ALA A 1 6   ? 10.631  10.043  -4.015  1.00 38.88  ? 20  ALA A CA  1 
ATOM   41   C C   . ALA A 1 6   ? 10.696  9.028   -5.132  1.00 38.68  ? 20  ALA A C   1 
ATOM   42   O O   . ALA A 1 6   ? 11.146  7.890   -4.907  1.00 31.65  ? 20  ALA A O   1 
ATOM   43   C CB  . ALA A 1 6   ? 9.211   10.202  -3.541  1.00 40.13  ? 20  ALA A CB  1 
ATOM   44   N N   . LYS A 1 7   ? 10.301  9.441   -6.334  1.00 35.12  ? 21  LYS A N   1 
ATOM   45   C CA  . LYS A 1 7   ? 10.378  8.592   -7.510  1.00 39.98  ? 21  LYS A CA  1 
ATOM   46   C C   . LYS A 1 7   ? 11.803  8.125   -7.838  1.00 37.87  ? 21  LYS A C   1 
ATOM   47   O O   . LYS A 1 7   ? 12.033  6.946   -8.119  1.00 34.59  ? 21  LYS A O   1 
ATOM   48   C CB  . LYS A 1 7   ? 9.859   9.321   -8.739  1.00 47.45  ? 21  LYS A CB  1 
ATOM   49   C CG  . LYS A 1 7   ? 8.388   9.593   -8.717  1.00 55.13  ? 21  LYS A CG  1 
ATOM   50   C CD  . LYS A 1 7   ? 7.916   10.378  -9.953  1.00 65.36  ? 21  LYS A CD  1 
ATOM   51   C CE  . LYS A 1 7   ? 7.610   11.846  -9.665  1.00 68.43  ? 21  LYS A CE  1 
ATOM   52   N NZ  . LYS A 1 7   ? 6.730   12.398  -10.734 1.00 71.88  ? 21  LYS A NZ  1 
ATOM   53   N N   . ALA A 1 8   ? 12.755  9.044   -7.817  1.00 37.14  ? 22  ALA A N   1 
ATOM   54   C CA  . ALA A 1 8   ? 14.147  8.687   -8.112  1.00 37.47  ? 22  ALA A CA  1 
ATOM   55   C C   . ALA A 1 8   ? 14.721  7.672   -7.080  1.00 35.59  ? 22  ALA A C   1 
ATOM   56   O O   . ALA A 1 8   ? 15.433  6.741   -7.459  1.00 35.46  ? 22  ALA A O   1 
ATOM   57   C CB  . ALA A 1 8   ? 15.010  9.940   -8.201  1.00 38.63  ? 22  ALA A CB  1 
ATOM   58   N N   . ARG A 1 9   ? 14.378  7.845   -5.805  1.00 33.12  ? 23  ARG A N   1 
ATOM   59   C CA  . ARG A 1 9   ? 14.758  6.881   -4.743  1.00 33.82  ? 23  ARG A CA  1 
ATOM   60   C C   . ARG A 1 9   ? 14.130  5.518   -5.012  1.00 33.98  ? 23  ARG A C   1 
ATOM   61   O O   . ARG A 1 9   ? 14.814  4.503   -4.943  1.00 31.26  ? 23  ARG A O   1 
ATOM   62   C CB  . ARG A 1 9   ? 14.284  7.321   -3.353  1.00 38.03  ? 23  ARG A CB  1 
ATOM   63   C CG  . ARG A 1 9   ? 14.983  8.510   -2.700  1.00 41.91  ? 23  ARG A CG  1 
ATOM   64   C CD  . ARG A 1 9   ? 16.362  8.134   -2.226  1.00 49.16  ? 23  ARG A CD  1 
ATOM   65   N NE  . ARG A 1 9   ? 16.954  9.163   -1.345  1.00 54.43  ? 23  ARG A NE  1 
ATOM   66   C CZ  . ARG A 1 9   ? 16.847  9.227   -0.011  1.00 51.00  ? 23  ARG A CZ  1 
ATOM   67   N NH1 . ARG A 1 9   ? 16.152  8.334   0.689   1.00 44.59  ? 23  ARG A NH1 1 
ATOM   68   N NH2 . ARG A 1 9   ? 17.472  10.213  0.639   1.00 53.40  ? 23  ARG A NH2 1 
ATOM   69   N N   . LEU A 1 10  ? 12.818  5.508   -5.282  1.00 28.51  ? 24  LEU A N   1 
ATOM   70   C CA  . LEU A 1 10  ? 12.057  4.272   -5.481  1.00 29.77  ? 24  LEU A CA  1 
ATOM   71   C C   . LEU A 1 10  ? 12.518  3.470   -6.681  1.00 31.68  ? 24  LEU A C   1 
ATOM   72   O O   . LEU A 1 10  ? 12.530  2.240   -6.628  1.00 32.17  ? 24  LEU A O   1 
ATOM   73   C CB  . LEU A 1 10  ? 10.560  4.558   -5.609  1.00 28.18  ? 24  LEU A CB  1 
ATOM   74   C CG  . LEU A 1 10  ? 9.768   4.976   -4.356  1.00 28.93  ? 24  LEU A CG  1 
ATOM   75   C CD1 . LEU A 1 10  ? 8.442   5.638   -4.758  1.00 29.77  ? 24  LEU A CD1 1 
ATOM   76   C CD2 . LEU A 1 10  ? 9.502   3.752   -3.465  1.00 30.34  ? 24  LEU A CD2 1 
ATOM   77   N N   . ARG A 1 11  ? 12.932  4.140   -7.746  1.00 33.37  ? 25  ARG A N   1 
ATOM   78   C CA  . ARG A 1 11  ? 13.368  3.429   -8.948  1.00 37.29  ? 25  ARG A CA  1 
ATOM   79   C C   . ARG A 1 11  ? 14.603  2.564   -8.725  1.00 40.63  ? 25  ARG A C   1 
ATOM   80   O O   . ARG A 1 11  ? 14.757  1.536   -9.389  1.00 39.36  ? 25  ARG A O   1 
ATOM   81   C CB  . ARG A 1 11  ? 13.579  4.389   -10.112 1.00 41.96  ? 25  ARG A CB  1 
ATOM   82   C CG  . ARG A 1 11  ? 12.245  4.869   -10.671 1.00 48.09  ? 25  ARG A CG  1 
ATOM   83   C CD  . ARG A 1 11  ? 12.441  5.912   -11.765 1.00 55.68  ? 25  ARG A CD  1 
ATOM   84   N NE  . ARG A 1 11  ? 11.197  6.659   -11.995 1.00 62.93  ? 25  ARG A NE  1 
ATOM   85   C CZ  . ARG A 1 11  ? 11.038  7.995   -11.949 1.00 71.77  ? 25  ARG A CZ  1 
ATOM   86   N NH1 . ARG A 1 11  ? 12.067  8.834   -11.681 1.00 72.31  ? 25  ARG A NH1 1 
ATOM   87   N NH2 . ARG A 1 11  ? 9.814   8.510   -12.182 1.00 68.11  ? 25  ARG A NH2 1 
ATOM   88   N N   . LYS A 1 12  ? 15.452  2.940   -7.771  1.00 39.05  ? 26  LYS A N   1 
ATOM   89   C CA  . LYS A 1 12  ? 16.619  2.128   -7.444  1.00 41.73  ? 26  LYS A CA  1 
ATOM   90   C C   . LYS A 1 12  ? 16.299  0.733   -6.884  1.00 38.49  ? 26  LYS A C   1 
ATOM   91   O O   . LYS A 1 12  ? 17.163  -0.121  -6.886  1.00 36.35  ? 26  LYS A O   1 
ATOM   92   C CB  . LYS A 1 12  ? 17.510  2.859   -6.448  1.00 47.53  ? 26  LYS A CB  1 
ATOM   93   C CG  . LYS A 1 12  ? 18.105  4.161   -6.972  1.00 51.78  ? 26  LYS A CG  1 
ATOM   94   C CD  . LYS A 1 12  ? 18.866  4.855   -5.851  1.00 60.95  ? 26  LYS A CD  1 
ATOM   95   C CE  . LYS A 1 12  ? 19.049  6.333   -6.129  1.00 67.13  ? 26  LYS A CE  1 
ATOM   96   N NZ  . LYS A 1 12  ? 19.797  6.532   -7.394  1.00 68.07  ? 26  LYS A NZ  1 
ATOM   97   N N   . TYR A 1 13  ? 15.082  0.513   -6.382  1.00 32.49  ? 27  TYR A N   1 
ATOM   98   C CA  . TYR A 1 13  ? 14.692  -0.745  -5.799  1.00 29.61  ? 27  TYR A CA  1 
ATOM   99   C C   . TYR A 1 13  ? 13.703  -1.553  -6.659  1.00 28.86  ? 27  TYR A C   1 
ATOM   100  O O   . TYR A 1 13  ? 13.209  -2.573  -6.202  1.00 29.91  ? 27  TYR A O   1 
ATOM   101  C CB  . TYR A 1 13  ? 14.115  -0.508  -4.390  1.00 29.57  ? 27  TYR A CB  1 
ATOM   102  C CG  . TYR A 1 13  ? 15.078  0.187   -3.454  1.00 29.63  ? 27  TYR A CG  1 
ATOM   103  C CD1 . TYR A 1 13  ? 15.215  1.576   -3.490  1.00 31.79  ? 27  TYR A CD1 1 
ATOM   104  C CD2 . TYR A 1 13  ? 15.874  -0.532  -2.547  1.00 30.74  ? 27  TYR A CD2 1 
ATOM   105  C CE1 . TYR A 1 13  ? 16.098  2.241   -2.637  1.00 32.34  ? 27  TYR A CE1 1 
ATOM   106  C CE2 . TYR A 1 13  ? 16.767  0.117   -1.679  1.00 33.73  ? 27  TYR A CE2 1 
ATOM   107  C CZ  . TYR A 1 13  ? 16.887  1.506   -1.744  1.00 35.46  ? 27  TYR A CZ  1 
ATOM   108  O OH  . TYR A 1 13  ? 17.731  2.196   -0.900  1.00 35.95  ? 27  TYR A OH  1 
ATOM   109  N N   . ASP A 1 14  ? 13.424  -1.084  -7.869  1.00 30.28  ? 28  ASP A N   1 
ATOM   110  C CA  . ASP A 1 14  ? 12.467  -1.705  -8.797  1.00 33.61  ? 28  ASP A CA  1 
ATOM   111  C C   . ASP A 1 14  ? 13.058  -3.040  -9.252  1.00 39.88  ? 28  ASP A C   1 
ATOM   112  O O   . ASP A 1 14  ? 14.156  -3.063  -9.786  1.00 39.30  ? 28  ASP A O   1 
ATOM   113  C CB  . ASP A 1 14  ? 12.278  -0.786  -10.006 1.00 34.73  ? 28  ASP A CB  1 
ATOM   114  C CG  . ASP A 1 14  ? 11.143  -1.199  -10.947 1.00 38.12  ? 28  ASP A CG  1 
ATOM   115  O OD1 . ASP A 1 14  ? 10.271  -2.019  -10.605 1.00 35.63  ? 28  ASP A OD1 1 
ATOM   116  O OD2 . ASP A 1 14  ? 11.119  -0.617  -12.057 1.00 44.29  ? 28  ASP A OD2 1 
ATOM   117  N N   . ILE A 1 15  ? 12.364  -4.138  -8.980  1.00 39.44  ? 29  ILE A N   1 
ATOM   118  C CA  . ILE A 1 15  ? 12.784  -5.433  -9.512  1.00 48.11  ? 29  ILE A CA  1 
ATOM   119  C C   . ILE A 1 15  ? 12.214  -5.711  -10.931 1.00 48.18  ? 29  ILE A C   1 
ATOM   120  O O   . ILE A 1 15  ? 12.620  -6.668  -11.576 1.00 50.77  ? 29  ILE A O   1 
ATOM   121  C CB  . ILE A 1 15  ? 12.485  -6.583  -8.520  1.00 50.59  ? 29  ILE A CB  1 
ATOM   122  C CG1 . ILE A 1 15  ? 11.016  -6.979  -8.506  1.00 53.65  ? 29  ILE A CG1 1 
ATOM   123  C CG2 . ILE A 1 15  ? 12.934  -6.223  -7.096  1.00 53.39  ? 29  ILE A CG2 1 
ATOM   124  C CD1 . ILE A 1 15  ? 10.846  -8.449  -8.190  1.00 58.31  ? 29  ILE A CD1 1 
ATOM   125  N N   . GLY A 1 16  ? 11.275  -4.876  -11.393 1.00 50.90  ? 30  GLY A N   1 
ATOM   126  C CA  . GLY A 1 16  ? 10.573  -5.088  -12.671 1.00 51.03  ? 30  GLY A CA  1 
ATOM   127  C C   . GLY A 1 16  ? 9.718   -6.365  -12.738 1.00 50.44  ? 30  GLY A C   1 
ATOM   128  O O   . GLY A 1 16  ? 9.024   -6.740  -11.766 1.00 45.63  ? 30  GLY A O   1 
ATOM   129  N N   . GLY A 1 17  ? 9.778   -7.036  -13.893 1.00 46.46  ? 31  GLY A N   1 
ATOM   130  C CA  . GLY A 1 17  ? 8.982   -8.241  -14.159 1.00 44.84  ? 31  GLY A CA  1 
ATOM   131  C C   . GLY A 1 17  ? 9.698   -9.557  -13.918 1.00 43.09  ? 31  GLY A C   1 
ATOM   132  O O   . GLY A 1 17  ? 9.138   -10.619 -14.144 1.00 38.23  ? 31  GLY A O   1 
ATOM   133  N N   . LYS A 1 18  ? 10.937  -9.463  -13.450 1.00 45.55  ? 32  LYS A N   1 
ATOM   134  C CA  . LYS A 1 18  ? 11.778  -10.584 -13.074 1.00 44.33  ? 32  LYS A CA  1 
ATOM   135  C C   . LYS A 1 18  ? 11.056  -11.859 -12.502 1.00 39.10  ? 32  LYS A C   1 
ATOM   136  O O   . LYS A 1 18  ? 11.202  -12.952 -13.056 1.00 41.94  ? 32  LYS A O   1 
ATOM   137  C CB  . LYS A 1 18  ? 12.868  -10.005 -12.138 1.00 48.60  ? 32  LYS A CB  1 
ATOM   138  C CG  . LYS A 1 18  ? 14.093  -10.873 -11.990 1.00 54.72  ? 32  LYS A CG  1 
ATOM   139  C CD  . LYS A 1 18  ? 15.295  -10.125 -11.439 1.00 54.57  ? 32  LYS A CD  1 
ATOM   140  C CE  . LYS A 1 18  ? 15.958  -9.290  -12.512 1.00 58.09  ? 32  LYS A CE  1 
ATOM   141  N NZ  . LYS A 1 18  ? 17.384  -9.071  -12.170 1.00 62.27  ? 32  LYS A NZ  1 
ATOM   142  N N   . TYR A 1 19  ? 10.207  -11.703 -11.482 1.00 35.65  ? 33  TYR A N   1 
ATOM   143  C CA  . TYR A 1 19  ? 9.487   -12.822 -10.824 1.00 33.22  ? 33  TYR A CA  1 
ATOM   144  C C   . TYR A 1 19  ? 7.985   -13.028 -11.270 1.00 34.95  ? 33  TYR A C   1 
ATOM   145  O O   . TYR A 1 19  ? 7.284   -13.964 -10.797 1.00 32.69  ? 33  TYR A O   1 
ATOM   146  C CB  . TYR A 1 19  ? 9.542   -12.637 -9.294  1.00 32.30  ? 33  TYR A CB  1 
ATOM   147  C CG  . TYR A 1 19  ? 10.934  -12.894 -8.689  1.00 29.85  ? 33  TYR A CG  1 
ATOM   148  C CD1 . TYR A 1 19  ? 12.012  -12.038 -8.945  1.00 32.07  ? 33  TYR A CD1 1 
ATOM   149  C CD2 . TYR A 1 19  ? 11.167  -13.994 -7.867  1.00 29.72  ? 33  TYR A CD2 1 
ATOM   150  C CE1 . TYR A 1 19  ? 13.291  -12.281 -8.403  1.00 30.87  ? 33  TYR A CE1 1 
ATOM   151  C CE2 . TYR A 1 19  ? 12.428  -14.221 -7.295  1.00 29.16  ? 33  TYR A CE2 1 
ATOM   152  C CZ  . TYR A 1 19  ? 13.478  -13.378 -7.568  1.00 27.98  ? 33  TYR A CZ  1 
ATOM   153  O OH  . TYR A 1 19  ? 14.703  -13.615 -6.995  1.00 30.33  ? 33  TYR A OH  1 
ATOM   154  N N   . SER A 1 20  ? 7.540   -12.217 -12.228 1.00 34.34  ? 34  SER A N   1 
ATOM   155  C CA  . SER A 1 20  ? 6.120   -12.156 -12.619 1.00 35.46  ? 34  SER A CA  1 
ATOM   156  C C   . SER A 1 20  ? 5.577   -13.358 -13.397 1.00 34.93  ? 34  SER A C   1 
ATOM   157  O O   . SER A 1 20  ? 4.354   -13.574 -13.420 1.00 34.48  ? 34  SER A O   1 
ATOM   158  C CB  . SER A 1 20  ? 5.898   -10.909 -13.461 1.00 40.19  ? 34  SER A CB  1 
ATOM   159  O OG  . SER A 1 20  ? 6.630   -10.978 -14.697 1.00 42.05  ? 34  SER A OG  1 
ATOM   160  N N   . HIS A 1 21  ? 6.453   -14.104 -14.056 1.00 34.76  ? 35  HIS A N   1 
ATOM   161  C CA  . HIS A 1 21  ? 6.022   -15.273 -14.859 1.00 40.90  ? 35  HIS A CA  1 
ATOM   162  C C   . HIS A 1 21  ? 5.947   -16.632 -14.080 1.00 37.96  ? 35  HIS A C   1 
ATOM   163  O O   . HIS A 1 21  ? 5.382   -17.608 -14.598 1.00 35.91  ? 35  HIS A O   1 
ATOM   164  C CB  . HIS A 1 21  ? 6.903   -15.418 -16.105 1.00 47.19  ? 35  HIS A CB  1 
ATOM   165  C CG  . HIS A 1 21  ? 7.977   -16.462 -15.961 1.00 66.82  ? 35  HIS A CG  1 
ATOM   166  N ND1 . HIS A 1 21  ? 9.214   -16.195 -15.403 1.00 70.28  ? 35  HIS A ND1 1 
ATOM   167  C CD2 . HIS A 1 21  ? 7.990   -17.782 -16.284 1.00 77.49  ? 35  HIS A CD2 1 
ATOM   168  C CE1 . HIS A 1 21  ? 9.940   -17.298 -15.400 1.00 71.21  ? 35  HIS A CE1 1 
ATOM   169  N NE2 . HIS A 1 21  ? 9.222   -18.275 -15.928 1.00 80.37  ? 35  HIS A NE2 1 
ATOM   170  N N   . LEU A 1 22  ? 6.493   -16.705 -12.861 1.00 31.10  ? 36  LEU A N   1 
ATOM   171  C CA  . LEU A 1 22  ? 6.533   -17.972 -12.116 1.00 31.52  ? 36  LEU A CA  1 
ATOM   172  C C   . LEU A 1 22  ? 5.127   -18.495 -11.801 1.00 34.22  ? 36  LEU A C   1 
ATOM   173  O O   . LEU A 1 22  ? 4.196   -17.689 -11.605 1.00 33.40  ? 36  LEU A O   1 
ATOM   174  C CB  . LEU A 1 22  ? 7.343   -17.810 -10.820 1.00 30.48  ? 36  LEU A CB  1 
ATOM   175  C CG  . LEU A 1 22  ? 8.827   -17.547 -11.035 1.00 30.53  ? 36  LEU A CG  1 
ATOM   176  C CD1 . LEU A 1 22  ? 9.475   -16.908 -9.822  1.00 32.07  ? 36  LEU A CD1 1 
ATOM   177  C CD2 . LEU A 1 22  ? 9.563   -18.827 -11.392 1.00 34.31  ? 36  LEU A CD2 1 
ATOM   178  N N   . PRO A 1 23  ? 4.957   -19.842 -11.715 1.00 33.70  ? 37  PRO A N   1 
ATOM   179  C CA  . PRO A 1 23  ? 3.593   -20.419 -11.657 1.00 31.19  ? 37  PRO A CA  1 
ATOM   180  C C   . PRO A 1 23  ? 2.922   -20.440 -10.286 1.00 31.37  ? 37  PRO A C   1 
ATOM   181  O O   . PRO A 1 23  ? 2.604   -21.496 -9.730  1.00 34.86  ? 37  PRO A O   1 
ATOM   182  C CB  . PRO A 1 23  ? 3.812   -21.835 -12.236 1.00 34.51  ? 37  PRO A CB  1 
ATOM   183  C CG  . PRO A 1 23  ? 5.208   -22.202 -11.792 1.00 34.37  ? 37  PRO A CG  1 
ATOM   184  C CD  . PRO A 1 23  ? 5.993   -20.896 -11.861 1.00 33.97  ? 37  PRO A CD  1 
ATOM   185  N N   . TYR A 1 24  ? 2.684   -19.264 -9.716  1.00 30.10  ? 38  TYR A N   1 
ATOM   186  C CA  . TYR A 1 24  ? 2.047   -19.147 -8.401  1.00 26.93  ? 38  TYR A CA  1 
ATOM   187  C C   . TYR A 1 24  ? 0.556   -18.758 -8.536  1.00 24.79  ? 38  TYR A C   1 
ATOM   188  O O   . TYR A 1 24  ? 0.165   -18.295 -9.591  1.00 25.65  ? 38  TYR A O   1 
ATOM   189  C CB  . TYR A 1 24  ? 2.779   -18.036 -7.645  1.00 28.77  ? 38  TYR A CB  1 
ATOM   190  C CG  . TYR A 1 24  ? 4.124   -18.443 -7.092  1.00 27.70  ? 38  TYR A CG  1 
ATOM   191  C CD1 . TYR A 1 24  ? 4.198   -19.200 -5.950  1.00 29.31  ? 38  TYR A CD1 1 
ATOM   192  C CD2 . TYR A 1 24  ? 5.301   -18.022 -7.664  1.00 27.84  ? 38  TYR A CD2 1 
ATOM   193  C CE1 . TYR A 1 24  ? 5.425   -19.567 -5.386  1.00 31.08  ? 38  TYR A CE1 1 
ATOM   194  C CE2 . TYR A 1 24  ? 6.551   -18.391 -7.111  1.00 28.91  ? 38  TYR A CE2 1 
ATOM   195  C CZ  . TYR A 1 24  ? 6.602   -19.167 -5.985  1.00 29.56  ? 38  TYR A CZ  1 
ATOM   196  O OH  . TYR A 1 24  ? 7.817   -19.541 -5.435  1.00 31.08  ? 38  TYR A OH  1 
ATOM   197  N N   . ASN A 1 25  ? -0.223  -18.925 -7.468  1.00 24.42  ? 39  ASN A N   1 
ATOM   198  C CA  . ASN A 1 25  ? -1.476  -18.154 -7.244  1.00 30.29  ? 39  ASN A CA  1 
ATOM   199  C C   . ASN A 1 25  ? -1.051  -16.712 -7.019  1.00 28.77  ? 39  ASN A C   1 
ATOM   200  O O   . ASN A 1 25  ? -0.284  -16.459 -6.083  1.00 28.65  ? 39  ASN A O   1 
ATOM   201  C CB  . ASN A 1 25  ? -2.212  -18.631 -5.999  1.00 32.16  ? 39  ASN A CB  1 
ATOM   202  C CG  . ASN A 1 25  ? -2.721  -20.041 -6.143  1.00 40.02  ? 39  ASN A CG  1 
ATOM   203  O OD1 . ASN A 1 25  ? -3.370  -20.364 -7.128  1.00 43.74  ? 39  ASN A OD1 1 
ATOM   204  N ND2 . ASN A 1 25  ? -2.406  -20.893 -5.186  1.00 40.36  ? 39  ASN A ND2 1 
ATOM   205  N N   . LYS A 1 26  ? -1.504  -15.795 -7.872  1.00 30.18  ? 40  LYS A N   1 
ATOM   206  C CA  . LYS A 1 26  ? -0.973  -14.416 -7.927  1.00 28.19  ? 40  LYS A CA  1 
ATOM   207  C C   . LYS A 1 26  ? -1.930  -13.312 -7.428  1.00 29.97  ? 40  LYS A C   1 
ATOM   208  O O   . LYS A 1 26  ? -3.090  -13.222 -7.852  1.00 26.54  ? 40  LYS A O   1 
ATOM   209  C CB  . LYS A 1 26  ? -0.507  -14.117 -9.331  1.00 29.48  ? 40  LYS A CB  1 
ATOM   210  C CG  . LYS A 1 26  ? 0.705   -14.958 -9.750  1.00 29.83  ? 40  LYS A CG  1 
ATOM   211  C CD  . LYS A 1 26  ? 1.003   -14.856 -11.227 1.00 31.51  ? 40  LYS A CD  1 
ATOM   212  C CE  . LYS A 1 26  ? 1.480   -13.465 -11.636 1.00 32.71  ? 40  LYS A CE  1 
ATOM   213  N NZ  . LYS A 1 26  ? 2.606   -12.904 -10.828 1.00 32.98  ? 40  LYS A NZ  1 
ATOM   214  N N   . TYR A 1 27  ? -1.416  -12.475 -6.517  1.00 27.87  ? 41  TYR A N   1 
ATOM   215  C CA  . TYR A 1 27  ? -2.121  -11.286 -5.998  1.00 26.81  ? 41  TYR A CA  1 
ATOM   216  C C   . TYR A 1 27  ? -1.204  -10.084 -6.118  1.00 26.63  ? 41  TYR A C   1 
ATOM   217  O O   . TYR A 1 27  ? 0.027   -10.242 -6.046  1.00 24.13  ? 41  TYR A O   1 
ATOM   218  C CB  . TYR A 1 27  ? -2.477  -11.469 -4.533  1.00 26.86  ? 41  TYR A CB  1 
ATOM   219  C CG  . TYR A 1 27  ? -3.402  -12.585 -4.247  1.00 28.94  ? 41  TYR A CG  1 
ATOM   220  C CD1 . TYR A 1 27  ? -2.965  -13.930 -4.333  1.00 30.86  ? 41  TYR A CD1 1 
ATOM   221  C CD2 . TYR A 1 27  ? -4.730  -12.335 -3.897  1.00 28.36  ? 41  TYR A CD2 1 
ATOM   222  C CE1 . TYR A 1 27  ? -3.826  -14.977 -4.059  1.00 30.70  ? 41  TYR A CE1 1 
ATOM   223  C CE2 . TYR A 1 27  ? -5.606  -13.370 -3.625  1.00 29.80  ? 41  TYR A CE2 1 
ATOM   224  C CZ  . TYR A 1 27  ? -5.159  -14.682 -3.702  1.00 33.66  ? 41  TYR A CZ  1 
ATOM   225  O OH  . TYR A 1 27  ? -6.034  -15.708 -3.422  1.00 37.98  ? 41  TYR A OH  1 
ATOM   226  N N   . SER A 1 28  ? -1.792  -8.886  -6.333  1.00 27.37  ? 42  SER A N   1 
ATOM   227  C CA  . SER A 1 28  ? -1.054  -7.621  -6.291  1.00 23.96  ? 42  SER A CA  1 
ATOM   228  C C   . SER A 1 28  ? -1.643  -6.659  -5.223  1.00 24.68  ? 42  SER A C   1 
ATOM   229  O O   . SER A 1 28  ? -2.865  -6.731  -4.884  1.00 25.14  ? 42  SER A O   1 
ATOM   230  C CB  . SER A 1 28  ? -1.050  -6.901  -7.644  1.00 27.85  ? 42  SER A CB  1 
ATOM   231  O OG  . SER A 1 28  ? -0.454  -7.611  -8.725  1.00 26.77  ? 42  SER A OG  1 
ATOM   232  N N   . VAL A 1 29  ? -0.775  -5.754  -4.715  1.00 22.83  ? 43  VAL A N   1 
ATOM   233  C CA  . VAL A 1 29  ? -1.201  -4.643  -3.861  1.00 22.70  ? 43  VAL A CA  1 
ATOM   234  C C   . VAL A 1 29  ? -0.628  -3.323  -4.356  1.00 25.03  ? 43  VAL A C   1 
ATOM   235  O O   . VAL A 1 29  ? 0.451   -3.286  -5.000  1.00 24.32  ? 43  VAL A O   1 
ATOM   236  C CB  . VAL A 1 29  ? -0.912  -4.802  -2.378  1.00 24.94  ? 43  VAL A CB  1 
ATOM   237  C CG1 . VAL A 1 29  ? -1.699  -5.945  -1.782  1.00 28.15  ? 43  VAL A CG1 1 
ATOM   238  C CG2 . VAL A 1 29  ? 0.571   -4.943  -2.090  1.00 24.62  ? 43  VAL A CG2 1 
ATOM   239  N N   . LEU A 1 30  ? -1.415  -2.244  -4.155  1.00 23.93  ? 44  LEU A N   1 
ATOM   240  C CA  . LEU A 1 30  ? -0.976  -0.881  -4.474  1.00 25.54  ? 44  LEU A CA  1 
ATOM   241  C C   . LEU A 1 30  ? -0.618  -0.146  -3.187  1.00 23.54  ? 44  LEU A C   1 
ATOM   242  O O   . LEU A 1 30  ? -1.407  -0.161  -2.281  1.00 22.96  ? 44  LEU A O   1 
ATOM   243  C CB  . LEU A 1 30  ? -2.064  -0.101  -5.228  1.00 27.17  ? 44  LEU A CB  1 
ATOM   244  C CG  . LEU A 1 30  ? -1.612  1.302   -5.666  1.00 27.05  ? 44  LEU A CG  1 
ATOM   245  C CD1 . LEU A 1 30  ? -0.577  1.249   -6.788  1.00 28.28  ? 44  LEU A CD1 1 
ATOM   246  C CD2 . LEU A 1 30  ? -2.806  2.115   -6.103  1.00 29.74  ? 44  LEU A CD2 1 
ATOM   247  N N   . LEU A 1 31  ? 0.600   0.410   -3.113  1.00 23.21  ? 45  LEU A N   1 
ATOM   248  C CA  . LEU A 1 31  ? 1.070   1.206   -1.966  1.00 25.50  ? 45  LEU A CA  1 
ATOM   249  C C   . LEU A 1 31  ? 0.899   2.695   -2.387  1.00 24.87  ? 45  LEU A C   1 
ATOM   250  O O   . LEU A 1 31  ? 1.719   3.198   -3.150  1.00 24.72  ? 45  LEU A O   1 
ATOM   251  C CB  . LEU A 1 31  ? 2.536   0.903   -1.661  1.00 27.25  ? 45  LEU A CB  1 
ATOM   252  C CG  . LEU A 1 31  ? 2.888   -0.365  -0.850  1.00 29.56  ? 45  LEU A CG  1 
ATOM   253  C CD1 . LEU A 1 31  ? 2.041   -1.577  -1.078  1.00 29.23  ? 45  LEU A CD1 1 
ATOM   254  C CD2 . LEU A 1 31  ? 4.349   -0.746  -1.098  1.00 34.62  ? 45  LEU A CD2 1 
ATOM   255  N N   . PRO A 1 32  ? -0.215  3.340   -1.990  1.00 23.15  ? 46  PRO A N   1 
ATOM   256  C CA  . PRO A 1 32  ? -0.545  4.636   -2.614  1.00 23.27  ? 46  PRO A CA  1 
ATOM   257  C C   . PRO A 1 32  ? 0.047   5.816   -1.827  1.00 23.70  ? 46  PRO A C   1 
ATOM   258  O O   . PRO A 1 32  ? -0.252  5.961   -0.641  1.00 23.45  ? 46  PRO A O   1 
ATOM   259  C CB  . PRO A 1 32  ? -2.085  4.645   -2.602  1.00 25.50  ? 46  PRO A CB  1 
ATOM   260  C CG  . PRO A 1 32  ? -2.529  3.321   -2.037  1.00 24.40  ? 46  PRO A CG  1 
ATOM   261  C CD  . PRO A 1 32  ? -1.359  2.878   -1.184  1.00 24.66  ? 46  PRO A CD  1 
ATOM   262  N N   . LEU A 1 33  ? 0.914   6.580   -2.472  1.00 23.79  ? 47  LEU A N   1 
ATOM   263  C CA  . LEU A 1 33  ? 1.619   7.709   -1.848  1.00 26.14  ? 47  LEU A CA  1 
ATOM   264  C C   . LEU A 1 33  ? 0.877   9.007   -2.172  1.00 27.88  ? 47  LEU A C   1 
ATOM   265  O O   . LEU A 1 33  ? 0.701   9.318   -3.339  1.00 25.97  ? 47  LEU A O   1 
ATOM   266  C CB  . LEU A 1 33  ? 3.047   7.883   -2.368  1.00 28.00  ? 47  LEU A CB  1 
ATOM   267  C CG  . LEU A 1 33  ? 4.143   7.030   -1.718  1.00 32.87  ? 47  LEU A CG  1 
ATOM   268  C CD1 . LEU A 1 33  ? 5.475   7.251   -2.438  1.00 34.38  ? 47  LEU A CD1 1 
ATOM   269  C CD2 . LEU A 1 33  ? 4.306   7.321   -0.221  1.00 31.39  ? 47  LEU A CD2 1 
ATOM   270  N N   . VAL A 1 34  ? 0.551   9.755   -1.133  1.00 28.78  ? 48  VAL A N   1 
ATOM   271  C CA  . VAL A 1 34  ? -0.247  10.993  -1.205  1.00 29.31  ? 48  VAL A CA  1 
ATOM   272  C C   . VAL A 1 34  ? 0.560   12.107  -0.558  1.00 31.84  ? 48  VAL A C   1 
ATOM   273  O O   . VAL A 1 34  ? 1.033   11.921  0.585   1.00 31.60  ? 48  VAL A O   1 
ATOM   274  C CB  . VAL A 1 34  ? -1.527  10.781  -0.388  1.00 31.83  ? 48  VAL A CB  1 
ATOM   275  C CG1 . VAL A 1 34  ? -2.386  12.047  -0.323  1.00 34.92  ? 48  VAL A CG1 1 
ATOM   276  C CG2 . VAL A 1 34  ? -2.336  9.617   -0.959  1.00 34.22  ? 48  VAL A CG2 1 
ATOM   277  N N   . ALA A 1 35  ? 0.700   13.250  -1.245  1.00 30.36  ? 49  ALA A N   1 
ATOM   278  C CA  . ALA A 1 35  ? 1.340   14.438  -0.646  1.00 33.53  ? 49  ALA A CA  1 
ATOM   279  C C   . ALA A 1 35  ? 0.285   15.358  -0.034  1.00 38.65  ? 49  ALA A C   1 
ATOM   280  O O   . ALA A 1 35  ? -0.624  15.750  -0.739  1.00 37.88  ? 49  ALA A O   1 
ATOM   281  C CB  . ALA A 1 35  ? 2.137   15.174  -1.682  1.00 36.01  ? 49  ALA A CB  1 
ATOM   282  N N   . LYS A 1 36  ? 0.384   15.659  1.268   1.00 37.62  ? 50  LYS A N   1 
ATOM   283  C CA  . LYS A 1 36  ? -0.539  16.578  1.981   1.00 43.71  ? 50  LYS A CA  1 
ATOM   284  C C   . LYS A 1 36  ? 0.291   17.443  2.902   1.00 44.42  ? 50  LYS A C   1 
ATOM   285  O O   . LYS A 1 36  ? 1.126   16.932  3.659   1.00 35.81  ? 50  LYS A O   1 
ATOM   286  C CB  . LYS A 1 36  ? -1.499  15.830  2.903   1.00 47.44  ? 50  LYS A CB  1 
ATOM   287  C CG  . LYS A 1 36  ? -2.737  15.265  2.265   1.00 58.79  ? 50  LYS A CG  1 
ATOM   288  C CD  . LYS A 1 36  ? -3.990  16.057  2.609   1.00 66.41  ? 50  LYS A CD  1 
ATOM   289  C CE  . LYS A 1 36  ? -5.242  15.368  2.063   1.00 75.93  ? 50  LYS A CE  1 
ATOM   290  N NZ  . LYS A 1 36  ? -5.158  15.028  0.605   1.00 75.11  ? 50  LYS A NZ  1 
ATOM   291  N N   . GLU A 1 37  ? 0.045   18.746  2.878   1.00 43.81  ? 51  GLU A N   1 
ATOM   292  C CA  . GLU A 1 37  ? 0.588   19.643  3.890   1.00 42.10  ? 51  GLU A CA  1 
ATOM   293  C C   . GLU A 1 37  ? 2.079   19.561  3.936   1.00 36.95  ? 51  GLU A C   1 
ATOM   294  O O   . GLU A 1 37  ? 2.675   19.544  5.003   1.00 38.22  ? 51  GLU A O   1 
ATOM   295  C CB  . GLU A 1 37  ? -0.023  19.336  5.263   1.00 50.14  ? 51  GLU A CB  1 
ATOM   296  C CG  . GLU A 1 37  ? -1.545  19.329  5.225   1.00 60.87  ? 51  GLU A CG  1 
ATOM   297  C CD  . GLU A 1 37  ? -2.212  19.381  6.587   1.00 70.39  ? 51  GLU A CD  1 
ATOM   298  O OE1 . GLU A 1 37  ? -3.451  19.215  6.628   1.00 83.21  ? 51  GLU A OE1 1 
ATOM   299  O OE2 . GLU A 1 37  ? -1.526  19.582  7.615   1.00 79.57  ? 51  GLU A OE2 1 
ATOM   300  N N   . GLY A 1 38  ? 2.678   19.501  2.759   1.00 33.80  ? 52  GLY A N   1 
ATOM   301  C CA  . GLY A 1 38  ? 4.096   19.440  2.603   1.00 35.19  ? 52  GLY A CA  1 
ATOM   302  C C   . GLY A 1 38  ? 4.785   18.096  2.894   1.00 39.36  ? 52  GLY A C   1 
ATOM   303  O O   . GLY A 1 38  ? 6.019   18.037  2.805   1.00 37.20  ? 52  GLY A O   1 
ATOM   304  N N   . LYS A 1 39  ? 4.039   17.025  3.215   1.00 33.56  ? 53  LYS A N   1 
ATOM   305  C CA  . LYS A 1 39  ? 4.670   15.722  3.551   1.00 36.31  ? 53  LYS A CA  1 
ATOM   306  C C   . LYS A 1 39  ? 4.000   14.548  2.813   1.00 33.45  ? 53  LYS A C   1 
ATOM   307  O O   . LYS A 1 39  ? 2.847   14.655  2.367   1.00 32.34  ? 53  LYS A O   1 
ATOM   308  C CB  . LYS A 1 39  ? 4.504   15.458  5.036   1.00 39.43  ? 53  LYS A CB  1 
ATOM   309  C CG  . LYS A 1 39  ? 5.156   16.482  5.979   1.00 46.40  ? 53  LYS A CG  1 
ATOM   310  C CD  . LYS A 1 39  ? 4.614   16.425  7.414   1.00 53.42  ? 53  LYS A CD  1 
ATOM   311  C CE  . LYS A 1 39  ? 3.295   15.634  7.579   1.00 60.26  ? 53  LYS A CE  1 
ATOM   312  N NZ  . LYS A 1 39  ? 2.905   15.362  8.991   1.00 63.67  ? 53  LYS A NZ  1 
ATOM   313  N N   . LEU A 1 40  ? 4.702   13.422  2.738   1.00 30.23  ? 54  LEU A N   1 
ATOM   314  C CA  . LEU A 1 40  ? 4.152   12.194  2.110   1.00 28.48  ? 54  LEU A CA  1 
ATOM   315  C C   . LEU A 1 40  ? 3.426   11.336  3.143   1.00 26.33  ? 54  LEU A C   1 
ATOM   316  O O   . LEU A 1 40  ? 3.829   11.277  4.326   1.00 27.12  ? 54  LEU A O   1 
ATOM   317  C CB  . LEU A 1 40  ? 5.273   11.388  1.442   1.00 32.12  ? 54  LEU A CB  1 
ATOM   318  C CG  . LEU A 1 40  ? 5.960   12.045  0.236   1.00 36.12  ? 54  LEU A CG  1 
ATOM   319  C CD1 . LEU A 1 40  ? 7.273   11.360  -0.089  1.00 38.88  ? 54  LEU A CD1 1 
ATOM   320  C CD2 . LEU A 1 40  ? 5.039   12.084  -0.984  1.00 36.02  ? 54  LEU A CD2 1 
ATOM   321  N N   . HIS A 1 41  ? 2.348   10.703  2.683   1.00 24.24  ? 55  HIS A N   1 
ATOM   322  C CA  . HIS A 1 41  ? 1.471   9.857   3.457   1.00 25.75  ? 55  HIS A CA  1 
ATOM   323  C C   . HIS A 1 41  ? 1.234   8.562   2.633   1.00 25.12  ? 55  HIS A C   1 
ATOM   324  O O   . HIS A 1 41  ? 1.371   8.566   1.413   1.00 26.78  ? 55  HIS A O   1 
ATOM   325  C CB  . HIS A 1 41  ? 0.120   10.516  3.701   1.00 27.36  ? 55  HIS A CB  1 
ATOM   326  C CG  . HIS A 1 41  ? 0.211   11.772  4.508   1.00 27.42  ? 55  HIS A CG  1 
ATOM   327  N ND1 . HIS A 1 41  ? 0.770   12.929  4.011   1.00 31.38  ? 55  HIS A ND1 1 
ATOM   328  C CD2 . HIS A 1 41  ? -0.158  12.038  5.781   1.00 28.08  ? 55  HIS A CD2 1 
ATOM   329  C CE1 . HIS A 1 41  ? 0.750   13.858  4.958   1.00 31.82  ? 55  HIS A CE1 1 
ATOM   330  N NE2 . HIS A 1 41  ? 0.188   13.344  6.036   1.00 31.53  ? 55  HIS A NE2 1 
ATOM   331  N N   . LEU A 1 42  ? 0.913   7.481   3.334   1.00 24.63  ? 56  LEU A N   1 
ATOM   332  C CA  . LEU A 1 42  ? 0.396   6.247   2.706   1.00 24.15  ? 56  LEU A CA  1 
ATOM   333  C C   . LEU A 1 42  ? -1.088  6.127   3.010   1.00 23.53  ? 56  LEU A C   1 
ATOM   334  O O   . LEU A 1 42  ? -1.532  6.395   4.129   1.00 25.61  ? 56  LEU A O   1 
ATOM   335  C CB  . LEU A 1 42  ? 1.131   5.007   3.226   1.00 25.47  ? 56  LEU A CB  1 
ATOM   336  C CG  . LEU A 1 42  ? 2.509   4.688   2.616   1.00 25.61  ? 56  LEU A CG  1 
ATOM   337  C CD1 . LEU A 1 42  ? 3.247   3.643   3.443   1.00 28.06  ? 56  LEU A CD1 1 
ATOM   338  C CD2 . LEU A 1 42  ? 2.402   4.236   1.170   1.00 25.53  ? 56  LEU A CD2 1 
ATOM   339  N N   . LEU A 1 43  ? -1.825  5.672   2.015   1.00 26.10  ? 57  LEU A N   1 
ATOM   340  C CA  . LEU A 1 43  ? -3.251  5.375   2.123   1.00 27.23  ? 57  LEU A CA  1 
ATOM   341  C C   . LEU A 1 43  ? -3.495  3.889   2.431   1.00 26.54  ? 57  LEU A C   1 
ATOM   342  O O   . LEU A 1 43  ? -2.987  3.021   1.703   1.00 24.64  ? 57  LEU A O   1 
ATOM   343  C CB  . LEU A 1 43  ? -3.917  5.769   0.803   1.00 28.20  ? 57  LEU A CB  1 
ATOM   344  C CG  . LEU A 1 43  ? -5.449  5.557   0.806   1.00 31.29  ? 57  LEU A CG  1 
ATOM   345  C CD1 . LEU A 1 43  ? -6.143  6.526   -0.142  1.00 34.55  ? 57  LEU A CD1 1 
ATOM   346  C CD2 . LEU A 1 43  ? -5.827  4.137   0.443   1.00 32.24  ? 57  LEU A CD2 1 
ATOM   347  N N   . PHE A 1 44  ? -4.315  3.632   3.460   1.00 25.83  ? 58  PHE A N   1 
ATOM   348  C CA  . PHE A 1 44  ? -4.689  2.293   3.894   1.00 25.66  ? 58  PHE A CA  1 
ATOM   349  C C   . PHE A 1 44  ? -6.189  2.093   3.824   1.00 30.73  ? 58  PHE A C   1 
ATOM   350  O O   . PHE A 1 44  ? -6.962  3.082   3.852   1.00 30.30  ? 58  PHE A O   1 
ATOM   351  C CB  . PHE A 1 44  ? -4.242  2.089   5.341   1.00 25.45  ? 58  PHE A CB  1 
ATOM   352  C CG  . PHE A 1 44  ? -2.734  2.141   5.538   1.00 28.05  ? 58  PHE A CG  1 
ATOM   353  C CD1 . PHE A 1 44  ? -2.071  3.359   5.717   1.00 25.67  ? 58  PHE A CD1 1 
ATOM   354  C CD2 . PHE A 1 44  ? -1.971  0.962   5.537   1.00 26.69  ? 58  PHE A CD2 1 
ATOM   355  C CE1 . PHE A 1 44  ? -0.697  3.405   5.920   1.00 26.08  ? 58  PHE A CE1 1 
ATOM   356  C CE2 . PHE A 1 44  ? -0.581  1.010   5.721   1.00 26.55  ? 58  PHE A CE2 1 
ATOM   357  C CZ  . PHE A 1 44  ? 0.056   2.228   5.917   1.00 26.30  ? 58  PHE A CZ  1 
ATOM   358  N N   . THR A 1 45  ? -6.620  0.820   3.737   1.00 30.62  ? 59  THR A N   1 
ATOM   359  C CA  . THR A 1 45  ? -8.048  0.452   3.885   1.00 29.56  ? 59  THR A CA  1 
ATOM   360  C C   . THR A 1 45  ? -8.261  -0.378  5.132   1.00 30.97  ? 59  THR A C   1 
ATOM   361  O O   . THR A 1 45  ? -7.311  -0.972  5.659   1.00 29.54  ? 59  THR A O   1 
ATOM   362  C CB  . THR A 1 45  ? -8.604  -0.323  2.694   1.00 28.94  ? 59  THR A CB  1 
ATOM   363  O OG1 . THR A 1 45  ? -8.063  -1.658  2.631   1.00 31.28  ? 59  THR A OG1 1 
ATOM   364  C CG2 . THR A 1 45  ? -8.335  0.394   1.418   1.00 29.04  ? 59  THR A CG2 1 
ATOM   365  N N   . VAL A 1 46  ? -9.495  -0.352  5.640   1.00 31.46  ? 60  VAL A N   1 
ATOM   366  C CA  . VAL A 1 46  ? -9.984  -1.356  6.561   1.00 33.83  ? 60  VAL A CA  1 
ATOM   367  C C   . VAL A 1 46  ? -10.956 -2.226  5.763   1.00 35.19  ? 60  VAL A C   1 
ATOM   368  O O   . VAL A 1 46  ? -11.938 -1.742  5.190   1.00 33.58  ? 60  VAL A O   1 
ATOM   369  C CB  . VAL A 1 46  ? -10.661 -0.764  7.826   1.00 36.95  ? 60  VAL A CB  1 
ATOM   370  C CG1 . VAL A 1 46  ? -11.099 -1.890  8.786   1.00 38.90  ? 60  VAL A CG1 1 
ATOM   371  C CG2 . VAL A 1 46  ? -9.725  0.180   8.544   1.00 37.21  ? 60  VAL A CG2 1 
ATOM   372  N N   . ARG A 1 47  ? -10.667 -3.517  5.719   1.00 37.33  ? 61  ARG A N   1 
ATOM   373  C CA  . ARG A 1 47  ? -11.403 -4.436  4.860   1.00 39.45  ? 61  ARG A CA  1 
ATOM   374  C C   . ARG A 1 47  ? -12.770 -4.753  5.472   1.00 41.61  ? 61  ARG A C   1 
ATOM   375  O O   . ARG A 1 47  ? -12.922 -4.799  6.683   1.00 42.27  ? 61  ARG A O   1 
ATOM   376  C CB  . ARG A 1 47  ? -10.567 -5.716  4.586   1.00 40.70  ? 61  ARG A CB  1 
ATOM   377  C CG  . ARG A 1 47  ? -9.524  -5.500  3.494   1.00 41.15  ? 61  ARG A CG  1 
ATOM   378  C CD  . ARG A 1 47  ? -8.444  -6.580  3.400   1.00 45.20  ? 61  ARG A CD  1 
ATOM   379  N NE  . ARG A 1 47  ? -8.832  -7.770  2.630   1.00 41.76  ? 61  ARG A NE  1 
ATOM   380  C CZ  . ARG A 1 47  ? -8.921  -7.857  1.298   1.00 45.64  ? 61  ARG A CZ  1 
ATOM   381  N NH1 . ARG A 1 47  ? -8.711  -6.814  0.495   1.00 46.01  ? 61  ARG A NH1 1 
ATOM   382  N NH2 . ARG A 1 47  ? -9.262  -9.019  0.743   1.00 50.87  ? 61  ARG A NH2 1 
ATOM   383  N N   . SER A 1 48  ? -13.770 -4.888  4.610   1.00 45.60  ? 62  SER A N   1 
ATOM   384  C CA  . SER A 1 48  ? -15.103 -5.303  5.026   1.00 54.81  ? 62  SER A CA  1 
ATOM   385  C C   . SER A 1 48  ? -15.084 -6.736  5.607   1.00 57.93  ? 62  SER A C   1 
ATOM   386  O O   . SER A 1 48  ? -14.302 -7.597  5.159   1.00 54.20  ? 62  SER A O   1 
ATOM   387  C CB  . SER A 1 48  ? -16.056 -5.240  3.826   1.00 57.21  ? 62  SER A CB  1 
ATOM   388  O OG  . SER A 1 48  ? -17.217 -6.002  4.076   1.00 64.83  ? 62  SER A OG  1 
ATOM   389  N N   . GLU A 1 49  ? -15.966 -6.990  6.572   1.00 69.37  ? 63  GLU A N   1 
ATOM   390  C CA  . GLU A 1 49  ? -16.129 -8.348  7.165   1.00 75.53  ? 63  GLU A CA  1 
ATOM   391  C C   . GLU A 1 49  ? -16.577 -9.414  6.164   1.00 73.21  ? 63  GLU A C   1 
ATOM   392  O O   . GLU A 1 49  ? -16.097 -10.550 6.196   1.00 75.11  ? 63  GLU A O   1 
ATOM   393  C CB  . GLU A 1 49  ? -17.119 -8.326  8.331   1.00 74.71  ? 63  GLU A CB  1 
ATOM   394  C CG  . GLU A 1 49  ? -16.755 -7.376  9.460   1.00 77.79  ? 63  GLU A CG  1 
ATOM   395  C CD  . GLU A 1 49  ? -15.421 -7.694  10.124  1.00 85.04  ? 63  GLU A CD  1 
ATOM   396  O OE1 . GLU A 1 49  ? -14.841 -8.793  9.909   1.00 88.32  ? 63  GLU A OE1 1 
ATOM   397  O OE2 . GLU A 1 49  ? -14.952 -6.823  10.889  1.00 87.73  ? 63  GLU A OE2 1 
ATOM   398  N N   . LYS A 1 50  ? -17.446 -9.018  5.242   1.00 77.34  ? 64  LYS A N   1 
ATOM   399  C CA  . LYS A 1 50  ? -17.974 -9.906  4.198   1.00 84.17  ? 64  LYS A CA  1 
ATOM   400  C C   . LYS A 1 50  ? -16.912 -10.552 3.293   1.00 84.17  ? 64  LYS A C   1 
ATOM   401  O O   . LYS A 1 50  ? -17.265 -11.385 2.461   1.00 93.51  ? 64  LYS A O   1 
ATOM   402  C CB  . LYS A 1 50  ? -18.990 -9.142  3.302   1.00 90.05  ? 64  LYS A CB  1 
ATOM   403  C CG  . LYS A 1 50  ? -20.336 -9.830  3.062   1.00 98.08  ? 64  LYS A CG  1 
ATOM   404  C CD  . LYS A 1 50  ? -21.098 -10.238 4.332   1.00 105.31 ? 64  LYS A CD  1 
ATOM   405  C CE  . LYS A 1 50  ? -21.101 -9.181  5.437   1.00 107.85 ? 64  LYS A CE  1 
ATOM   406  N NZ  . LYS A 1 50  ? -21.658 -7.878  4.987   1.00 111.83 ? 64  LYS A NZ  1 
ATOM   407  N N   . LEU A 1 51  ? -15.638 -10.190 3.434   1.00 78.44  ? 65  LEU A N   1 
ATOM   408  C CA  . LEU A 1 51  ? -14.634 -10.576 2.447   1.00 78.81  ? 65  LEU A CA  1 
ATOM   409  C C   . LEU A 1 51  ? -13.979 -11.950 2.656   1.00 83.35  ? 65  LEU A C   1 
ATOM   410  O O   . LEU A 1 51  ? -14.005 -12.533 3.754   1.00 79.27  ? 65  LEU A O   1 
ATOM   411  C CB  . LEU A 1 51  ? -13.553 -9.496  2.348   1.00 80.17  ? 65  LEU A CB  1 
ATOM   412  C CG  . LEU A 1 51  ? -13.906 -8.196  1.625   1.00 74.54  ? 65  LEU A CG  1 
ATOM   413  C CD1 . LEU A 1 51  ? -12.662 -7.328  1.589   1.00 68.27  ? 65  LEU A CD1 1 
ATOM   414  C CD2 . LEU A 1 51  ? -14.437 -8.459  0.214   1.00 72.51  ? 65  LEU A CD2 1 
ATOM   415  N N   . ARG A 1 52  ? -13.365 -12.422 1.567   1.00 83.25  ? 66  ARG A N   1 
ATOM   416  C CA  . ARG A 1 52  ? -12.712 -13.725 1.512   1.00 90.87  ? 66  ARG A CA  1 
ATOM   417  C C   . ARG A 1 52  ? -11.453 -13.668 2.376   1.00 86.88  ? 66  ARG A C   1 
ATOM   418  O O   . ARG A 1 52  ? -11.429 -14.210 3.488   1.00 87.80  ? 66  ARG A O   1 
ATOM   419  C CB  . ARG A 1 52  ? -12.396 -14.127 0.041   1.00 95.31  ? 66  ARG A CB  1 
ATOM   420  C CG  . ARG A 1 52  ? -12.845 -15.530 -0.330  1.00 99.62  ? 66  ARG A CG  1 
ATOM   421  C CD  . ARG A 1 52  ? -14.373 -15.657 -0.327  1.00 104.23 ? 66  ARG A CD  1 
ATOM   422  N NE  . ARG A 1 52  ? -14.831 -16.787 0.490   1.00 106.46 ? 66  ARG A NE  1 
ATOM   423  C CZ  . ARG A 1 52  ? -16.094 -17.031 0.840   1.00 105.76 ? 66  ARG A CZ  1 
ATOM   424  N NH1 . ARG A 1 52  ? -17.092 -16.240 0.448   1.00 106.80 ? 66  ARG A NH1 1 
ATOM   425  N NH2 . ARG A 1 52  ? -16.364 -18.096 1.592   1.00 106.44 ? 66  ARG A NH2 1 
ATOM   426  N N   . ARG A 1 53  ? -10.451 -12.941 1.887   1.00 80.06  ? 67  ARG A N   1 
ATOM   427  C CA  . ARG A 1 53  ? -9.150  -12.836 2.537   1.00 77.60  ? 67  ARG A CA  1 
ATOM   428  C C   . ARG A 1 53  ? -9.098  -11.594 3.413   1.00 74.82  ? 67  ARG A C   1 
ATOM   429  O O   . ARG A 1 53  ? -9.629  -10.546 3.038   1.00 70.82  ? 67  ARG A O   1 
ATOM   430  C CB  . ARG A 1 53  ? -8.039  -12.815 1.482   1.00 77.37  ? 67  ARG A CB  1 
ATOM   431  C CG  . ARG A 1 53  ? -8.065  -14.091 0.662   1.00 82.38  ? 67  ARG A CG  1 
ATOM   432  C CD  . ARG A 1 53  ? -6.801  -14.362 -0.113  1.00 83.22  ? 67  ARG A CD  1 
ATOM   433  N NE  . ARG A 1 53  ? -6.764  -15.764 -0.546  1.00 83.68  ? 67  ARG A NE  1 
ATOM   434  C CZ  . ARG A 1 53  ? -6.314  -16.796 0.174   1.00 81.61  ? 67  ARG A CZ  1 
ATOM   435  N NH1 . ARG A 1 53  ? -5.828  -16.632 1.405   1.00 80.69  ? 67  ARG A NH1 1 
ATOM   436  N NH2 . ARG A 1 53  ? -6.342  -18.018 -0.353  1.00 81.96  ? 67  ARG A NH2 1 
ATOM   437  N N   . ALA A 1 54  ? -8.482  -11.744 4.586   1.00 68.40  ? 68  ALA A N   1 
ATOM   438  C CA  . ALA A 1 54  ? -8.235  -10.654 5.536   1.00 66.97  ? 68  ALA A CA  1 
ATOM   439  C C   . ALA A 1 54  ? -9.478  -9.796  5.829   1.00 66.72  ? 68  ALA A C   1 
ATOM   440  O O   . ALA A 1 54  ? -9.495  -8.604  5.511   1.00 60.05  ? 68  ALA A O   1 
ATOM   441  C CB  . ALA A 1 54  ? -7.067  -9.792  5.036   1.00 67.38  ? 68  ALA A CB  1 
ATOM   442  N N   . PRO A 1 55  ? -10.531 -10.412 6.396   1.00 64.61  ? 69  PRO A N   1 
ATOM   443  C CA  . PRO A 1 55  ? -11.731 -9.674  6.830   1.00 60.65  ? 69  PRO A CA  1 
ATOM   444  C C   . PRO A 1 55  ? -11.508 -8.812  8.053   1.00 57.26  ? 69  PRO A C   1 
ATOM   445  O O   . PRO A 1 55  ? -10.972 -9.304  9.024   1.00 57.77  ? 69  PRO A O   1 
ATOM   446  C CB  . PRO A 1 55  ? -12.731 -10.788 7.186   1.00 66.63  ? 69  PRO A CB  1 
ATOM   447  C CG  . PRO A 1 55  ? -11.906 -12.025 7.334   1.00 66.24  ? 69  PRO A CG  1 
ATOM   448  C CD  . PRO A 1 55  ? -10.760 -11.869 6.388   1.00 63.77  ? 69  PRO A CD  1 
ATOM   449  N N   . GLY A 1 56  ? -11.946 -7.548  8.010   1.00 51.03  ? 70  GLY A N   1 
ATOM   450  C CA  . GLY A 1 56  ? -11.779 -6.609  9.130   1.00 47.72  ? 70  GLY A CA  1 
ATOM   451  C C   . GLY A 1 56  ? -10.385 -5.999  9.332   1.00 42.64  ? 70  GLY A C   1 
ATOM   452  O O   . GLY A 1 56  ? -10.205 -5.137  10.193  1.00 42.24  ? 70  GLY A O   1 
ATOM   453  N N   . GLU A 1 57  ? -9.402  -6.427  8.536   1.00 44.56  ? 71  GLU A N   1 
ATOM   454  C CA  . GLU A 1 57  ? -7.995  -6.048  8.764   1.00 42.74  ? 71  GLU A CA  1 
ATOM   455  C C   . GLU A 1 57  ? -7.602  -4.769  8.009   1.00 36.83  ? 71  GLU A C   1 
ATOM   456  O O   . GLU A 1 57  ? -8.119  -4.489  6.926   1.00 35.15  ? 71  GLU A O   1 
ATOM   457  C CB  . GLU A 1 57  ? -7.044  -7.180  8.324   1.00 46.70  ? 71  GLU A CB  1 
ATOM   458  C CG  . GLU A 1 57  ? -7.068  -8.449  9.169   1.00 49.04  ? 71  GLU A CG  1 
ATOM   459  C CD  . GLU A 1 57  ? -6.169  -9.543  8.596   1.00 52.96  ? 71  GLU A CD  1 
ATOM   460  O OE1 . GLU A 1 57  ? -5.095  -9.249  8.009   1.00 47.85  ? 71  GLU A OE1 1 
ATOM   461  O OE2 . GLU A 1 57  ? -6.542  -10.726 8.717   1.00 56.22  ? 71  GLU A OE2 1 
ATOM   462  N N   . VAL A 1 58  ? -6.630  -4.049  8.565   1.00 34.03  ? 72  VAL A N   1 
ATOM   463  C CA  . VAL A 1 58  ? -5.947  -2.983  7.853   1.00 31.97  ? 72  VAL A CA  1 
ATOM   464  C C   . VAL A 1 58  ? -5.103  -3.616  6.724   1.00 31.48  ? 72  VAL A C   1 
ATOM   465  O O   . VAL A 1 58  ? -4.338  -4.559  6.969   1.00 29.59  ? 72  VAL A O   1 
ATOM   466  C CB  . VAL A 1 58  ? -5.081  -2.130  8.796   1.00 32.07  ? 72  VAL A CB  1 
ATOM   467  C CG1 . VAL A 1 58  ? -4.215  -1.151  8.030   1.00 32.73  ? 72  VAL A CG1 1 
ATOM   468  C CG2 . VAL A 1 58  ? -5.945  -1.337  9.769   1.00 33.34  ? 72  VAL A CG2 1 
ATOM   469  N N   . CYS A 1 59  ? -5.242  -3.094  5.514   1.00 29.37  ? 73  CYS A N   1 
ATOM   470  C CA  . CYS A 1 59  ? -4.531  -3.625  4.342   1.00 31.90  ? 73  CYS A CA  1 
ATOM   471  C C   . CYS A 1 59  ? -4.357  -2.524  3.278   1.00 32.47  ? 73  CYS A C   1 
ATOM   472  O O   . CYS A 1 59  ? -5.144  -1.585  3.227   1.00 35.06  ? 73  CYS A O   1 
ATOM   473  C CB  . CYS A 1 59  ? -5.333  -4.812  3.776   1.00 36.80  ? 73  CYS A CB  1 
ATOM   474  S SG  . CYS A 1 59  ? -4.398  -6.049  2.778   1.00 46.86  ? 73  CYS A SG  1 
ATOM   475  N N   . PHE A 1 60  ? -3.373  -2.663  2.395   1.00 28.10  ? 74  PHE A N   1 
ATOM   476  C CA  . PHE A 1 60  ? -3.318  -1.853  1.169   1.00 26.05  ? 74  PHE A CA  1 
ATOM   477  C C   . PHE A 1 60  ? -4.414  -2.288  0.168   1.00 27.92  ? 74  PHE A C   1 
ATOM   478  O O   . PHE A 1 60  ? -4.897  -3.415  0.217   1.00 29.30  ? 74  PHE A O   1 
ATOM   479  C CB  . PHE A 1 60  ? -1.923  -1.902  0.541   1.00 26.32  ? 74  PHE A CB  1 
ATOM   480  C CG  . PHE A 1 60  ? -0.846  -1.232  1.373   1.00 25.49  ? 74  PHE A CG  1 
ATOM   481  C CD1 . PHE A 1 60  ? -0.879  0.146   1.582   1.00 26.21  ? 74  PHE A CD1 1 
ATOM   482  C CD2 . PHE A 1 60  ? 0.184   -1.974  1.975   1.00 26.61  ? 74  PHE A CD2 1 
ATOM   483  C CE1 . PHE A 1 60  ? 0.081   0.787   2.366   1.00 27.45  ? 74  PHE A CE1 1 
ATOM   484  C CE2 . PHE A 1 60  ? 1.177   -1.343  2.730   1.00 25.43  ? 74  PHE A CE2 1 
ATOM   485  C CZ  . PHE A 1 60  ? 1.121   0.044   2.945   1.00 26.92  ? 74  PHE A CZ  1 
ATOM   486  N N   . PRO A 1 61  ? -4.857  -1.382  -0.716  1.00 25.95  ? 75  PRO A N   1 
ATOM   487  C CA  . PRO A 1 61  ? -5.742  -1.852  -1.797  1.00 26.21  ? 75  PRO A CA  1 
ATOM   488  C C   . PRO A 1 61  ? -5.060  -2.970  -2.630  1.00 27.50  ? 75  PRO A C   1 
ATOM   489  O O   . PRO A 1 61  ? -3.834  -2.915  -2.856  1.00 24.32  ? 75  PRO A O   1 
ATOM   490  C CB  . PRO A 1 61  ? -5.914  -0.603  -2.672  1.00 25.98  ? 75  PRO A CB  1 
ATOM   491  C CG  . PRO A 1 61  ? -5.599  0.544   -1.803  1.00 25.37  ? 75  PRO A CG  1 
ATOM   492  C CD  . PRO A 1 61  ? -4.593  0.066   -0.785  1.00 25.27  ? 75  PRO A CD  1 
ATOM   493  N N   . GLY A 1 62  ? -5.830  -3.951  -3.063  1.00 27.35  ? 76  GLY A N   1 
ATOM   494  C CA  . GLY A 1 62  ? -5.264  -5.130  -3.784  1.00 29.11  ? 76  GLY A CA  1 
ATOM   495  C C   . GLY A 1 62  ? -6.217  -6.305  -3.859  1.00 29.36  ? 76  GLY A C   1 
ATOM   496  O O   . GLY A 1 62  ? -7.341  -6.275  -3.301  1.00 28.77  ? 76  GLY A O   1 
ATOM   497  N N   . GLY A 1 63  ? -5.761  -7.349  -4.552  1.00 31.61  ? 77  GLY A N   1 
ATOM   498  C CA  . GLY A 1 63  ? -6.504  -8.597  -4.670  1.00 29.70  ? 77  GLY A CA  1 
ATOM   499  C C   . GLY A 1 63  ? -5.927  -9.532  -5.716  1.00 27.02  ? 77  GLY A C   1 
ATOM   500  O O   . GLY A 1 63  ? -4.787  -9.365  -6.159  1.00 26.60  ? 77  GLY A O   1 
ATOM   501  N N   . LYS A 1 64  ? -6.749  -10.494 -6.139  1.00 28.19  ? 78  LYS A N   1 
ATOM   502  C CA  . LYS A 1 64  ? -6.329  -11.613 -7.019  1.00 28.98  ? 78  LYS A CA  1 
ATOM   503  C C   . LYS A 1 64  ? -6.293  -11.233 -8.472  1.00 28.16  ? 78  LYS A C   1 
ATOM   504  O O   . LYS A 1 64  ? -7.207  -10.585 -8.967  1.00 27.62  ? 78  LYS A O   1 
ATOM   505  C CB  . LYS A 1 64  ? -7.299  -12.791 -6.822  1.00 32.90  ? 78  LYS A CB  1 
ATOM   506  C CG  . LYS A 1 64  ? -6.777  -14.137 -7.302  1.00 36.79  ? 78  LYS A CG  1 
ATOM   507  C CD  . LYS A 1 64  ? -7.563  -15.284 -6.664  1.00 42.54  ? 78  LYS A CD  1 
ATOM   508  C CE  . LYS A 1 64  ? -7.386  -16.616 -7.397  1.00 45.94  ? 78  LYS A CE  1 
ATOM   509  N NZ  . LYS A 1 64  ? -6.009  -16.849 -7.855  1.00 48.57  ? 78  LYS A NZ  1 
ATOM   510  N N   . ARG A 1 65  ? -5.235  -11.597 -9.180  1.00 25.40  ? 79  ARG A N   1 
ATOM   511  C CA  . ARG A 1 65  ? -5.180  -11.390 -10.612 1.00 27.50  ? 79  ARG A CA  1 
ATOM   512  C C   . ARG A 1 65  ? -6.304  -12.165 -11.321 1.00 28.88  ? 79  ARG A C   1 
ATOM   513  O O   . ARG A 1 65  ? -6.693  -13.244 -10.879 1.00 26.39  ? 79  ARG A O   1 
ATOM   514  C CB  . ARG A 1 65  ? -3.834  -11.816 -11.165 1.00 29.39  ? 79  ARG A CB  1 
ATOM   515  C CG  . ARG A 1 65  ? -3.716  -11.656 -12.672 1.00 30.48  ? 79  ARG A CG  1 
ATOM   516  C CD  . ARG A 1 65  ? -2.272  -11.583 -13.097 1.00 31.10  ? 79  ARG A CD  1 
ATOM   517  N NE  . ARG A 1 65  ? -2.092  -11.585 -14.546 1.00 29.72  ? 79  ARG A NE  1 
ATOM   518  C CZ  . ARG A 1 65  ? -0.918  -11.488 -15.161 1.00 31.93  ? 79  ARG A CZ  1 
ATOM   519  N NH1 . ARG A 1 65  ? 0.201   -11.312 -14.473 1.00 31.82  ? 79  ARG A NH1 1 
ATOM   520  N NH2 . ARG A 1 65  ? -0.857  -11.532 -16.479 1.00 34.74  ? 79  ARG A NH2 1 
ATOM   521  N N   . ASP A 1 66  ? -6.824  -11.602 -12.407 1.00 29.56  ? 80  ASP A N   1 
ATOM   522  C CA  . ASP A 1 66  ? -7.857  -12.293 -13.204 1.00 28.79  ? 80  ASP A CA  1 
ATOM   523  C C   . ASP A 1 66  ? -7.471  -12.280 -14.667 1.00 28.02  ? 80  ASP A C   1 
ATOM   524  O O   . ASP A 1 66  ? -6.535  -11.588 -15.041 1.00 28.59  ? 80  ASP A O   1 
ATOM   525  C CB  . ASP A 1 66  ? -9.277  -11.772 -12.872 1.00 30.68  ? 80  ASP A CB  1 
ATOM   526  C CG  . ASP A 1 66  ? -9.664  -10.499 -13.613 1.00 30.30  ? 80  ASP A CG  1 
ATOM   527  O OD1 . ASP A 1 66  ? -8.964  -10.028 -14.528 1.00 30.12  ? 80  ASP A OD1 1 
ATOM   528  O OD2 . ASP A 1 66  ? -10.728 -9.967  -13.240 1.00 34.69  ? 80  ASP A OD2 1 
ATOM   529  N N   . PRO A 1 67  ? -8.178  -13.065 -15.538 1.00 29.58  ? 81  PRO A N   1 
ATOM   530  C CA  . PRO A 1 67  ? -7.735  -13.143 -16.925 1.00 31.26  ? 81  PRO A CA  1 
ATOM   531  C C   . PRO A 1 67  ? -7.746  -11.851 -17.690 1.00 29.57  ? 81  PRO A C   1 
ATOM   532  O O   . PRO A 1 67  ? -7.035  -11.761 -18.682 1.00 31.07  ? 81  PRO A O   1 
ATOM   533  C CB  . PRO A 1 67  ? -8.704  -14.168 -17.562 1.00 33.96  ? 81  PRO A CB  1 
ATOM   534  C CG  . PRO A 1 67  ? -9.169  -14.993 -16.435 1.00 32.63  ? 81  PRO A CG  1 
ATOM   535  C CD  . PRO A 1 67  ? -9.267  -14.025 -15.269 1.00 32.58  ? 81  PRO A CD  1 
ATOM   536  N N   . THR A 1 68  ? -8.520  -10.843 -17.258 1.00 32.44  ? 82  THR A N   1 
ATOM   537  C CA  . THR A 1 68  ? -8.508  -9.537  -17.974 1.00 31.49  ? 82  THR A CA  1 
ATOM   538  C C   . THR A 1 68  ? -7.201  -8.720  -17.815 1.00 34.79  ? 82  THR A C   1 
ATOM   539  O O   . THR A 1 68  ? -6.877  -7.869  -18.674 1.00 35.01  ? 82  THR A O   1 
ATOM   540  C CB  . THR A 1 68  ? -9.681  -8.604  -17.570 1.00 33.55  ? 82  THR A CB  1 
ATOM   541  O OG1 . THR A 1 68  ? -9.479  -8.041  -16.255 1.00 31.65  ? 82  THR A OG1 1 
ATOM   542  C CG2 . THR A 1 68  ? -10.996 -9.362  -17.576 1.00 34.50  ? 82  THR A CG2 1 
ATOM   543  N N   . ASP A 1 69  ? -6.475  -8.957  -16.711 1.00 32.09  ? 83  ASP A N   1 
ATOM   544  C CA  . ASP A 1 69  ? -5.315  -8.109  -16.386 1.00 31.52  ? 83  ASP A CA  1 
ATOM   545  C C   . ASP A 1 69  ? -4.202  -8.323  -17.411 1.00 31.45  ? 83  ASP A C   1 
ATOM   546  O O   . ASP A 1 69  ? -3.770  -9.468  -17.635 1.00 33.02  ? 83  ASP A O   1 
ATOM   547  C CB  . ASP A 1 69  ? -4.810  -8.435  -14.958 1.00 30.06  ? 83  ASP A CB  1 
ATOM   548  C CG  . ASP A 1 69  ? -5.820  -8.095  -13.875 1.00 28.88  ? 83  ASP A CG  1 
ATOM   549  O OD1 . ASP A 1 69  ? -6.515  -7.082  -14.014 1.00 29.94  ? 83  ASP A OD1 1 
ATOM   550  O OD2 . ASP A 1 69  ? -5.925  -8.797  -12.837 1.00 30.81  ? 83  ASP A OD2 1 
ATOM   551  N N   . MET A 1 70  ? -3.738  -7.243  -18.027 1.00 30.58  ? 84  MET A N   1 
ATOM   552  C CA  . MET A 1 70  ? -2.551  -7.283  -18.923 1.00 34.51  ? 84  MET A CA  1 
ATOM   553  C C   . MET A 1 70  ? -1.261  -7.724  -18.209 1.00 33.24  ? 84  MET A C   1 
ATOM   554  O O   . MET A 1 70  ? -0.429  -8.410  -18.795 1.00 30.27  ? 84  MET A O   1 
ATOM   555  C CB  . MET A 1 70  ? -2.292  -5.913  -19.579 1.00 39.28  ? 84  MET A CB  1 
ATOM   556  C CG  . MET A 1 70  ? -3.259  -5.522  -20.700 1.00 51.43  ? 84  MET A CG  1 
ATOM   557  S SD  . MET A 1 70  ? -3.246  -6.562  -22.204 1.00 59.53  ? 84  MET A SD  1 
ATOM   558  C CE  . MET A 1 70  ? -1.533  -6.448  -22.749 1.00 62.44  ? 84  MET A CE  1 
ATOM   559  N N   . ASP A 1 71  ? -1.090  -7.306  -16.957 1.00 31.68  ? 85  ASP A N   1 
ATOM   560  C CA  . ASP A 1 71  ? 0.088   -7.640  -16.163 1.00 30.75  ? 85  ASP A CA  1 
ATOM   561  C C   . ASP A 1 71  ? -0.257  -7.464  -14.667 1.00 30.77  ? 85  ASP A C   1 
ATOM   562  O O   . ASP A 1 71  ? -1.396  -7.106  -14.317 1.00 28.36  ? 85  ASP A O   1 
ATOM   563  C CB  . ASP A 1 71  ? 1.288   -6.789  -16.616 1.00 30.55  ? 85  ASP A CB  1 
ATOM   564  C CG  . ASP A 1 71  ? 1.025   -5.289  -16.541 1.00 31.73  ? 85  ASP A CG  1 
ATOM   565  O OD1 . ASP A 1 71  ? 0.088   -4.840  -15.849 1.00 32.31  ? 85  ASP A OD1 1 
ATOM   566  O OD2 . ASP A 1 71  ? 1.798   -4.532  -17.142 1.00 34.71  ? 85  ASP A OD2 1 
ATOM   567  N N   . ASP A 1 72  ? 0.714   -7.685  -13.771 1.00 28.12  ? 86  ASP A N   1 
ATOM   568  C CA  . ASP A 1 72  ? 0.463   -7.597  -12.323 1.00 26.47  ? 86  ASP A CA  1 
ATOM   569  C C   . ASP A 1 72  ? 0.147   -6.174  -11.851 1.00 23.55  ? 86  ASP A C   1 
ATOM   570  O O   . ASP A 1 72  ? -0.611  -6.002  -10.913 1.00 25.87  ? 86  ASP A O   1 
ATOM   571  C CB  . ASP A 1 72  ? 1.641   -8.170  -11.495 1.00 28.49  ? 86  ASP A CB  1 
ATOM   572  C CG  . ASP A 1 72  ? 1.814   -9.676  -11.664 1.00 31.60  ? 86  ASP A CG  1 
ATOM   573  O OD1 . ASP A 1 72  ? 0.796   -10.404 -11.656 1.00 29.26  ? 86  ASP A OD1 1 
ATOM   574  O OD2 . ASP A 1 72  ? 2.986   -10.135 -11.723 1.00 31.20  ? 86  ASP A OD2 1 
ATOM   575  N N   . ALA A 1 73  ? 0.725   -5.171  -12.476 1.00 25.64  ? 87  ALA A N   1 
ATOM   576  C CA  . ALA A 1 73  ? 0.358   -3.748  -12.150 1.00 26.68  ? 87  ALA A CA  1 
ATOM   577  C C   . ALA A 1 73  ? -1.133  -3.488  -12.434 1.00 27.11  ? 87  ALA A C   1 
ATOM   578  O O   . ALA A 1 73  ? -1.825  -2.857  -11.638 1.00 26.16  ? 87  ALA A O   1 
ATOM   579  C CB  . ALA A 1 73  ? 1.210   -2.783  -12.946 1.00 24.53  ? 87  ALA A CB  1 
ATOM   580  N N   . ALA A 1 74  ? -1.610  -3.997  -13.575 1.00 27.29  ? 88  ALA A N   1 
ATOM   581  C CA  . ALA A 1 74  ? -3.043  -3.904  -13.900 1.00 29.22  ? 88  ALA A CA  1 
ATOM   582  C C   . ALA A 1 74  ? -3.959  -4.469  -12.826 1.00 26.38  ? 88  ALA A C   1 
ATOM   583  O O   . ALA A 1 74  ? -4.987  -3.851  -12.519 1.00 26.01  ? 88  ALA A O   1 
ATOM   584  C CB  . ALA A 1 74  ? -3.350  -4.528  -15.262 1.00 30.82  ? 88  ALA A CB  1 
ATOM   585  N N   . THR A 1 75  ? -3.630  -5.620  -12.237 1.00 24.93  ? 89  THR A N   1 
ATOM   586  C CA  . THR A 1 75  ? -4.399  -6.145  -11.085 1.00 23.91  ? 89  THR A CA  1 
ATOM   587  C C   . THR A 1 75  ? -4.530  -5.128  -9.930  1.00 26.42  ? 89  THR A C   1 
ATOM   588  O O   . THR A 1 75  ? -5.630  -4.904  -9.342  1.00 24.96  ? 89  THR A O   1 
ATOM   589  C CB  . THR A 1 75  ? -3.701  -7.407  -10.502 1.00 25.32  ? 89  THR A CB  1 
ATOM   590  O OG1 . THR A 1 75  ? -3.461  -8.344  -11.547 1.00 22.85  ? 89  THR A OG1 1 
ATOM   591  C CG2 . THR A 1 75  ? -4.488  -8.040  -9.395  1.00 24.62  ? 89  THR A CG2 1 
ATOM   592  N N   . ALA A 1 76  ? -3.379  -4.543  -9.563  1.00 24.97  ? 90  ALA A N   1 
ATOM   593  C CA  . ALA A 1 76  ? -3.359  -3.580  -8.470  1.00 25.07  ? 90  ALA A CA  1 
ATOM   594  C C   . ALA A 1 76  ? -4.289  -2.353  -8.775  1.00 23.13  ? 90  ALA A C   1 
ATOM   595  O O   . ALA A 1 76  ? -5.032  -1.934  -7.925  1.00 24.37  ? 90  ALA A O   1 
ATOM   596  C CB  . ALA A 1 76  ? -1.905  -3.146  -8.161  1.00 24.41  ? 90  ALA A CB  1 
ATOM   597  N N   . LEU A 1 77  ? -4.193  -1.796  -9.966  1.00 27.44  ? 91  LEU A N   1 
ATOM   598  C CA  . LEU A 1 77  ? -5.027  -0.652  -10.375 1.00 30.42  ? 91  LEU A CA  1 
ATOM   599  C C   . LEU A 1 77  ? -6.509  -1.003  -10.452 1.00 30.97  ? 91  LEU A C   1 
ATOM   600  O O   . LEU A 1 77  ? -7.338  -0.247  -9.937  1.00 27.66  ? 91  LEU A O   1 
ATOM   601  C CB  . LEU A 1 77  ? -4.558  -0.062  -11.702 1.00 29.80  ? 91  LEU A CB  1 
ATOM   602  C CG  . LEU A 1 77  ? -3.108  0.481   -11.744 1.00 33.93  ? 91  LEU A CG  1 
ATOM   603  C CD1 . LEU A 1 77  ? -2.789  1.104   -13.106 1.00 36.09  ? 91  LEU A CD1 1 
ATOM   604  C CD2 . LEU A 1 77  ? -2.880  1.484   -10.619 1.00 35.18  ? 91  LEU A CD2 1 
ATOM   605  N N   . ARG A 1 78  ? -6.840  -2.169  -11.027 1.00 29.02  ? 92  ARG A N   1 
ATOM   606  C CA  . ARG A 1 78  ? -8.250  -2.626  -11.100 1.00 28.00  ? 92  ARG A CA  1 
ATOM   607  C C   . ARG A 1 78  ? -8.890  -2.734  -9.748  1.00 29.07  ? 92  ARG A C   1 
ATOM   608  O O   . ARG A 1 78  ? -10.019 -2.236  -9.502  1.00 28.44  ? 92  ARG A O   1 
ATOM   609  C CB  . ARG A 1 78  ? -8.394  -3.973  -11.849 1.00 29.67  ? 92  ARG A CB  1 
ATOM   610  C CG  . ARG A 1 78  ? -9.828  -4.510  -11.908 1.00 30.25  ? 92  ARG A CG  1 
ATOM   611  C CD  . ARG A 1 78  ? -9.961  -5.782  -12.751 1.00 29.82  ? 92  ARG A CD  1 
ATOM   612  N NE  . ARG A 1 78  ? -8.958  -6.777  -12.339 1.00 28.31  ? 92  ARG A NE  1 
ATOM   613  C CZ  . ARG A 1 78  ? -9.024  -7.542  -11.268 1.00 27.01  ? 92  ARG A CZ  1 
ATOM   614  N NH1 . ARG A 1 78  ? -10.062 -7.495  -10.415 1.00 29.63  ? 92  ARG A NH1 1 
ATOM   615  N NH2 . ARG A 1 78  ? -8.020  -8.388  -11.023 1.00 30.57  ? 92  ARG A NH2 1 
ATOM   616  N N   . GLU A 1 79  ? -8.171  -3.357  -8.832  1.00 26.90  ? 93  GLU A N   1 
ATOM   617  C CA  . GLU A 1 79  ? -8.652  -3.518  -7.484  1.00 27.29  ? 93  GLU A CA  1 
ATOM   618  C C   . GLU A 1 79  ? -8.734  -2.185  -6.706  1.00 29.15  ? 93  GLU A C   1 
ATOM   619  O O   . GLU A 1 79  ? -9.699  -1.998  -5.940  1.00 29.25  ? 93  GLU A O   1 
ATOM   620  C CB  . GLU A 1 79  ? -7.797  -4.564  -6.718  1.00 31.37  ? 93  GLU A CB  1 
ATOM   621  C CG  . GLU A 1 79  ? -7.963  -6.010  -7.241  1.00 31.90  ? 93  GLU A CG  1 
ATOM   622  C CD  . GLU A 1 79  ? -9.213  -6.759  -6.739  1.00 32.95  ? 93  GLU A CD  1 
ATOM   623  O OE1 . GLU A 1 79  ? -9.884  -6.335  -5.798  1.00 38.09  ? 93  GLU A OE1 1 
ATOM   624  O OE2 . GLU A 1 79  ? -9.516  -7.835  -7.278  1.00 43.79  ? 93  GLU A OE2 1 
ATOM   625  N N   . ALA A 1 80  ? -7.737  -1.289  -6.848  1.00 24.82  ? 94  ALA A N   1 
ATOM   626  C CA  . ALA A 1 80  ? -7.844  0.033   -6.208  1.00 28.16  ? 94  ALA A CA  1 
ATOM   627  C C   . ALA A 1 80  ? -9.093  0.827   -6.687  1.00 28.41  ? 94  ALA A C   1 
ATOM   628  O O   . ALA A 1 80  ? -9.735  1.537   -5.887  1.00 30.65  ? 94  ALA A O   1 
ATOM   629  C CB  . ALA A 1 80  ? -6.604  0.857   -6.452  1.00 28.03  ? 94  ALA A CB  1 
ATOM   630  N N   . GLN A 1 81  ? -9.402  0.711   -7.967  1.00 27.67  ? 95  GLN A N   1 
ATOM   631  C CA  . GLN A 1 81  ? -10.601 1.386   -8.543  1.00 34.10  ? 95  GLN A CA  1 
ATOM   632  C C   . GLN A 1 81  ? -11.880 0.864   -7.911  1.00 36.36  ? 95  GLN A C   1 
ATOM   633  O O   . GLN A 1 81  ? -12.746 1.638   -7.453  1.00 33.07  ? 95  GLN A O   1 
ATOM   634  C CB  . GLN A 1 81  ? -10.650 1.230   -10.063 1.00 36.46  ? 95  GLN A CB  1 
ATOM   635  C CG  . GLN A 1 81  ? -11.721 2.122   -10.707 1.00 39.63  ? 95  GLN A CG  1 
ATOM   636  C CD  . GLN A 1 81  ? -11.464 2.430   -12.174 1.00 42.35  ? 95  GLN A CD  1 
ATOM   637  O OE1 . GLN A 1 81  ? -10.490 1.975   -12.796 1.00 50.13  ? 95  GLN A OE1 1 
ATOM   638  N NE2 . GLN A 1 81  ? -12.335 3.245   -12.734 1.00 49.80  ? 95  GLN A NE2 1 
ATOM   639  N N   . GLU A 1 82  ? -11.956 -0.463  -7.823  1.00 32.39  ? 96  GLU A N   1 
ATOM   640  C CA  . GLU A 1 82  ? -13.110 -1.130  -7.254  1.00 35.35  ? 96  GLU A CA  1 
ATOM   641  C C   . GLU A 1 82  ? -13.301 -0.815  -5.779  1.00 33.87  ? 96  GLU A C   1 
ATOM   642  O O   . GLU A 1 82  ? -14.447 -0.651  -5.325  1.00 33.48  ? 96  GLU A O   1 
ATOM   643  C CB  . GLU A 1 82  ? -13.002 -2.660  -7.510  1.00 40.99  ? 96  GLU A CB  1 
ATOM   644  C CG  . GLU A 1 82  ? -14.225 -3.438  -7.097  1.00 50.94  ? 96  GLU A CG  1 
ATOM   645  C CD  . GLU A 1 82  ? -15.452 -3.084  -7.912  1.00 57.64  ? 96  GLU A CD  1 
ATOM   646  O OE1 . GLU A 1 82  ? -15.312 -2.818  -9.129  1.00 67.81  ? 96  GLU A OE1 1 
ATOM   647  O OE2 . GLU A 1 82  ? -16.554 -3.064  -7.325  1.00 65.46  ? 96  GLU A OE2 1 
ATOM   648  N N   . GLU A 1 83  ? -12.216 -0.691  -5.006  1.00 28.90  ? 97  GLU A N   1 
ATOM   649  C CA  . GLU A 1 83  ? -12.326 -0.472  -3.564  1.00 29.77  ? 97  GLU A CA  1 
ATOM   650  C C   . GLU A 1 83  ? -12.517 0.968   -3.144  1.00 30.50  ? 97  GLU A C   1 
ATOM   651  O O   . GLU A 1 83  ? -13.208 1.231   -2.136  1.00 29.40  ? 97  GLU A O   1 
ATOM   652  C CB  . GLU A 1 83  ? -11.071 -0.971  -2.822  1.00 33.66  ? 97  GLU A CB  1 
ATOM   653  C CG  . GLU A 1 83  ? -10.910 -2.483  -2.850  1.00 37.03  ? 97  GLU A CG  1 
ATOM   654  C CD  . GLU A 1 83  ? -9.564  -2.926  -2.305  1.00 46.15  ? 97  GLU A CD  1 
ATOM   655  O OE1 . GLU A 1 83  ? -9.109  -2.444  -1.231  1.00 49.84  ? 97  GLU A OE1 1 
ATOM   656  O OE2 . GLU A 1 83  ? -8.979  -3.791  -2.953  1.00 46.35  ? 97  GLU A OE2 1 
ATOM   657  N N   . VAL A 1 84  ? -11.797 1.892   -3.784  1.00 31.00  ? 98  VAL A N   1 
ATOM   658  C CA  . VAL A 1 84  ? -11.825 3.320   -3.328  1.00 32.06  ? 98  VAL A CA  1 
ATOM   659  C C   . VAL A 1 84  ? -12.064 4.352   -4.431  1.00 33.13  ? 98  VAL A C   1 
ATOM   660  O O   . VAL A 1 84  ? -12.025 5.553   -4.154  1.00 36.45  ? 98  VAL A O   1 
ATOM   661  C CB  . VAL A 1 84  ? -10.562 3.694   -2.515  1.00 29.75  ? 98  VAL A CB  1 
ATOM   662  C CG1 . VAL A 1 84  ? -10.370 2.714   -1.364  1.00 31.48  ? 98  VAL A CG1 1 
ATOM   663  C CG2 . VAL A 1 84  ? -9.314  3.725   -3.388  1.00 30.54  ? 98  VAL A CG2 1 
ATOM   664  N N   . GLY A 1 85  ? -12.365 3.891   -5.637  1.00 32.47  ? 99  GLY A N   1 
ATOM   665  C CA  . GLY A 1 85  ? -12.679 4.763   -6.763  1.00 34.21  ? 99  GLY A CA  1 
ATOM   666  C C   . GLY A 1 85  ? -11.534 5.445   -7.475  1.00 37.07  ? 99  GLY A C   1 
ATOM   667  O O   . GLY A 1 85  ? -11.760 6.345   -8.313  1.00 32.88  ? 99  GLY A O   1 
ATOM   668  N N   . LEU A 1 86  ? -10.299 5.017   -7.181  1.00 32.52  ? 100 LEU A N   1 
ATOM   669  C CA  . LEU A 1 86  ? -9.124  5.525   -7.880  1.00 31.29  ? 100 LEU A CA  1 
ATOM   670  C C   . LEU A 1 86  ? -9.084  5.175   -9.358  1.00 34.82  ? 100 LEU A C   1 
ATOM   671  O O   . LEU A 1 86  ? -9.029  3.999   -9.728  1.00 34.79  ? 100 LEU A O   1 
ATOM   672  C CB  . LEU A 1 86  ? -7.859  4.995   -7.173  1.00 31.98  ? 100 LEU A CB  1 
ATOM   673  C CG  . LEU A 1 86  ? -6.504  5.529   -7.613  1.00 31.14  ? 100 LEU A CG  1 
ATOM   674  C CD1 . LEU A 1 86  ? -6.283  6.979   -7.155  1.00 29.11  ? 100 LEU A CD1 1 
ATOM   675  C CD2 . LEU A 1 86  ? -5.394  4.627   -7.076  1.00 29.39  ? 100 LEU A CD2 1 
ATOM   676  N N   . ARG A 1 87  ? -9.058  6.205   -10.202 1.00 32.05  ? 101 ARG A N   1 
ATOM   677  C CA  . ARG A 1 87  ? -9.107  6.056   -11.626 1.00 39.68  ? 101 ARG A CA  1 
ATOM   678  C C   . ARG A 1 87  ? -7.714  6.111   -12.196 1.00 40.58  ? 101 ARG A C   1 
ATOM   679  O O   . ARG A 1 87  ? -6.801  6.629   -11.544 1.00 41.34  ? 101 ARG A O   1 
ATOM   680  C CB  . ARG A 1 87  ? -10.019 7.123   -12.242 1.00 44.97  ? 101 ARG A CB  1 
ATOM   681  C CG  . ARG A 1 87  ? -11.496 6.818   -11.967 1.00 52.28  ? 101 ARG A CG  1 
ATOM   682  C CD  . ARG A 1 87  ? -12.383 8.044   -11.918 1.00 62.45  ? 101 ARG A CD  1 
ATOM   683  N NE  . ARG A 1 87  ? -12.474 8.693   -13.223 1.00 75.43  ? 101 ARG A NE  1 
ATOM   684  C CZ  . ARG A 1 87  ? -12.977 9.917   -13.444 1.00 87.19  ? 101 ARG A CZ  1 
ATOM   685  N NH1 . ARG A 1 87  ? -13.461 10.663  -12.440 1.00 89.56  ? 101 ARG A NH1 1 
ATOM   686  N NH2 . ARG A 1 87  ? -12.997 10.403  -14.692 1.00 82.06  ? 101 ARG A NH2 1 
HETATM 687  N N   . HYP A 1 88  ? -7.523  5.570   -13.406 1.00 46.51  ? 102 HYP A N   1 
HETATM 688  C CA  . HYP A 1 88  ? -6.148  5.441   -13.922 1.00 46.72  ? 102 HYP A CA  1 
HETATM 689  C C   . HYP A 1 88  ? -5.370  6.675   -14.194 1.00 42.41  ? 102 HYP A C   1 
HETATM 690  O O   . HYP A 1 88  ? -4.153  6.683   -13.975 1.00 39.92  ? 102 HYP A O   1 
HETATM 691  C CB  . HYP A 1 88  ? -6.273  4.620   -15.201 1.00 52.55  ? 102 HYP A CB  1 
HETATM 692  C CG  . HYP A 1 88  ? -7.456  3.735   -14.854 1.00 58.58  ? 102 HYP A CG  1 
HETATM 693  C CD  . HYP A 1 88  ? -8.418  4.706   -14.179 1.00 53.64  ? 102 HYP A CD  1 
HETATM 694  O OD1 . HYP A 1 88  ? -7.047  2.705   -13.909 1.00 66.06  ? 102 HYP A OD1 1 
ATOM   695  N N   . HIS A 1 89  ? -6.048  7.722   -14.657 1.00 36.59  ? 103 HIS A N   1 
ATOM   696  C CA  . HIS A 1 89  ? -5.395  9.018   -14.811 1.00 39.19  ? 103 HIS A CA  1 
ATOM   697  C C   . HIS A 1 89  ? -4.951  9.595   -13.449 1.00 31.73  ? 103 HIS A C   1 
ATOM   698  O O   . HIS A 1 89  ? -4.183  10.539  -13.425 1.00 30.86  ? 103 HIS A O   1 
ATOM   699  C CB  . HIS A 1 89  ? -6.269  10.034  -15.622 1.00 38.17  ? 103 HIS A CB  1 
ATOM   700  C CG  . HIS A 1 89  ? -7.506  10.497  -14.909 1.00 34.95  ? 103 HIS A CG  1 
ATOM   701  N ND1 . HIS A 1 89  ? -7.574  11.699  -14.238 1.00 38.47  ? 103 HIS A ND1 1 
ATOM   702  C CD2 . HIS A 1 89  ? -8.726  9.923   -14.768 1.00 34.36  ? 103 HIS A CD2 1 
ATOM   703  C CE1 . HIS A 1 89  ? -8.766  11.821  -13.679 1.00 35.15  ? 103 HIS A CE1 1 
ATOM   704  N NE2 . HIS A 1 89  ? -9.488  10.762  -13.996 1.00 35.64  ? 103 HIS A NE2 1 
ATOM   705  N N   . GLN A 1 90  ? -5.424  9.037   -12.335 1.00 29.50  ? 104 GLN A N   1 
ATOM   706  C CA  . GLN A 1 90  ? -5.120  9.579   -11.007 1.00 29.97  ? 104 GLN A CA  1 
ATOM   707  C C   . GLN A 1 90  ? -3.937  8.916   -10.289 1.00 29.88  ? 104 GLN A C   1 
ATOM   708  O O   . GLN A 1 90  ? -3.620  9.299   -9.146  1.00 28.50  ? 104 GLN A O   1 
ATOM   709  C CB  . GLN A 1 90  ? -6.356  9.509   -10.107 1.00 29.83  ? 104 GLN A CB  1 
ATOM   710  C CG  . GLN A 1 90  ? -7.589  10.251  -10.660 1.00 31.68  ? 104 GLN A CG  1 
ATOM   711  C CD  . GLN A 1 90  ? -8.761  10.232  -9.695  1.00 34.26  ? 104 GLN A CD  1 
ATOM   712  O OE1 . GLN A 1 90  ? -9.228  11.279  -9.217  1.00 37.23  ? 104 GLN A OE1 1 
ATOM   713  N NE2 . GLN A 1 90  ? -9.228  9.052   -9.375  1.00 28.62  ? 104 GLN A NE2 1 
ATOM   714  N N   . VAL A 1 91  ? -3.264  7.989   -10.967 1.00 30.69  ? 105 VAL A N   1 
ATOM   715  C CA  . VAL A 1 91  ? -2.148  7.257   -10.381 1.00 29.34  ? 105 VAL A CA  1 
ATOM   716  C C   . VAL A 1 91  ? -1.006  7.015   -11.374 1.00 30.87  ? 105 VAL A C   1 
ATOM   717  O O   . VAL A 1 91  ? -1.239  6.659   -12.522 1.00 29.70  ? 105 VAL A O   1 
ATOM   718  C CB  . VAL A 1 91  ? -2.654  5.964   -9.688  1.00 32.51  ? 105 VAL A CB  1 
ATOM   719  C CG1 . VAL A 1 91  ? -3.566  5.169   -10.599 1.00 34.00  ? 105 VAL A CG1 1 
ATOM   720  C CG2 . VAL A 1 91  ? -1.474  5.090   -9.219  1.00 31.48  ? 105 VAL A CG2 1 
ATOM   721  N N   . GLU A 1 92  ? 0.234   7.265   -10.931 1.00 29.57  ? 106 GLU A N   1 
ATOM   722  C CA  . GLU A 1 92  ? 1.423   6.905   -11.702 1.00 31.67  ? 106 GLU A CA  1 
ATOM   723  C C   . GLU A 1 92  ? 2.154   5.777   -10.935 1.00 29.23  ? 106 GLU A C   1 
ATOM   724  O O   . GLU A 1 92  ? 2.641   5.995   -9.817  1.00 28.21  ? 106 GLU A O   1 
ATOM   725  C CB  . GLU A 1 92  ? 2.343   8.108   -11.878 1.00 34.29  ? 106 GLU A CB  1 
ATOM   726  C CG  . GLU A 1 92  ? 3.574   7.856   -12.773 1.00 37.54  ? 106 GLU A CG  1 
ATOM   727  C CD  . GLU A 1 92  ? 4.571   9.014   -12.756 1.00 41.90  ? 106 GLU A CD  1 
ATOM   728  O OE1 . GLU A 1 92  ? 4.309   10.057  -12.115 1.00 42.54  ? 106 GLU A OE1 1 
ATOM   729  O OE2 . GLU A 1 92  ? 5.645   8.866   -13.365 1.00 46.71  ? 106 GLU A OE2 1 
ATOM   730  N N   . VAL A 1 93  ? 2.192   4.587   -11.529 1.00 28.51  ? 107 VAL A N   1 
ATOM   731  C CA  . VAL A 1 93  ? 2.935   3.452   -10.977 1.00 28.40  ? 107 VAL A CA  1 
ATOM   732  C C   . VAL A 1 93  ? 4.423   3.682   -11.233 1.00 29.48  ? 107 VAL A C   1 
ATOM   733  O O   . VAL A 1 93  ? 4.840   3.838   -12.376 1.00 30.27  ? 107 VAL A O   1 
ATOM   734  C CB  . VAL A 1 93  ? 2.475   2.117   -11.594 1.00 32.68  ? 107 VAL A CB  1 
ATOM   735  C CG1 . VAL A 1 93  ? 3.347   0.953   -11.098 1.00 32.45  ? 107 VAL A CG1 1 
ATOM   736  C CG2 . VAL A 1 93  ? 1.012   1.890   -11.242 1.00 32.88  ? 107 VAL A CG2 1 
ATOM   737  N N   . VAL A 1 94  ? 5.207   3.705   -10.159 1.00 29.53  ? 108 VAL A N   1 
ATOM   738  C CA  . VAL A 1 94  ? 6.605   4.152   -10.204 1.00 32.08  ? 108 VAL A CA  1 
ATOM   739  C C   . VAL A 1 94  ? 7.554   2.957   -10.155 1.00 33.76  ? 108 VAL A C   1 
ATOM   740  O O   . VAL A 1 94  ? 8.647   3.023   -10.735 1.00 37.17  ? 108 VAL A O   1 
ATOM   741  C CB  . VAL A 1 94  ? 6.891   5.082   -9.012  1.00 35.09  ? 108 VAL A CB  1 
ATOM   742  C CG1 . VAL A 1 94  ? 8.371   5.332   -8.839  1.00 43.14  ? 108 VAL A CG1 1 
ATOM   743  C CG2 . VAL A 1 94  ? 6.202   6.408   -9.246  1.00 41.11  ? 108 VAL A CG2 1 
HETATM 744  N N   . CSO A 1 95  ? 7.162   1.915   -9.423  1.00 28.96  ? 109 CSO A N   1 
HETATM 745  C CA  . CSO A 1 95  ? 7.932   0.693   -9.360  1.00 31.27  ? 109 CSO A CA  1 
HETATM 746  C CB  . CSO A 1 95  ? 9.178   1.033   -8.588  1.00 33.82  ? 109 CSO A CB  1 
HETATM 747  S SG  . CSO A 1 95  ? 8.806   1.243   -6.892  1.00 37.05  ? 109 CSO A SG  1 
HETATM 748  C C   . CSO A 1 95  ? 7.260   -0.487  -8.716  1.00 30.35  ? 109 CSO A C   1 
HETATM 749  O O   . CSO A 1 95  ? 6.178   -0.386  -8.126  1.00 28.03  ? 109 CSO A O   1 
HETATM 750  O OD  . CSO A 1 95  ? 10.041  0.071   -6.567  1.00 40.51  ? 109 CSO A OD  1 
ATOM   751  N N   . CYS A 1 96  ? 7.927   -1.626  -8.862  1.00 28.89  ? 110 CYS A N   1 
ATOM   752  C CA  . CYS A 1 96  ? 7.558   -2.917  -8.335  1.00 30.25  ? 110 CYS A CA  1 
ATOM   753  C C   . CYS A 1 96  ? 8.623   -3.310  -7.290  1.00 30.73  ? 110 CYS A C   1 
ATOM   754  O O   . CYS A 1 96  ? 9.804   -3.443  -7.641  1.00 32.68  ? 110 CYS A O   1 
ATOM   755  C CB  . CYS A 1 96  ? 7.607   -3.894  -9.520  1.00 37.17  ? 110 CYS A CB  1 
ATOM   756  S SG  . CYS A 1 96  ? 7.199   -5.565  -9.118  1.00 43.72  ? 110 CYS A SG  1 
ATOM   757  N N   . LEU A 1 97  ? 8.220   -3.437  -6.035  1.00 28.92  ? 111 LEU A N   1 
ATOM   758  C CA  . LEU A 1 97  ? 9.101   -3.824  -4.951  1.00 32.49  ? 111 LEU A CA  1 
ATOM   759  C C   . LEU A 1 97  ? 9.174   -5.345  -4.854  1.00 35.51  ? 111 LEU A C   1 
ATOM   760  O O   . LEU A 1 97  ? 8.466   -6.066  -5.562  1.00 30.07  ? 111 LEU A O   1 
ATOM   761  C CB  . LEU A 1 97  ? 8.635   -3.246  -3.606  1.00 33.63  ? 111 LEU A CB  1 
ATOM   762  C CG  . LEU A 1 97  ? 8.684   -1.719  -3.493  1.00 35.06  ? 111 LEU A CG  1 
ATOM   763  C CD1 . LEU A 1 97  ? 8.087   -1.279  -2.169  1.00 37.89  ? 111 LEU A CD1 1 
ATOM   764  C CD2 . LEU A 1 97  ? 10.078  -1.179  -3.659  1.00 36.50  ? 111 LEU A CD2 1 
ATOM   765  N N   . VAL A 1 98  ? 10.038  -5.816  -3.959  1.00 37.29  ? 112 VAL A N   1 
ATOM   766  C CA  . VAL A 1 98  ? 10.230  -7.255  -3.772  1.00 38.57  ? 112 VAL A CA  1 
ATOM   767  C C   . VAL A 1 98  ? 8.942   -7.960  -3.405  1.00 34.18  ? 112 VAL A C   1 
ATOM   768  O O   . VAL A 1 98  ? 8.259   -7.550  -2.500  1.00 31.16  ? 112 VAL A O   1 
ATOM   769  C CB  . VAL A 1 98  ? 11.311  -7.616  -2.709  1.00 44.03  ? 112 VAL A CB  1 
ATOM   770  C CG1 . VAL A 1 98  ? 12.699  -7.357  -3.284  1.00 46.14  ? 112 VAL A CG1 1 
ATOM   771  C CG2 . VAL A 1 98  ? 11.081  -6.914  -1.362  1.00 42.67  ? 112 VAL A CG2 1 
ATOM   772  N N   . PRO A 1 99  ? 8.638   -9.071  -4.089  1.00 33.17  ? 113 PRO A N   1 
ATOM   773  C CA  . PRO A 1 99  ? 7.376   -9.750  -3.813  1.00 33.20  ? 113 PRO A CA  1 
ATOM   774  C C   . PRO A 1 99  ? 7.438   -10.544 -2.527  1.00 33.94  ? 113 PRO A C   1 
ATOM   775  O O   . PRO A 1 99  ? 8.530   -10.814 -2.035  1.00 32.70  ? 113 PRO A O   1 
ATOM   776  C CB  . PRO A 1 99  ? 7.212   -10.665 -5.032  1.00 34.08  ? 113 PRO A CB  1 
ATOM   777  C CG  . PRO A 1 99  ? 8.611   -11.028 -5.366  1.00 38.58  ? 113 PRO A CG  1 
ATOM   778  C CD  . PRO A 1 99  ? 9.397   -9.750  -5.146  1.00 36.23  ? 113 PRO A CD  1 
ATOM   779  N N   . CYS A 1 100 ? 6.273   -10.902 -2.016  1.00 30.18  ? 114 CYS A N   1 
ATOM   780  C CA  . CYS A 1 100 ? 6.081   -11.557 -0.747  1.00 33.11  ? 114 CYS A CA  1 
ATOM   781  C C   . CYS A 1 100 ? 5.652   -13.047 -1.020  1.00 34.86  ? 114 CYS A C   1 
ATOM   782  O O   . CYS A 1 100 ? 4.636   -13.297 -1.690  1.00 28.82  ? 114 CYS A O   1 
ATOM   783  C CB  . CYS A 1 100 ? 4.996   -10.759 0.032   1.00 34.37  ? 114 CYS A CB  1 
ATOM   784  S SG  . CYS A 1 100 ? 5.380   -8.940  0.265   1.00 53.70  ? 114 CYS A SG  1 
ATOM   785  N N   . LEU A 1 101 ? 6.419   -14.028 -0.533  1.00 33.41  ? 115 LEU A N   1 
ATOM   786  C CA  . LEU A 1 101 ? 6.043   -15.473 -0.695  1.00 32.19  ? 115 LEU A CA  1 
ATOM   787  C C   . LEU A 1 101 ? 5.206   -15.924 0.482   1.00 32.48  ? 115 LEU A C   1 
ATOM   788  O O   . LEU A 1 101 ? 5.646   -15.789 1.611   1.00 31.54  ? 115 LEU A O   1 
ATOM   789  C CB  . LEU A 1 101 ? 7.271   -16.390 -0.782  1.00 33.51  ? 115 LEU A CB  1 
ATOM   790  C CG  . LEU A 1 101 ? 8.316   -16.053 -1.835  1.00 35.59  ? 115 LEU A CG  1 
ATOM   791  C CD1 . LEU A 1 101 ? 9.584   -16.888 -1.675  1.00 39.09  ? 115 LEU A CD1 1 
ATOM   792  C CD2 . LEU A 1 101 ? 7.705   -16.227 -3.213  1.00 40.74  ? 115 LEU A CD2 1 
ATOM   793  N N   . ILE A 1 102 ? 4.036   -16.497 0.239   1.00 30.26  ? 116 ILE A N   1 
ATOM   794  C CA  . ILE A 1 102 ? 3.212   -16.982 1.338   1.00 34.68  ? 116 ILE A CA  1 
ATOM   795  C C   . ILE A 1 102 ? 2.541   -18.333 1.056   1.00 32.66  ? 116 ILE A C   1 
ATOM   796  O O   . ILE A 1 102 ? 2.246   -18.684 -0.094  1.00 32.70  ? 116 ILE A O   1 
ATOM   797  C CB  . ILE A 1 102 ? 2.225   -15.851 1.766   1.00 41.47  ? 116 ILE A CB  1 
ATOM   798  C CG1 . ILE A 1 102 ? 1.416   -16.244 2.999   1.00 49.40  ? 116 ILE A CG1 1 
ATOM   799  C CG2 . ILE A 1 102 ? 1.294   -15.450 0.647   1.00 39.21  ? 116 ILE A CG2 1 
ATOM   800  C CD1 . ILE A 1 102 ? 0.961   -15.048 3.810   1.00 53.42  ? 116 ILE A CD1 1 
ATOM   801  N N   . ASP A 1 103 ? 2.355   -19.124 2.110   1.00 36.16  ? 117 ASP A N   1 
ATOM   802  C CA  . ASP A 1 103 ? 1.594   -20.403 2.056   1.00 40.75  ? 117 ASP A CA  1 
ATOM   803  C C   . ASP A 1 103 ? 2.136   -21.492 1.102   1.00 36.96  ? 117 ASP A C   1 
ATOM   804  O O   . ASP A 1 103 ? 1.396   -22.383 0.737   1.00 36.86  ? 117 ASP A O   1 
ATOM   805  C CB  . ASP A 1 103 ? 0.091   -20.182 1.715   1.00 45.05  ? 117 ASP A CB  1 
ATOM   806  C CG  . ASP A 1 103 ? -0.653  -19.352 2.754   1.00 53.37  ? 117 ASP A CG  1 
ATOM   807  O OD1 . ASP A 1 103 ? -0.301  -19.441 3.947   1.00 57.62  ? 117 ASP A OD1 1 
ATOM   808  O OD2 . ASP A 1 103 ? -1.605  -18.610 2.375   1.00 51.00  ? 117 ASP A OD2 1 
ATOM   809  N N   . THR A 1 104 ? 3.403   -21.378 0.701   1.00 32.64  ? 118 THR A N   1 
ATOM   810  C CA  . THR A 1 104 ? 4.076   -22.251 -0.272  1.00 32.94  ? 118 THR A CA  1 
ATOM   811  C C   . THR A 1 104 ? 3.652   -22.163 -1.741  1.00 33.20  ? 118 THR A C   1 
ATOM   812  O O   . THR A 1 104 ? 4.412   -22.593 -2.599  1.00 29.19  ? 118 THR A O   1 
ATOM   813  C CB  . THR A 1 104 ? 4.112   -23.753 0.151   1.00 34.79  ? 118 THR A CB  1 
ATOM   814  O OG1 . THR A 1 104 ? 2.854   -24.390 -0.094  1.00 33.74  ? 118 THR A OG1 1 
ATOM   815  C CG2 . THR A 1 104 ? 4.481   -23.896 1.638   1.00 32.43  ? 118 THR A CG2 1 
ATOM   816  N N   . ASP A 1 105 ? 2.476   -21.603 -2.034  1.00 29.66  ? 119 ASP A N   1 
ATOM   817  C CA  . ASP A 1 105 ? 1.945   -21.599 -3.391  1.00 32.18  ? 119 ASP A CA  1 
ATOM   818  C C   . ASP A 1 105 ? 1.465   -20.206 -3.886  1.00 31.31  ? 119 ASP A C   1 
ATOM   819  O O   . ASP A 1 105 ? 0.855   -20.125 -4.965  1.00 29.60  ? 119 ASP A O   1 
ATOM   820  C CB  . ASP A 1 105 ? 0.777   -22.613 -3.493  1.00 33.87  ? 119 ASP A CB  1 
ATOM   821  C CG  . ASP A 1 105 ? -0.413  -22.253 -2.583  1.00 39.19  ? 119 ASP A CG  1 
ATOM   822  O OD1 . ASP A 1 105 ? -0.456  -21.141 -1.983  1.00 38.31  ? 119 ASP A OD1 1 
ATOM   823  O OD2 . ASP A 1 105 ? -1.309  -23.104 -2.426  1.00 45.08  ? 119 ASP A OD2 1 
ATOM   824  N N   . THR A 1 106 ? 1.777   -19.144 -3.143  1.00 29.75  ? 120 THR A N   1 
ATOM   825  C CA  . THR A 1 106 ? 1.242   -17.808 -3.416  1.00 29.22  ? 120 THR A CA  1 
ATOM   826  C C   . THR A 1 106 ? 2.361   -16.766 -3.425  1.00 28.80  ? 120 THR A C   1 
ATOM   827  O O   . THR A 1 106 ? 3.312   -16.841 -2.614  1.00 25.68  ? 120 THR A O   1 
ATOM   828  C CB  . THR A 1 106 ? 0.187   -17.440 -2.354  1.00 31.41  ? 120 THR A CB  1 
ATOM   829  O OG1 . THR A 1 106 ? -0.869  -18.397 -2.408  1.00 31.57  ? 120 THR A OG1 1 
ATOM   830  C CG2 . THR A 1 106 ? -0.383  -16.013 -2.565  1.00 31.41  ? 120 THR A CG2 1 
ATOM   831  N N   . LEU A 1 107 ? 2.273   -15.860 -4.396  1.00 25.63  ? 121 LEU A N   1 
ATOM   832  C CA  . LEU A 1 107 ? 3.181   -14.739 -4.570  1.00 26.22  ? 121 LEU A CA  1 
ATOM   833  C C   . LEU A 1 107 ? 2.366   -13.430 -4.679  1.00 27.65  ? 121 LEU A C   1 
ATOM   834  O O   . LEU A 1 107 ? 1.543   -13.299 -5.584  1.00 26.78  ? 121 LEU A O   1 
ATOM   835  C CB  . LEU A 1 107 ? 3.999   -14.919 -5.845  1.00 28.26  ? 121 LEU A CB  1 
ATOM   836  C CG  . LEU A 1 107 ? 5.195   -13.965 -5.992  1.00 30.89  ? 121 LEU A CG  1 
ATOM   837  C CD1 . LEU A 1 107 ? 6.394   -14.633 -6.645  1.00 37.91  ? 121 LEU A CD1 1 
ATOM   838  C CD2 . LEU A 1 107 ? 4.845   -12.801 -6.868  1.00 33.46  ? 121 LEU A CD2 1 
ATOM   839  N N   . ILE A 1 108 ? 2.640   -12.486 -3.781  1.00 26.70  ? 122 ILE A N   1 
ATOM   840  C CA  . ILE A 1 108 ? 1.980   -11.143 -3.726  1.00 25.17  ? 122 ILE A CA  1 
ATOM   841  C C   . ILE A 1 108 ? 2.968   -10.053 -4.151  1.00 25.52  ? 122 ILE A C   1 
ATOM   842  O O   . ILE A 1 108 ? 4.037   -9.901  -3.521  1.00 24.82  ? 122 ILE A O   1 
ATOM   843  C CB  . ILE A 1 108 ? 1.473   -10.845 -2.311  1.00 26.86  ? 122 ILE A CB  1 
ATOM   844  C CG1 . ILE A 1 108 ? 0.519   -11.969 -1.849  1.00 27.99  ? 122 ILE A CG1 1 
ATOM   845  C CG2 . ILE A 1 108 ? 0.777   -9.476  -2.264  1.00 30.42  ? 122 ILE A CG2 1 
ATOM   846  C CD1 . ILE A 1 108 ? 0.215   -11.958 -0.375  1.00 32.81  ? 122 ILE A CD1 1 
ATOM   847  N N   . THR A 1 109 ? 2.666   -9.349  -5.248  1.00 23.37  ? 123 THR A N   1 
ATOM   848  C CA  . THR A 1 109 ? 3.558   -8.381  -5.851  1.00 25.10  ? 123 THR A CA  1 
ATOM   849  C C   . THR A 1 109 ? 3.086   -6.937  -5.462  1.00 27.26  ? 123 THR A C   1 
ATOM   850  O O   . THR A 1 109 ? 1.927   -6.575  -5.749  1.00 22.71  ? 123 THR A O   1 
ATOM   851  C CB  . THR A 1 109 ? 3.615   -8.537  -7.394  1.00 27.30  ? 123 THR A CB  1 
ATOM   852  O OG1 . THR A 1 109 ? 3.999   -9.884  -7.715  1.00 29.89  ? 123 THR A OG1 1 
ATOM   853  C CG2 . THR A 1 109 ? 4.627   -7.587  -8.031  1.00 28.04  ? 123 THR A CG2 1 
ATOM   854  N N   . PRO A 1 110 ? 3.967   -6.160  -4.798  1.00 25.13  ? 124 PRO A N   1 
ATOM   855  C CA  . PRO A 1 110 ? 3.632   -4.779  -4.414  1.00 25.11  ? 124 PRO A CA  1 
ATOM   856  C C   . PRO A 1 110 ? 4.127   -3.716  -5.396  1.00 25.18  ? 124 PRO A C   1 
ATOM   857  O O   . PRO A 1 110 ? 5.251   -3.794  -5.885  1.00 28.47  ? 124 PRO A O   1 
ATOM   858  C CB  . PRO A 1 110 ? 4.256   -4.654  -3.028  1.00 25.97  ? 124 PRO A CB  1 
ATOM   859  C CG  . PRO A 1 110 ? 5.351   -5.653  -2.945  1.00 25.66  ? 124 PRO A CG  1 
ATOM   860  C CD  . PRO A 1 110 ? 5.186   -6.623  -4.080  1.00 25.91  ? 124 PRO A CD  1 
ATOM   861  N N   . PHE A 1 111 ? 3.237   -2.770  -5.756  1.00 23.69  ? 125 PHE A N   1 
ATOM   862  C CA  . PHE A 1 111 ? 3.568   -1.645  -6.616  1.00 24.41  ? 125 PHE A CA  1 
ATOM   863  C C   . PHE A 1 111 ? 3.406   -0.339  -5.881  1.00 25.84  ? 125 PHE A C   1 
ATOM   864  O O   . PHE A 1 111 ? 2.444   -0.208  -5.138  1.00 25.51  ? 125 PHE A O   1 
ATOM   865  C CB  . PHE A 1 111 ? 2.651   -1.635  -7.856  1.00 27.26  ? 125 PHE A CB  1 
ATOM   866  C CG  . PHE A 1 111 ? 2.878   -2.796  -8.748  1.00 26.87  ? 125 PHE A CG  1 
ATOM   867  C CD1 . PHE A 1 111 ? 2.191   -3.984  -8.536  1.00 27.31  ? 125 PHE A CD1 1 
ATOM   868  C CD2 . PHE A 1 111 ? 3.766   -2.708  -9.794  1.00 26.18  ? 125 PHE A CD2 1 
ATOM   869  C CE1 . PHE A 1 111 ? 2.425   -5.083  -9.339  1.00 27.48  ? 125 PHE A CE1 1 
ATOM   870  C CE2 . PHE A 1 111 ? 3.990   -3.795  -10.607 1.00 27.58  ? 125 PHE A CE2 1 
ATOM   871  C CZ  . PHE A 1 111 ? 3.346   -4.984  -10.364 1.00 25.61  ? 125 PHE A CZ  1 
ATOM   872  N N   . VAL A 1 112 ? 4.338   0.609   -6.060  1.00 25.50  ? 126 VAL A N   1 
ATOM   873  C CA  . VAL A 1 112 ? 4.214   1.929   -5.417  1.00 25.55  ? 126 VAL A CA  1 
ATOM   874  C C   . VAL A 1 112 ? 3.637   2.894   -6.438  1.00 25.12  ? 126 VAL A C   1 
ATOM   875  O O   . VAL A 1 112 ? 4.109   2.950   -7.568  1.00 26.17  ? 126 VAL A O   1 
ATOM   876  C CB  . VAL A 1 112 ? 5.528   2.498   -4.841  1.00 27.06  ? 126 VAL A CB  1 
ATOM   877  C CG1 . VAL A 1 112 ? 5.250   3.852   -4.084  1.00 27.29  ? 126 VAL A CG1 1 
ATOM   878  C CG2 . VAL A 1 112 ? 6.188   1.482   -3.909  1.00 26.91  ? 126 VAL A CG2 1 
ATOM   879  N N   . GLY A 1 113 ? 2.593   3.643   -6.041  1.00 24.83  ? 127 GLY A N   1 
ATOM   880  C CA  . GLY A 1 113 ? 1.929   4.571   -6.945  1.00 24.75  ? 127 GLY A CA  1 
ATOM   881  C C   . GLY A 1 113 ? 1.823   5.958   -6.359  1.00 27.55  ? 127 GLY A C   1 
ATOM   882  O O   . GLY A 1 113 ? 1.463   6.071   -5.210  1.00 27.56  ? 127 GLY A O   1 
ATOM   883  N N   . LEU A 1 114 ? 2.153   6.994   -7.151  1.00 27.78  ? 128 LEU A N   1 
ATOM   884  C CA  . LEU A 1 114 ? 1.941   8.408   -6.751  1.00 29.77  ? 128 LEU A CA  1 
ATOM   885  C C   . LEU A 1 114 ? 0.548   8.864   -7.143  1.00 27.03  ? 128 LEU A C   1 
ATOM   886  O O   . LEU A 1 114 ? 0.144   8.663   -8.289  1.00 28.45  ? 128 LEU A O   1 
ATOM   887  C CB  . LEU A 1 114 ? 2.904   9.347   -7.447  1.00 33.41  ? 128 LEU A CB  1 
ATOM   888  C CG  . LEU A 1 114 ? 4.349   8.902   -7.513  1.00 42.16  ? 128 LEU A CG  1 
ATOM   889  C CD1 . LEU A 1 114 ? 5.109   10.047  -8.157  1.00 47.73  ? 128 LEU A CD1 1 
ATOM   890  C CD2 . LEU A 1 114 ? 4.896   8.581   -6.124  1.00 42.98  ? 128 LEU A CD2 1 
ATOM   891  N N   . ILE A 1 115 ? -0.166  9.429   -6.178  1.00 26.52  ? 129 ILE A N   1 
ATOM   892  C CA  . ILE A 1 115 ? -1.607  9.725   -6.283  1.00 27.50  ? 129 ILE A CA  1 
ATOM   893  C C   . ILE A 1 115 ? -1.811  11.216  -6.558  1.00 30.44  ? 129 ILE A C   1 
ATOM   894  O O   . ILE A 1 115 ? -1.172  12.056  -5.929  1.00 27.47  ? 129 ILE A O   1 
ATOM   895  C CB  . ILE A 1 115 ? -2.340  9.292   -4.998  1.00 26.65  ? 129 ILE A CB  1 
ATOM   896  C CG1 . ILE A 1 115 ? -2.122  7.790   -4.720  1.00 29.43  ? 129 ILE A CG1 1 
ATOM   897  C CG2 . ILE A 1 115 ? -3.846  9.579   -5.047  1.00 27.65  ? 129 ILE A CG2 1 
ATOM   898  C CD1 . ILE A 1 115 ? -2.528  6.862   -5.857  1.00 28.11  ? 129 ILE A CD1 1 
ATOM   899  N N   . ASP A 1 116 ? -2.661  11.528  -7.537  1.00 31.27  ? 130 ASP A N   1 
ATOM   900  C CA  . ASP A 1 116 ? -3.005  12.906  -7.881  1.00 30.28  ? 130 ASP A CA  1 
ATOM   901  C C   . ASP A 1 116 ? -3.550  13.730  -6.712  1.00 28.43  ? 130 ASP A C   1 
ATOM   902  O O   . ASP A 1 116 ? -4.399  13.270  -5.945  1.00 25.87  ? 130 ASP A O   1 
ATOM   903  C CB  . ASP A 1 116 ? -4.054  12.926  -9.000  1.00 33.48  ? 130 ASP A CB  1 
ATOM   904  C CG  . ASP A 1 116 ? -4.297  14.343  -9.549  1.00 36.06  ? 130 ASP A CG  1 
ATOM   905  O OD1 . ASP A 1 116 ? -3.386  14.864  -10.222 1.00 36.97  ? 130 ASP A OD1 1 
ATOM   906  O OD2 . ASP A 1 116 ? -5.365  14.926  -9.269  1.00 32.18  ? 130 ASP A OD2 1 
ATOM   907  N N   . HIS A 1 117 ? -3.119  14.988  -6.595  1.00 29.65  ? 131 HIS A N   1 
ATOM   908  C CA  . HIS A 1 117 ? -3.636  15.841  -5.483  1.00 30.47  ? 131 HIS A CA  1 
ATOM   909  C C   . HIS A 1 117 ? -5.143  16.068  -5.462  1.00 30.12  ? 131 HIS A C   1 
ATOM   910  O O   . HIS A 1 117 ? -5.654  16.417  -4.431  1.00 33.96  ? 131 HIS A O   1 
ATOM   911  C CB  . HIS A 1 117 ? -2.865  17.187  -5.372  1.00 32.60  ? 131 HIS A CB  1 
ATOM   912  C CG  . HIS A 1 117 ? -3.217  18.206  -6.420  1.00 34.98  ? 131 HIS A CG  1 
ATOM   913  N ND1 . HIS A 1 117 ? -3.090  17.976  -7.777  1.00 36.69  ? 131 HIS A ND1 1 
ATOM   914  C CD2 . HIS A 1 117 ? -3.634  19.488  -6.301  1.00 36.46  ? 131 HIS A CD2 1 
ATOM   915  C CE1 . HIS A 1 117 ? -3.475  19.047  -8.446  1.00 35.39  ? 131 HIS A CE1 1 
ATOM   916  N NE2 . HIS A 1 117 ? -3.794  19.986  -7.577  1.00 40.99  ? 131 HIS A NE2 1 
ATOM   917  N N   . ASN A 1 118 ? -5.875  15.905  -6.571  1.00 32.33  ? 132 ASN A N   1 
ATOM   918  C CA  . ASN A 1 118 ? -7.339  16.119  -6.534  1.00 33.31  ? 132 ASN A CA  1 
ATOM   919  C C   . ASN A 1 118 ? -8.128  14.829  -6.284  1.00 36.55  ? 132 ASN A C   1 
ATOM   920  O O   . ASN A 1 118 ? -9.342  14.865  -6.277  1.00 33.65  ? 132 ASN A O   1 
ATOM   921  C CB  . ASN A 1 118 ? -7.835  16.823  -7.819  1.00 35.79  ? 132 ASN A CB  1 
ATOM   922  C CG  . ASN A 1 118 ? -7.369  18.284  -7.902  1.00 37.65  ? 132 ASN A CG  1 
ATOM   923  O OD1 . ASN A 1 118 ? -6.875  18.744  -8.931  1.00 36.81  ? 132 ASN A OD1 1 
ATOM   924  N ND2 . ASN A 1 118 ? -7.469  18.982  -6.797  1.00 34.47  ? 132 ASN A ND2 1 
ATOM   925  N N   . PHE A 1 119 ? -7.457  13.691  -6.062  1.00 34.39  ? 133 PHE A N   1 
ATOM   926  C CA  . PHE A 1 119 ? -8.179  12.450  -5.749  1.00 34.97  ? 133 PHE A CA  1 
ATOM   927  C C   . PHE A 1 119 ? -8.843  12.568  -4.392  1.00 35.20  ? 133 PHE A C   1 
ATOM   928  O O   . PHE A 1 119 ? -8.222  13.027  -3.433  1.00 35.50  ? 133 PHE A O   1 
ATOM   929  C CB  . PHE A 1 119 ? -7.218  11.225  -5.766  1.00 35.60  ? 133 PHE A CB  1 
ATOM   930  C CG  . PHE A 1 119 ? -7.774  10.003  -5.092  1.00 33.99  ? 133 PHE A CG  1 
ATOM   931  C CD1 . PHE A 1 119 ? -8.699  9.201   -5.743  1.00 35.50  ? 133 PHE A CD1 1 
ATOM   932  C CD2 . PHE A 1 119 ? -7.372  9.663   -3.811  1.00 34.55  ? 133 PHE A CD2 1 
ATOM   933  C CE1 . PHE A 1 119 ? -9.206  8.068   -5.131  1.00 35.87  ? 133 PHE A CE1 1 
ATOM   934  C CE2 . PHE A 1 119 ? -7.869  8.528   -3.202  1.00 36.86  ? 133 PHE A CE2 1 
ATOM   935  C CZ  . PHE A 1 119 ? -8.787  7.735   -3.863  1.00 33.69  ? 133 PHE A CZ  1 
ATOM   936  N N   . GLN A 1 120 ? -10.089 12.112  -4.305  1.00 40.40  ? 134 GLN A N   1 
ATOM   937  C CA  . GLN A 1 120 ? -10.740 11.909  -3.003  1.00 44.03  ? 134 GLN A CA  1 
ATOM   938  C C   . GLN A 1 120 ? -11.411 10.533  -2.914  1.00 39.89  ? 134 GLN A C   1 
ATOM   939  O O   . GLN A 1 120 ? -12.227 10.190  -3.748  1.00 35.44  ? 134 GLN A O   1 
ATOM   940  C CB  . GLN A 1 120 ? -11.780 12.984  -2.768  1.00 52.76  ? 134 GLN A CB  1 
ATOM   941  C CG  . GLN A 1 120 ? -11.143 14.348  -2.580  1.00 62.55  ? 134 GLN A CG  1 
ATOM   942  C CD  . GLN A 1 120 ? -12.052 15.274  -1.832  1.00 71.34  ? 134 GLN A CD  1 
ATOM   943  O OE1 . GLN A 1 120 ? -11.953 15.392  -0.610  1.00 80.68  ? 134 GLN A OE1 1 
ATOM   944  N NE2 . GLN A 1 120 ? -12.984 15.902  -2.554  1.00 80.40  ? 134 GLN A NE2 1 
ATOM   945  N N   . ALA A 1 121 ? -11.057 9.777   -1.889  1.00 39.48  ? 135 ALA A N   1 
ATOM   946  C CA  . ALA A 1 121 ? -11.518 8.399   -1.757  1.00 42.37  ? 135 ALA A CA  1 
ATOM   947  C C   . ALA A 1 121 ? -13.014 8.324   -1.599  1.00 43.79  ? 135 ALA A C   1 
ATOM   948  O O   . ALA A 1 121 ? -13.593 9.087   -0.805  1.00 42.97  ? 135 ALA A O   1 
ATOM   949  C CB  . ALA A 1 121 ? -10.869 7.746   -0.560  1.00 42.20  ? 135 ALA A CB  1 
ATOM   950  N N   . GLN A 1 122 ? -13.604 7.372   -2.319  1.00 39.89  ? 136 GLN A N   1 
ATOM   951  C CA  . GLN A 1 122 ? -15.012 6.990   -2.199  1.00 40.64  ? 136 GLN A CA  1 
ATOM   952  C C   . GLN A 1 122 ? -15.064 5.516   -1.781  1.00 37.68  ? 136 GLN A C   1 
ATOM   953  O O   . GLN A 1 122 ? -15.108 4.649   -2.650  1.00 33.80  ? 136 GLN A O   1 
ATOM   954  C CB  . GLN A 1 122 ? -15.689 7.166   -3.571  1.00 44.16  ? 136 GLN A CB  1 
ATOM   955  C CG  . GLN A 1 122 ? -15.642 8.589   -4.108  1.00 52.71  ? 136 GLN A CG  1 
ATOM   956  C CD  . GLN A 1 122 ? -16.203 8.677   -5.516  1.00 59.65  ? 136 GLN A CD  1 
ATOM   957  O OE1 . GLN A 1 122 ? -15.463 8.666   -6.506  1.00 59.58  ? 136 GLN A OE1 1 
ATOM   958  N NE2 . GLN A 1 122 ? -17.533 8.701   -5.616  1.00 67.85  ? 136 GLN A NE2 1 
ATOM   959  N N   . PRO A 1 123 ? -15.008 5.227   -0.464  1.00 36.29  ? 137 PRO A N   1 
ATOM   960  C CA  . PRO A 1 123 ? -15.059 3.859   0.014   1.00 40.60  ? 137 PRO A CA  1 
ATOM   961  C C   . PRO A 1 123 ? -16.281 3.103   -0.523  1.00 43.73  ? 137 PRO A C   1 
ATOM   962  O O   . PRO A 1 123 ? -17.417 3.557   -0.357  1.00 43.33  ? 137 PRO A O   1 
ATOM   963  C CB  . PRO A 1 123 ? -15.162 4.014   1.530   1.00 40.11  ? 137 PRO A CB  1 
ATOM   964  C CG  . PRO A 1 123 ? -14.553 5.332   1.836   1.00 41.18  ? 137 PRO A CG  1 
ATOM   965  C CD  . PRO A 1 123 ? -14.858 6.187   0.642   1.00 40.39  ? 137 PRO A CD  1 
ATOM   966  N N   . ASN A 1 124 ? -16.028 1.983   -1.178  1.00 40.64  ? 138 ASN A N   1 
ATOM   967  C CA  . ASN A 1 124 ? -17.072 1.060   -1.600  1.00 39.74  ? 138 ASN A CA  1 
ATOM   968  C C   . ASN A 1 124 ? -17.409 0.117   -0.423  1.00 40.28  ? 138 ASN A C   1 
ATOM   969  O O   . ASN A 1 124 ? -16.603 -0.756  -0.090  1.00 35.48  ? 138 ASN A O   1 
ATOM   970  C CB  . ASN A 1 124 ? -16.597 0.284   -2.837  1.00 38.68  ? 138 ASN A CB  1 
ATOM   971  C CG  . ASN A 1 124 ? -17.508 -0.882  -3.209  1.00 39.47  ? 138 ASN A CG  1 
ATOM   972  O OD1 . ASN A 1 124 ? -18.488 -1.180  -2.520  1.00 45.85  ? 138 ASN A OD1 1 
ATOM   973  N ND2 . ASN A 1 124 ? -17.159 -1.571  -4.292  1.00 38.73  ? 138 ASN A ND2 1 
ATOM   974  N N   . PRO A 1 125 ? -18.614 0.267   0.192   1.00 39.04  ? 139 PRO A N   1 
ATOM   975  C CA  . PRO A 1 125 ? -18.859 -0.464  1.440   1.00 39.49  ? 139 PRO A CA  1 
ATOM   976  C C   . PRO A 1 125 ? -18.989 -1.989  1.306   1.00 37.04  ? 139 PRO A C   1 
ATOM   977  O O   . PRO A 1 125 ? -18.897 -2.676  2.323   1.00 39.30  ? 139 PRO A O   1 
ATOM   978  C CB  . PRO A 1 125 ? -20.159 0.169   2.001   1.00 39.75  ? 139 PRO A CB  1 
ATOM   979  C CG  . PRO A 1 125 ? -20.869 0.675   0.800   1.00 40.17  ? 139 PRO A CG  1 
ATOM   980  C CD  . PRO A 1 125 ? -19.837 0.946   -0.289  1.00 40.24  ? 139 PRO A CD  1 
ATOM   981  N N   . ALA A 1 126 ? -19.169 -2.501  0.095   1.00 40.14  ? 140 ALA A N   1 
ATOM   982  C CA  . ALA A 1 126 ? -19.087 -3.946  -0.135  1.00 44.77  ? 140 ALA A CA  1 
ATOM   983  C C   . ALA A 1 126 ? -17.656 -4.485  0.041   1.00 47.89  ? 140 ALA A C   1 
ATOM   984  O O   . ALA A 1 126 ? -17.475 -5.674  0.328   1.00 46.17  ? 140 ALA A O   1 
ATOM   985  C CB  . ALA A 1 126 ? -19.589 -4.292  -1.531  1.00 45.19  ? 140 ALA A CB  1 
ATOM   986  N N   . GLU A 1 127 ? -16.648 -3.635  -0.176  1.00 45.19  ? 141 GLU A N   1 
ATOM   987  C CA  . GLU A 1 127 ? -15.246 -4.062  -0.037  1.00 45.46  ? 141 GLU A CA  1 
ATOM   988  C C   . GLU A 1 127 ? -14.473 -3.483  1.139   1.00 42.77  ? 141 GLU A C   1 
ATOM   989  O O   . GLU A 1 127 ? -13.626 -4.158  1.716   1.00 35.59  ? 141 GLU A O   1 
ATOM   990  C CB  . GLU A 1 127 ? -14.519 -3.852  -1.366  1.00 52.50  ? 141 GLU A CB  1 
ATOM   991  C CG  . GLU A 1 127 ? -14.334 -5.178  -2.098  1.00 58.33  ? 141 GLU A CG  1 
ATOM   992  C CD  . GLU A 1 127 ? -14.749 -5.101  -3.517  1.00 61.61  ? 141 GLU A CD  1 
ATOM   993  O OE1 . GLU A 1 127 ? -15.671 -5.839  -3.904  1.00 63.51  ? 141 GLU A OE1 1 
ATOM   994  O OE2 . GLU A 1 127 ? -14.150 -4.288  -4.225  1.00 69.76  ? 141 GLU A OE2 1 
ATOM   995  N N   . VAL A 1 128 ? -14.841 -2.279  1.564   1.00 36.00  ? 142 VAL A N   1 
ATOM   996  C CA  . VAL A 1 128 ? -14.017 -1.513  2.442   1.00 36.59  ? 142 VAL A CA  1 
ATOM   997  C C   . VAL A 1 128 ? -14.912 -0.820  3.484   1.00 34.65  ? 142 VAL A C   1 
ATOM   998  O O   . VAL A 1 128 ? -15.891 -0.185  3.133   1.00 36.20  ? 142 VAL A O   1 
ATOM   999  C CB  . VAL A 1 128 ? -13.212 -0.548  1.529   1.00 38.23  ? 142 VAL A CB  1 
ATOM   1000 C CG1 . VAL A 1 128 ? -12.940 0.763   2.187   1.00 40.03  ? 142 VAL A CG1 1 
ATOM   1001 C CG2 . VAL A 1 128 ? -11.924 -1.225  1.069   1.00 38.19  ? 142 VAL A CG2 1 
ATOM   1002 N N   . LYS A 1 129 ? -14.556 -0.961  4.753   1.00 38.38  ? 143 LYS A N   1 
ATOM   1003 C CA  . LYS A 1 129 ? -15.236 -0.303  5.869   1.00 40.78  ? 143 LYS A CA  1 
ATOM   1004 C C   . LYS A 1 129 ? -14.718 1.111   6.165   1.00 41.36  ? 143 LYS A C   1 
ATOM   1005 O O   . LYS A 1 129 ? -15.444 1.947   6.724   1.00 34.50  ? 143 LYS A O   1 
ATOM   1006 C CB  . LYS A 1 129 ? -15.064 -1.199  7.080   1.00 48.18  ? 143 LYS A CB  1 
ATOM   1007 C CG  . LYS A 1 129 ? -15.675 -0.735  8.380   1.00 57.68  ? 143 LYS A CG  1 
ATOM   1008 C CD  . LYS A 1 129 ? -15.956 -1.907  9.328   1.00 66.00  ? 143 LYS A CD  1 
ATOM   1009 C CE  . LYS A 1 129 ? -14.868 -2.990  9.356   1.00 70.69  ? 143 LYS A CE  1 
ATOM   1010 N NZ  . LYS A 1 129 ? -15.329 -4.244  10.021  1.00 78.38  ? 143 LYS A NZ  1 
ATOM   1011 N N   . ASP A 1 130 ? -13.456 1.385   5.832   1.00 35.11  ? 144 ASP A N   1 
ATOM   1012 C CA  . ASP A 1 130 ? -12.832 2.671   6.146   1.00 35.01  ? 144 ASP A CA  1 
ATOM   1013 C C   . ASP A 1 130 ? -11.580 2.859   5.238   1.00 35.51  ? 144 ASP A C   1 
ATOM   1014 O O   . ASP A 1 130 ? -11.061 1.879   4.680   1.00 36.71  ? 144 ASP A O   1 
ATOM   1015 C CB  . ASP A 1 130 ? -12.505 2.702   7.660   1.00 34.93  ? 144 ASP A CB  1 
ATOM   1016 C CG  . ASP A 1 130 ? -12.217 4.091   8.205   1.00 36.37  ? 144 ASP A CG  1 
ATOM   1017 O OD1 . ASP A 1 130 ? -12.315 5.087   7.469   1.00 32.40  ? 144 ASP A OD1 1 
ATOM   1018 O OD2 . ASP A 1 130 ? -11.862 4.191   9.413   1.00 36.89  ? 144 ASP A OD2 1 
ATOM   1019 N N   . VAL A 1 131 ? -11.194 4.119   5.020   1.00 33.48  ? 145 VAL A N   1 
ATOM   1020 C CA  . VAL A 1 131 ? -9.945  4.534   4.307   1.00 33.34  ? 145 VAL A CA  1 
ATOM   1021 C C   . VAL A 1 131 ? -9.278  5.621   5.165   1.00 33.52  ? 145 VAL A C   1 
ATOM   1022 O O   . VAL A 1 131 ? -9.970  6.516   5.647   1.00 32.27  ? 145 VAL A O   1 
ATOM   1023 C CB  . VAL A 1 131 ? -10.243 5.087   2.905   1.00 34.08  ? 145 VAL A CB  1 
ATOM   1024 C CG1 . VAL A 1 131 ? -8.990  5.622   2.233   1.00 37.44  ? 145 VAL A CG1 1 
ATOM   1025 C CG2 . VAL A 1 131 ? -10.872 4.024   2.005   1.00 36.14  ? 145 VAL A CG2 1 
ATOM   1026 N N   . PHE A 1 132 ? -7.967  5.535   5.418   1.00 29.44  ? 146 PHE A N   1 
ATOM   1027 C CA  . PHE A 1 132 ? -7.248  6.537   6.237   1.00 27.55  ? 146 PHE A CA  1 
ATOM   1028 C C   . PHE A 1 132 ? -5.809  6.728   5.750   1.00 30.75  ? 146 PHE A C   1 
ATOM   1029 O O   . PHE A 1 132 ? -5.217  5.818   5.139   1.00 27.96  ? 146 PHE A O   1 
ATOM   1030 C CB  . PHE A 1 132 ? -7.262  6.175   7.749   1.00 32.79  ? 146 PHE A CB  1 
ATOM   1031 C CG  . PHE A 1 132 ? -6.535  4.878   8.105   1.00 32.54  ? 146 PHE A CG  1 
ATOM   1032 C CD1 . PHE A 1 132 ? -7.122  3.635   7.851   1.00 35.78  ? 146 PHE A CD1 1 
ATOM   1033 C CD2 . PHE A 1 132 ? -5.269  4.910   8.702   1.00 33.74  ? 146 PHE A CD2 1 
ATOM   1034 C CE1 . PHE A 1 132 ? -6.455  2.438   8.183   1.00 33.81  ? 146 PHE A CE1 1 
ATOM   1035 C CE2 . PHE A 1 132 ? -4.603  3.735   9.027   1.00 35.27  ? 146 PHE A CE2 1 
ATOM   1036 C CZ  . PHE A 1 132 ? -5.197  2.497   8.768   1.00 35.95  ? 146 PHE A CZ  1 
ATOM   1037 N N   . LEU A 1 133 ? -5.249  7.904   6.017   1.00 29.13  ? 147 LEU A N   1 
ATOM   1038 C CA  . LEU A 1 133 ? -3.857  8.181   5.683   1.00 31.48  ? 147 LEU A CA  1 
ATOM   1039 C C   . LEU A 1 133 ? -2.978  8.086   6.921   1.00 32.33  ? 147 LEU A C   1 
ATOM   1040 O O   . LEU A 1 133 ? -3.445  8.384   8.022   1.00 33.76  ? 147 LEU A O   1 
ATOM   1041 C CB  . LEU A 1 133 ? -3.702  9.576   5.100   1.00 32.20  ? 147 LEU A CB  1 
ATOM   1042 C CG  . LEU A 1 133 ? -4.457  9.914   3.818   1.00 33.68  ? 147 LEU A CG  1 
ATOM   1043 C CD1 . LEU A 1 133 ? -4.220  11.368  3.487   1.00 37.09  ? 147 LEU A CD1 1 
ATOM   1044 C CD2 . LEU A 1 133 ? -4.022  9.064   2.661   1.00 32.33  ? 147 LEU A CD2 1 
ATOM   1045 N N   . VAL A 1 134 ? -1.699  7.731   6.738   1.00 29.15  ? 148 VAL A N   1 
ATOM   1046 C CA  . VAL A 1 134 ? -0.695  7.809   7.822   1.00 28.71  ? 148 VAL A CA  1 
ATOM   1047 C C   . VAL A 1 134 ? 0.540   8.509   7.271   1.00 29.77  ? 148 VAL A C   1 
ATOM   1048 O O   . VAL A 1 134 ? 1.036   8.153   6.210   1.00 27.33  ? 148 VAL A O   1 
ATOM   1049 C CB  . VAL A 1 134 ? -0.275  6.417   8.362   1.00 29.26  ? 148 VAL A CB  1 
ATOM   1050 C CG1 . VAL A 1 134 ? 0.738   6.554   9.487   1.00 30.51  ? 148 VAL A CG1 1 
ATOM   1051 C CG2 . VAL A 1 134 ? -1.476  5.620   8.836   1.00 29.57  ? 148 VAL A CG2 1 
ATOM   1052 N N   . PRO A 1 135 ? 1.066   9.517   7.987   1.00 27.70  ? 149 PRO A N   1 
ATOM   1053 C CA  . PRO A 1 135 ? 2.291   10.105  7.484   1.00 29.71  ? 149 PRO A CA  1 
ATOM   1054 C C   . PRO A 1 135 ? 3.405   9.059   7.361   1.00 26.70  ? 149 PRO A C   1 
ATOM   1055 O O   . PRO A 1 135 ? 3.551   8.232   8.246   1.00 27.11  ? 149 PRO A O   1 
ATOM   1056 C CB  . PRO A 1 135 ? 2.661   11.130  8.566   1.00 31.47  ? 149 PRO A CB  1 
ATOM   1057 C CG  . PRO A 1 135 ? 1.377   11.403  9.321   1.00 32.43  ? 149 PRO A CG  1 
ATOM   1058 C CD  . PRO A 1 135 ? 0.611   10.131  9.250   1.00 32.17  ? 149 PRO A CD  1 
ATOM   1059 N N   . LEU A 1 136 ? 4.147   9.106   6.261   1.00 27.36  ? 150 LEU A N   1 
ATOM   1060 C CA  . LEU A 1 136 ? 5.206   8.148   6.005   1.00 28.54  ? 150 LEU A CA  1 
ATOM   1061 C C   . LEU A 1 136 ? 6.246   8.138   7.147   1.00 30.98  ? 150 LEU A C   1 
ATOM   1062 O O   . LEU A 1 136 ? 6.704   7.081   7.563   1.00 29.03  ? 150 LEU A O   1 
ATOM   1063 C CB  . LEU A 1 136 ? 5.849   8.410   4.623   1.00 27.67  ? 150 LEU A CB  1 
ATOM   1064 C CG  . LEU A 1 136 ? 6.787   7.340   4.055   1.00 28.22  ? 150 LEU A CG  1 
ATOM   1065 C CD1 . LEU A 1 136 ? 6.076   6.007   3.840   1.00 27.80  ? 150 LEU A CD1 1 
ATOM   1066 C CD2 . LEU A 1 136 ? 7.358   7.854   2.737   1.00 28.93  ? 150 LEU A CD2 1 
ATOM   1067 N N   . ALA A 1 137 ? 6.582   9.312   7.681   1.00 29.64  ? 151 ALA A N   1 
ATOM   1068 C CA  . ALA A 1 137 ? 7.533   9.398   8.797   1.00 30.04  ? 151 ALA A CA  1 
ATOM   1069 C C   . ALA A 1 137 ? 7.143   8.636   10.052  1.00 29.63  ? 151 ALA A C   1 
ATOM   1070 O O   . ALA A 1 137 ? 8.017   8.284   10.843  1.00 30.09  ? 151 ALA A O   1 
ATOM   1071 C CB  . ALA A 1 137 ? 7.795   10.862  9.157   1.00 31.91  ? 151 ALA A CB  1 
ATOM   1072 N N   . TYR A 1 138 ? 5.854   8.389   10.279  1.00 28.90  ? 152 TYR A N   1 
ATOM   1073 C CA  . TYR A 1 138 ? 5.434   7.601   11.435  1.00 28.44  ? 152 TYR A CA  1 
ATOM   1074 C C   . TYR A 1 138 ? 6.173   6.250   11.529  1.00 30.69  ? 152 TYR A C   1 
ATOM   1075 O O   . TYR A 1 138 ? 6.491   5.745   12.630  1.00 30.96  ? 152 TYR A O   1 
ATOM   1076 C CB  . TYR A 1 138 ? 3.927   7.360   11.395  1.00 28.99  ? 152 TYR A CB  1 
ATOM   1077 C CG  . TYR A 1 138 ? 3.446   6.342   12.391  1.00 29.05  ? 152 TYR A CG  1 
ATOM   1078 C CD1 . TYR A 1 138 ? 3.146   6.693   13.702  1.00 31.19  ? 152 TYR A CD1 1 
ATOM   1079 C CD2 . TYR A 1 138 ? 3.331   5.001   12.027  1.00 30.55  ? 152 TYR A CD2 1 
ATOM   1080 C CE1 . TYR A 1 138 ? 2.738   5.734   14.624  1.00 31.40  ? 152 TYR A CE1 1 
ATOM   1081 C CE2 . TYR A 1 138 ? 2.941   4.038   12.938  1.00 31.79  ? 152 TYR A CE2 1 
ATOM   1082 C CZ  . TYR A 1 138 ? 2.642   4.399   14.235  1.00 32.85  ? 152 TYR A CZ  1 
ATOM   1083 O OH  . TYR A 1 138 ? 2.241   3.408   15.125  1.00 35.56  ? 152 TYR A OH  1 
ATOM   1084 N N   . PHE A 1 139 ? 6.422   5.655   10.368  1.00 30.49  ? 153 PHE A N   1 
ATOM   1085 C CA  . PHE A 1 139 ? 6.979   4.297   10.301  1.00 30.86  ? 153 PHE A CA  1 
ATOM   1086 C C   . PHE A 1 139 ? 8.472   4.222   10.682  1.00 35.46  ? 153 PHE A C   1 
ATOM   1087 O O   . PHE A 1 139 ? 8.999   3.121   10.884  1.00 35.18  ? 153 PHE A O   1 
ATOM   1088 C CB  . PHE A 1 139 ? 6.645   3.646   8.948   1.00 29.20  ? 153 PHE A CB  1 
ATOM   1089 C CG  . PHE A 1 139 ? 5.173   3.496   8.730   1.00 28.24  ? 153 PHE A CG  1 
ATOM   1090 C CD1 . PHE A 1 139 ? 4.469   2.503   9.393   1.00 28.59  ? 153 PHE A CD1 1 
ATOM   1091 C CD2 . PHE A 1 139 ? 4.461   4.402   7.955   1.00 27.79  ? 153 PHE A CD2 1 
ATOM   1092 C CE1 . PHE A 1 139 ? 3.098   2.381   9.253   1.00 28.45  ? 153 PHE A CE1 1 
ATOM   1093 C CE2 . PHE A 1 139 ? 3.081   4.293   7.815   1.00 27.00  ? 153 PHE A CE2 1 
ATOM   1094 C CZ  . PHE A 1 139 ? 2.392   3.281   8.460   1.00 27.19  ? 153 PHE A CZ  1 
ATOM   1095 N N   . LEU A 1 140 ? 9.119   5.377   10.856  1.00 32.86  ? 154 LEU A N   1 
ATOM   1096 C CA  . LEU A 1 140 ? 10.456  5.415   11.433  1.00 36.22  ? 154 LEU A CA  1 
ATOM   1097 C C   . LEU A 1 140 ? 10.476  5.432   12.963  1.00 37.51  ? 154 LEU A C   1 
ATOM   1098 O O   . LEU A 1 140 ? 11.495  5.124   13.545  1.00 37.01  ? 154 LEU A O   1 
ATOM   1099 C CB  . LEU A 1 140 ? 11.225  6.623   10.929  1.00 36.25  ? 154 LEU A CB  1 
ATOM   1100 C CG  . LEU A 1 140 ? 11.294  6.847   9.425   1.00 40.05  ? 154 LEU A CG  1 
ATOM   1101 C CD1 . LEU A 1 140 ? 12.051  8.132   9.150   1.00 41.45  ? 154 LEU A CD1 1 
ATOM   1102 C CD2 . LEU A 1 140 ? 11.956  5.686   8.720   1.00 37.92  ? 154 LEU A CD2 1 
ATOM   1103 N N   . HIS A 1 141 ? 9.384   5.848   13.609  1.00 36.52  ? 155 HIS A N   1 
ATOM   1104 C CA  . HIS A 1 141 ? 9.278   5.839   15.065  1.00 38.51  ? 155 HIS A CA  1 
ATOM   1105 C C   . HIS A 1 141 ? 7.860   5.470   15.440  1.00 40.48  ? 155 HIS A C   1 
ATOM   1106 O O   . HIS A 1 141 ? 7.120   6.291   15.979  1.00 41.92  ? 155 HIS A O   1 
ATOM   1107 C CB  . HIS A 1 141 ? 9.620   7.216   15.634  1.00 40.84  ? 155 HIS A CB  1 
ATOM   1108 C CG  . HIS A 1 141 ? 11.035  7.630   15.395  1.00 42.65  ? 155 HIS A CG  1 
ATOM   1109 N ND1 . HIS A 1 141 ? 12.099  7.067   16.076  1.00 43.29  ? 155 HIS A ND1 1 
ATOM   1110 C CD2 . HIS A 1 141 ? 11.570  8.517   14.522  1.00 43.36  ? 155 HIS A CD2 1 
ATOM   1111 C CE1 . HIS A 1 141 ? 13.225  7.607   15.646  1.00 43.84  ? 155 HIS A CE1 1 
ATOM   1112 N NE2 . HIS A 1 141 ? 12.933  8.495   14.707  1.00 44.47  ? 155 HIS A NE2 1 
ATOM   1113 N N   . PRO A 1 142 ? 7.456   4.237   15.126  1.00 37.51  ? 156 PRO A N   1 
ATOM   1114 C CA  . PRO A 1 142 ? 6.077   3.826   15.380  1.00 39.88  ? 156 PRO A CA  1 
ATOM   1115 C C   . PRO A 1 142 ? 5.820   3.532   16.862  1.00 42.37  ? 156 PRO A C   1 
ATOM   1116 O O   . PRO A 1 142 ? 6.770   3.332   17.627  1.00 43.82  ? 156 PRO A O   1 
ATOM   1117 C CB  . PRO A 1 142 ? 5.955   2.527   14.547  1.00 41.75  ? 156 PRO A CB  1 
ATOM   1118 C CG  . PRO A 1 142 ? 7.345   1.960   14.571  1.00 38.87  ? 156 PRO A CG  1 
ATOM   1119 C CD  . PRO A 1 142 ? 8.270   3.140   14.544  1.00 38.35  ? 156 PRO A CD  1 
ATOM   1120 N N   . GLN A 1 143 ? 4.552   3.515   17.255  1.00 43.19  ? 157 GLN A N   1 
ATOM   1121 C CA  . GLN A 1 143 ? 4.143   3.041   18.585  1.00 51.25  ? 157 GLN A CA  1 
ATOM   1122 C C   . GLN A 1 143 ? 3.862   1.527   18.541  1.00 52.19  ? 157 GLN A C   1 
ATOM   1123 O O   . GLN A 1 143 ? 2.817   1.096   18.024  1.00 48.44  ? 157 GLN A O   1 
ATOM   1124 C CB  . GLN A 1 143 ? 2.921   3.822   19.088  1.00 54.84  ? 157 GLN A CB  1 
ATOM   1125 C CG  . GLN A 1 143 ? 2.623   3.605   20.569  1.00 65.80  ? 157 GLN A CG  1 
ATOM   1126 C CD  . GLN A 1 143 ? 1.307   4.234   21.007  1.00 75.22  ? 157 GLN A CD  1 
ATOM   1127 O OE1 . GLN A 1 143 ? 0.879   5.256   20.459  1.00 84.25  ? 157 GLN A OE1 1 
ATOM   1128 N NE2 . GLN A 1 143 ? 0.661   3.627   22.000  1.00 76.32  ? 157 GLN A NE2 1 
ATOM   1129 N N   . VAL A 1 144 ? 4.794   0.736   19.092  1.00 50.50  ? 158 VAL A N   1 
ATOM   1130 C CA  . VAL A 1 144 ? 4.811   -0.722  18.927  1.00 55.04  ? 158 VAL A CA  1 
ATOM   1131 C C   . VAL A 1 144 ? 4.171   -1.434  20.133  1.00 59.27  ? 158 VAL A C   1 
ATOM   1132 O O   . VAL A 1 144 ? 4.460   -1.087  21.279  1.00 61.44  ? 158 VAL A O   1 
ATOM   1133 C CB  . VAL A 1 144 ? 6.260   -1.249  18.724  1.00 55.50  ? 158 VAL A CB  1 
ATOM   1134 C CG1 . VAL A 1 144 ? 6.262   -2.747  18.447  1.00 58.77  ? 158 VAL A CG1 1 
ATOM   1135 C CG2 . VAL A 1 144 ? 6.956   -0.508  17.594  1.00 54.06  ? 158 VAL A CG2 1 
ATOM   1136 N N   . HIS A 1 145 ? 3.311   -2.419  19.853  1.00 61.69  ? 159 HIS A N   1 
ATOM   1137 C CA  . HIS A 1 145 ? 2.680   -3.300  20.856  1.00 68.39  ? 159 HIS A CA  1 
ATOM   1138 C C   . HIS A 1 145 ? 2.980   -4.736  20.473  1.00 70.20  ? 159 HIS A C   1 
ATOM   1139 O O   . HIS A 1 145 ? 3.004   -5.058  19.287  1.00 74.07  ? 159 HIS A O   1 
ATOM   1140 C CB  . HIS A 1 145 ? 1.160   -3.086  20.889  1.00 72.42  ? 159 HIS A CB  1 
ATOM   1141 C CG  . HIS A 1 145 ? 0.764   -1.795  21.520  1.00 84.68  ? 159 HIS A CG  1 
ATOM   1142 N ND1 . HIS A 1 145 ? 1.120   -0.573  20.987  1.00 89.69  ? 159 HIS A ND1 1 
ATOM   1143 C CD2 . HIS A 1 145 ? 0.086   -1.527  22.661  1.00 93.05  ? 159 HIS A CD2 1 
ATOM   1144 C CE1 . HIS A 1 145 ? 0.665   0.391   21.764  1.00 91.70  ? 159 HIS A CE1 1 
ATOM   1145 N NE2 . HIS A 1 145 ? 0.033   -0.158  22.787  1.00 96.15  ? 159 HIS A NE2 1 
ATOM   1146 N N   . ASP A 1 146 ? 3.214   -5.596  21.459  1.00 72.01  ? 160 ASP A N   1 
ATOM   1147 C CA  . ASP A 1 146 ? 3.535   -7.007  21.195  1.00 77.40  ? 160 ASP A CA  1 
ATOM   1148 C C   . ASP A 1 146 ? 2.367   -7.930  21.572  1.00 79.39  ? 160 ASP A C   1 
ATOM   1149 O O   . ASP A 1 146 ? 1.933   -7.920  22.725  1.00 81.86  ? 160 ASP A O   1 
ATOM   1150 C CB  . ASP A 1 146 ? 4.815   -7.375  21.941  1.00 80.65  ? 160 ASP A CB  1 
ATOM   1151 C CG  . ASP A 1 146 ? 6.018   -6.541  21.488  1.00 82.70  ? 160 ASP A CG  1 
ATOM   1152 O OD1 . ASP A 1 146 ? 5.907   -5.779  20.500  1.00 86.37  ? 160 ASP A OD1 1 
ATOM   1153 O OD2 . ASP A 1 146 ? 7.082   -6.636  22.125  1.00 84.38  ? 160 ASP A OD2 1 
ATOM   1154 N N   . GLN A 1 147 ? 1.854   -8.697  20.597  1.00 76.87  ? 161 GLN A N   1 
ATOM   1155 C CA  . GLN A 1 147 ? 0.698   -9.606  20.790  1.00 76.40  ? 161 GLN A CA  1 
ATOM   1156 C C   . GLN A 1 147 ? 1.126   -11.070 20.691  1.00 75.99  ? 161 GLN A C   1 
ATOM   1157 O O   . GLN A 1 147 ? 1.891   -11.565 21.526  1.00 83.44  ? 161 GLN A O   1 
ATOM   1158 C CB  . GLN A 1 147 ? -0.408  -9.317  19.764  1.00 71.74  ? 161 GLN A CB  1 
ATOM   1159 N N   . ILE A 1 158 ? 5.587   -14.175 20.322  1.00 109.90 ? 172 ILE A N   1 
ATOM   1160 C CA  . ILE A 1 158 ? 5.420   -12.719 20.381  1.00 113.06 ? 172 ILE A CA  1 
ATOM   1161 C C   . ILE A 1 158 ? 5.538   -12.132 18.963  1.00 104.39 ? 172 ILE A C   1 
ATOM   1162 O O   . ILE A 1 158 ? 6.309   -12.633 18.150  1.00 103.91 ? 172 ILE A O   1 
ATOM   1163 C CB  . ILE A 1 158 ? 6.431   -12.089 21.392  1.00 116.13 ? 172 ILE A CB  1 
ATOM   1164 C CG1 . ILE A 1 158 ? 5.975   -12.326 22.862  1.00 115.59 ? 172 ILE A CG1 1 
ATOM   1165 C CG2 . ILE A 1 158 ? 6.705   -10.609 21.099  1.00 115.48 ? 172 ILE A CG2 1 
ATOM   1166 C CD1 . ILE A 1 158 ? 4.629   -11.745 23.288  1.00 109.41 ? 172 ILE A CD1 1 
ATOM   1167 N N   . ASN A 1 159 ? 4.758   -11.085 18.674  1.00 99.83  ? 173 ASN A N   1 
ATOM   1168 C CA  . ASN A 1 159 ? 4.675   -10.501 17.318  1.00 87.75  ? 173 ASN A CA  1 
ATOM   1169 C C   . ASN A 1 159 ? 4.306   -8.984  17.349  1.00 78.60  ? 173 ASN A C   1 
ATOM   1170 O O   . ASN A 1 159 ? 3.443   -8.558  18.122  1.00 74.02  ? 173 ASN A O   1 
ATOM   1171 C CB  . ASN A 1 159 ? 3.743   -11.375 16.430  1.00 84.01  ? 173 ASN A CB  1 
ATOM   1172 C CG  . ASN A 1 159 ? 2.383   -10.748 16.171  1.00 84.48  ? 173 ASN A CG  1 
ATOM   1173 O OD1 . ASN A 1 159 ? 2.060   -10.425 15.028  1.00 81.19  ? 173 ASN A OD1 1 
ATOM   1174 N ND2 . ASN A 1 159 ? 1.575   -10.585 17.222  1.00 84.92  ? 173 ASN A ND2 1 
ATOM   1175 N N   . HIS A 1 160 ? 4.980   -8.187  16.510  1.00 74.44  ? 174 HIS A N   1 
ATOM   1176 C CA  . HIS A 1 160 ? 4.952   -6.709  16.587  1.00 68.06  ? 174 HIS A CA  1 
ATOM   1177 C C   . HIS A 1 160 ? 3.806   -6.060  15.802  1.00 60.46  ? 174 HIS A C   1 
ATOM   1178 O O   . HIS A 1 160 ? 3.622   -6.339  14.620  1.00 60.63  ? 174 HIS A O   1 
ATOM   1179 C CB  . HIS A 1 160 ? 6.282   -6.119  16.093  1.00 71.39  ? 174 HIS A CB  1 
ATOM   1180 C CG  . HIS A 1 160 ? 7.479   -6.599  16.854  1.00 79.72  ? 174 HIS A CG  1 
ATOM   1181 N ND1 . HIS A 1 160 ? 7.445   -6.853  18.210  1.00 80.94  ? 174 HIS A ND1 1 
ATOM   1182 C CD2 . HIS A 1 160 ? 8.747   -6.857  16.454  1.00 80.74  ? 174 HIS A CD2 1 
ATOM   1183 C CE1 . HIS A 1 160 ? 8.637   -7.261  18.608  1.00 82.73  ? 174 HIS A CE1 1 
ATOM   1184 N NE2 . HIS A 1 160 ? 9.445   -7.269  17.561  1.00 84.84  ? 174 HIS A NE2 1 
ATOM   1185 N N   . ILE A 1 161 ? 3.085   -5.165  16.473  1.00 54.63  ? 175 ILE A N   1 
ATOM   1186 C CA  . ILE A 1 161 ? 1.897   -4.485  15.951  1.00 55.11  ? 175 ILE A CA  1 
ATOM   1187 C C   . ILE A 1 161 ? 2.073   -2.984  16.175  1.00 51.37  ? 175 ILE A C   1 
ATOM   1188 O O   . ILE A 1 161 ? 2.418   -2.572  17.279  1.00 50.38  ? 175 ILE A O   1 
ATOM   1189 C CB  . ILE A 1 161 ? 0.634   -4.970  16.705  1.00 58.25  ? 175 ILE A CB  1 
ATOM   1190 C CG1 . ILE A 1 161 ? 0.266   -6.388  16.246  1.00 65.46  ? 175 ILE A CG1 1 
ATOM   1191 C CG2 . ILE A 1 161 ? -0.565  -4.047  16.508  1.00 59.61  ? 175 ILE A CG2 1 
ATOM   1192 C CD1 . ILE A 1 161 ? -0.700  -7.116  17.176  1.00 69.65  ? 175 ILE A CD1 1 
ATOM   1193 N N   . PHE A 1 162 ? 1.801   -2.178  15.146  1.00 42.23  ? 176 PHE A N   1 
ATOM   1194 C CA  . PHE A 1 162 ? 1.830   -0.718  15.259  1.00 39.93  ? 176 PHE A CA  1 
ATOM   1195 C C   . PHE A 1 162 ? 0.444   -0.175  15.607  1.00 38.88  ? 176 PHE A C   1 
ATOM   1196 O O   . PHE A 1 162 ? -0.530  -0.621  15.042  1.00 37.28  ? 176 PHE A O   1 
ATOM   1197 C CB  . PHE A 1 162 ? 2.246   -0.085  13.940  1.00 37.33  ? 176 PHE A CB  1 
ATOM   1198 C CG  . PHE A 1 162 ? 3.616   -0.466  13.457  1.00 36.18  ? 176 PHE A CG  1 
ATOM   1199 C CD1 . PHE A 1 162 ? 4.627   -0.923  14.320  1.00 39.24  ? 176 PHE A CD1 1 
ATOM   1200 C CD2 . PHE A 1 162 ? 3.907   -0.339  12.111  1.00 35.53  ? 176 PHE A CD2 1 
ATOM   1201 C CE1 . PHE A 1 162 ? 5.902   -1.227  13.812  1.00 38.39  ? 176 PHE A CE1 1 
ATOM   1202 C CE2 . PHE A 1 162 ? 5.152   -0.652  11.617  1.00 34.21  ? 176 PHE A CE2 1 
ATOM   1203 C CZ  . PHE A 1 162 ? 6.154   -1.085  12.459  1.00 34.32  ? 176 PHE A CZ  1 
ATOM   1204 N N   . GLU A 1 163 ? 0.367   0.819   16.491  1.00 40.63  ? 177 GLU A N   1 
ATOM   1205 C CA  . GLU A 1 163 ? -0.888  1.549   16.755  1.00 41.53  ? 177 GLU A CA  1 
ATOM   1206 C C   . GLU A 1 163 ? -0.757  2.982   16.316  1.00 36.99  ? 177 GLU A C   1 
ATOM   1207 O O   . GLU A 1 163 ? 0.148   3.686   16.770  1.00 36.16  ? 177 GLU A O   1 
ATOM   1208 C CB  . GLU A 1 163 ? -1.238  1.570   18.231  1.00 49.40  ? 177 GLU A CB  1 
ATOM   1209 C CG  . GLU A 1 163 ? -1.656  0.226   18.795  1.00 59.32  ? 177 GLU A CG  1 
ATOM   1210 C CD  . GLU A 1 163 ? -2.524  0.361   20.043  1.00 70.90  ? 177 GLU A CD  1 
ATOM   1211 O OE1 . GLU A 1 163 ? -2.690  1.505   20.556  1.00 72.19  ? 177 GLU A OE1 1 
ATOM   1212 O OE2 . GLU A 1 163 ? -3.038  -0.685  20.507  1.00 75.44  ? 177 GLU A OE2 1 
ATOM   1213 N N   . TYR A 1 164 ? -1.658  3.418   15.448  1.00 33.91  ? 178 TYR A N   1 
ATOM   1214 C CA  . TYR A 1 164 ? -1.649  4.795   14.939  1.00 35.53  ? 178 TYR A CA  1 
ATOM   1215 C C   . TYR A 1 164 ? -2.962  5.455   15.303  1.00 35.67  ? 178 TYR A C   1 
ATOM   1216 O O   . TYR A 1 164 ? -4.048  4.935   14.984  1.00 37.62  ? 178 TYR A O   1 
ATOM   1217 C CB  . TYR A 1 164 ? -1.446  4.869   13.403  1.00 35.27  ? 178 TYR A CB  1 
ATOM   1218 C CG  . TYR A 1 164 ? -1.587  6.285   12.878  1.00 34.97  ? 178 TYR A CG  1 
ATOM   1219 C CD1 . TYR A 1 164 ? -0.569  7.210   13.074  1.00 38.85  ? 178 TYR A CD1 1 
ATOM   1220 C CD2 . TYR A 1 164 ? -2.770  6.737   12.265  1.00 35.86  ? 178 TYR A CD2 1 
ATOM   1221 C CE1 . TYR A 1 164 ? -0.696  8.530   12.636  1.00 37.46  ? 178 TYR A CE1 1 
ATOM   1222 C CE2 . TYR A 1 164 ? -2.893  8.057   11.814  1.00 34.79  ? 178 TYR A CE2 1 
ATOM   1223 C CZ  . TYR A 1 164 ? -1.864  8.947   12.011  1.00 35.43  ? 178 TYR A CZ  1 
ATOM   1224 O OH  . TYR A 1 164 ? -1.941  10.279  11.627  1.00 39.70  ? 178 TYR A OH  1 
ATOM   1225 N N   . THR A 1 165 ? -2.857  6.607   15.954  1.00 37.30  ? 179 THR A N   1 
ATOM   1226 C CA  . THR A 1 165 ? -4.008  7.424   16.309  1.00 37.33  ? 179 THR A CA  1 
ATOM   1227 C C   . THR A 1 165 ? -4.081  8.661   15.406  1.00 35.93  ? 179 THR A C   1 
ATOM   1228 O O   . THR A 1 165 ? -3.118  9.425   15.322  1.00 36.05  ? 179 THR A O   1 
ATOM   1229 C CB  . THR A 1 165 ? -3.907  7.855   17.781  1.00 39.62  ? 179 THR A CB  1 
ATOM   1230 O OG1 . THR A 1 165 ? -3.769  6.686   18.602  1.00 38.94  ? 179 THR A OG1 1 
ATOM   1231 C CG2 . THR A 1 165 ? -5.140  8.659   18.197  1.00 39.17  ? 179 THR A CG2 1 
ATOM   1232 N N   . ASN A 1 166 ? -5.212  8.846   14.717  1.00 34.27  ? 180 ASN A N   1 
ATOM   1233 C CA  . ASN A 1 166 ? -5.406  9.991   13.828  1.00 34.71  ? 180 ASN A CA  1 
ATOM   1234 C C   . ASN A 1 166 ? -5.693  11.242  14.666  1.00 35.71  ? 180 ASN A C   1 
ATOM   1235 O O   . ASN A 1 166 ? -6.731  11.293  15.335  1.00 36.31  ? 180 ASN A O   1 
ATOM   1236 C CB  . ASN A 1 166 ? -6.588  9.699   12.897  1.00 35.51  ? 180 ASN A CB  1 
ATOM   1237 C CG  . ASN A 1 166 ? -6.866  10.810  11.913  1.00 37.32  ? 180 ASN A CG  1 
ATOM   1238 O OD1 . ASN A 1 166 ? -6.280  11.881  11.961  1.00 39.78  ? 180 ASN A OD1 1 
ATOM   1239 N ND2 . ASN A 1 166 ? -7.797  10.543  10.990  1.00 38.93  ? 180 ASN A ND2 1 
ATOM   1240 N N   . PRO A 1 167 ? -4.814  12.260  14.625  1.00 39.21  ? 181 PRO A N   1 
ATOM   1241 C CA  . PRO A 1 167 ? -5.055  13.483  15.463  1.00 40.59  ? 181 PRO A CA  1 
ATOM   1242 C C   . PRO A 1 167 ? -6.320  14.295  15.105  1.00 41.06  ? 181 PRO A C   1 
ATOM   1243 O O   . PRO A 1 167 ? -6.797  15.074  15.916  1.00 42.17  ? 181 PRO A O   1 
ATOM   1244 C CB  . PRO A 1 167 ? -3.783  14.349  15.236  1.00 39.41  ? 181 PRO A CB  1 
ATOM   1245 C CG  . PRO A 1 167 ? -2.814  13.473  14.501  1.00 41.00  ? 181 PRO A CG  1 
ATOM   1246 C CD  . PRO A 1 167 ? -3.612  12.417  13.781  1.00 39.19  ? 181 PRO A CD  1 
ATOM   1247 N N   . GLU A 1 168 ? -6.840  14.114  13.901  1.00 41.13  ? 182 GLU A N   1 
ATOM   1248 C CA  . GLU A 1 168 ? -8.114  14.707  13.478  1.00 47.36  ? 182 GLU A CA  1 
ATOM   1249 C C   . GLU A 1 168 ? -9.310  14.316  14.357  1.00 46.60  ? 182 GLU A C   1 
ATOM   1250 O O   . GLU A 1 168 ? -10.129 15.189  14.688  1.00 43.84  ? 182 GLU A O   1 
ATOM   1251 C CB  . GLU A 1 168 ? -8.449  14.291  12.039  1.00 51.16  ? 182 GLU A CB  1 
ATOM   1252 C CG  . GLU A 1 168 ? -7.525  14.868  10.977  1.00 58.94  ? 182 GLU A CG  1 
ATOM   1253 C CD  . GLU A 1 168 ? -7.679  16.365  10.816  1.00 66.34  ? 182 GLU A CD  1 
ATOM   1254 O OE1 . GLU A 1 168 ? -8.840  16.849  10.592  1.00 62.56  ? 182 GLU A OE1 1 
ATOM   1255 O OE2 . GLU A 1 168 ? -6.630  17.050  10.914  1.00 73.27  ? 182 GLU A OE2 1 
ATOM   1256 N N   . ASP A 1 169 ? -9.395  13.024  14.704  1.00 42.38  ? 183 ASP A N   1 
ATOM   1257 C CA  . ASP A 1 169 ? -10.547 12.443  15.394  1.00 39.63  ? 183 ASP A CA  1 
ATOM   1258 C C   . ASP A 1 169 ? -10.279 11.491  16.579  1.00 39.81  ? 183 ASP A C   1 
ATOM   1259 O O   . ASP A 1 169 ? -11.221 11.004  17.226  1.00 38.36  ? 183 ASP A O   1 
ATOM   1260 C CB  . ASP A 1 169 ? -11.468 11.783  14.369  1.00 38.10  ? 183 ASP A CB  1 
ATOM   1261 C CG  . ASP A 1 169 ? -10.839 10.569  13.687  1.00 45.20  ? 183 ASP A CG  1 
ATOM   1262 O OD1 . ASP A 1 169 ? -9.778  10.075  14.140  1.00 43.84  ? 183 ASP A OD1 1 
ATOM   1263 O OD2 . ASP A 1 169 ? -11.434 10.078  12.708  1.00 49.58  ? 183 ASP A OD2 1 
ATOM   1264 N N   . GLY A 1 170 ? -9.015  11.216  16.885  1.00 40.82  ? 184 GLY A N   1 
ATOM   1265 C CA  . GLY A 1 170 ? -8.651  10.279  17.974  1.00 37.10  ? 184 GLY A CA  1 
ATOM   1266 C C   . GLY A 1 170 ? -8.869  8.784   17.761  1.00 39.38  ? 184 GLY A C   1 
ATOM   1267 O O   . GLY A 1 170 ? -8.709  7.975   18.720  1.00 35.05  ? 184 GLY A O   1 
ATOM   1268 N N   . VAL A 1 171 ? -9.223  8.405   16.529  1.00 37.97  ? 185 VAL A N   1 
ATOM   1269 C CA  . VAL A 1 171 ? -9.439  7.003   16.190  1.00 40.15  ? 185 VAL A CA  1 
ATOM   1270 C C   . VAL A 1 171 ? -8.098  6.277   16.061  1.00 42.33  ? 185 VAL A C   1 
ATOM   1271 O O   . VAL A 1 171 ? -7.158  6.793   15.438  1.00 33.99  ? 185 VAL A O   1 
ATOM   1272 C CB  . VAL A 1 171 ? -10.230 6.842   14.880  1.00 42.12  ? 185 VAL A CB  1 
ATOM   1273 C CG1 . VAL A 1 171 ? -10.387 5.364   14.520  1.00 43.42  ? 185 VAL A CG1 1 
ATOM   1274 C CG2 . VAL A 1 171 ? -11.610 7.486   15.023  1.00 46.20  ? 185 VAL A CG2 1 
ATOM   1275 N N   . THR A 1 172 ? -8.050  5.086   16.651  1.00 38.84  ? 186 THR A N   1 
ATOM   1276 C CA  . THR A 1 172 ? -6.873  4.262   16.656  1.00 43.19  ? 186 THR A CA  1 
ATOM   1277 C C   . THR A 1 172 ? -7.000  3.095   15.658  1.00 41.51  ? 186 THR A C   1 
ATOM   1278 O O   . THR A 1 172 ? -8.033  2.458   15.564  1.00 41.50  ? 186 THR A O   1 
ATOM   1279 C CB  . THR A 1 172 ? -6.580  3.780   18.078  1.00 46.10  ? 186 THR A CB  1 
ATOM   1280 O OG1 . THR A 1 172 ? -6.398  4.931   18.914  1.00 44.58  ? 186 THR A OG1 1 
ATOM   1281 C CG2 . THR A 1 172 ? -5.289  2.953   18.126  1.00 50.41  ? 186 THR A CG2 1 
ATOM   1282 N N   . TYR A 1 173 ? -5.928  2.857   14.902  1.00 39.09  ? 187 TYR A N   1 
ATOM   1283 C CA  . TYR A 1 173 ? -5.838  1.760   13.947  1.00 37.87  ? 187 TYR A CA  1 
ATOM   1284 C C   . TYR A 1 173 ? -4.621  0.881   14.282  1.00 39.87  ? 187 TYR A C   1 
ATOM   1285 O O   . TYR A 1 173 ? -3.566  1.373   14.731  1.00 37.78  ? 187 TYR A O   1 
ATOM   1286 C CB  . TYR A 1 173 ? -5.648  2.317   12.551  1.00 37.66  ? 187 TYR A CB  1 
ATOM   1287 C CG  . TYR A 1 173 ? -6.765  3.179   12.055  1.00 39.00  ? 187 TYR A CG  1 
ATOM   1288 C CD1 . TYR A 1 173 ? -7.878  2.617   11.424  1.00 36.89  ? 187 TYR A CD1 1 
ATOM   1289 C CD2 . TYR A 1 173 ? -6.724  4.580   12.230  1.00 39.49  ? 187 TYR A CD2 1 
ATOM   1290 C CE1 . TYR A 1 173 ? -8.909  3.418   10.961  1.00 37.95  ? 187 TYR A CE1 1 
ATOM   1291 C CE2 . TYR A 1 173 ? -7.740  5.397   11.768  1.00 40.06  ? 187 TYR A CE2 1 
ATOM   1292 C CZ  . TYR A 1 173 ? -8.836  4.828   11.128  1.00 41.09  ? 187 TYR A CZ  1 
ATOM   1293 O OH  . TYR A 1 173 ? -9.853  5.665   10.672  1.00 38.84  ? 187 TYR A OH  1 
ATOM   1294 N N   . GLN A 1 174 ? -4.783  -0.415  14.049  1.00 40.30  ? 188 GLN A N   1 
ATOM   1295 C CA  . GLN A 1 174 ? -3.730  -1.402  14.256  1.00 41.54  ? 188 GLN A CA  1 
ATOM   1296 C C   . GLN A 1 174 ? -3.236  -1.879  12.909  1.00 39.23  ? 188 GLN A C   1 
ATOM   1297 O O   . GLN A 1 174 ? -4.032  -2.293  12.096  1.00 36.78  ? 188 GLN A O   1 
ATOM   1298 C CB  . GLN A 1 174 ? -4.268  -2.571  15.077  1.00 45.94  ? 188 GLN A CB  1 
ATOM   1299 C CG  . GLN A 1 174 ? -4.625  -2.143  16.495  1.00 51.62  ? 188 GLN A CG  1 
ATOM   1300 C CD  . GLN A 1 174 ? -4.587  -3.288  17.472  1.00 61.85  ? 188 GLN A CD  1 
ATOM   1301 O OE1 . GLN A 1 174 ? -5.077  -4.402  17.194  1.00 66.52  ? 188 GLN A OE1 1 
ATOM   1302 N NE2 . GLN A 1 174 ? -3.995  -3.028  18.634  1.00 69.28  ? 188 GLN A NE2 1 
ATOM   1303 N N   . ILE A 1 175 ? -1.924  -1.800  12.689  1.00 34.90  ? 189 ILE A N   1 
ATOM   1304 C CA  . ILE A 1 175 ? -1.314  -2.135  11.401  1.00 35.35  ? 189 ILE A CA  1 
ATOM   1305 C C   . ILE A 1 175 ? -0.309  -3.253  11.707  1.00 36.06  ? 189 ILE A C   1 
ATOM   1306 O O   . ILE A 1 175 ? 0.539   -3.091  12.603  1.00 33.51  ? 189 ILE A O   1 
ATOM   1307 C CB  . ILE A 1 175 ? -0.578  -0.917  10.763  1.00 34.32  ? 189 ILE A CB  1 
ATOM   1308 C CG1 . ILE A 1 175 ? -1.468  0.335   10.811  1.00 36.34  ? 189 ILE A CG1 1 
ATOM   1309 C CG2 . ILE A 1 175 ? -0.167  -1.222  9.314   1.00 33.80  ? 189 ILE A CG2 1 
ATOM   1310 C CD1 . ILE A 1 175 ? -0.818  1.601   10.266  1.00 35.39  ? 189 ILE A CD1 1 
ATOM   1311 N N   . LYS A 1 176 ? -0.417  -4.376  11.005  1.00 35.00  ? 190 LYS A N   1 
ATOM   1312 C CA  . LYS A 1 176 ? 0.436   -5.523  11.307  1.00 36.61  ? 190 LYS A CA  1 
ATOM   1313 C C   . LYS A 1 176 ? 0.773   -6.348  10.076  1.00 33.87  ? 190 LYS A C   1 
ATOM   1314 O O   . LYS A 1 176 ? 0.312   -6.057  8.967   1.00 31.37  ? 190 LYS A O   1 
ATOM   1315 C CB  . LYS A 1 176 ? -0.226  -6.367  12.386  1.00 42.41  ? 190 LYS A CB  1 
ATOM   1316 C CG  . LYS A 1 176 ? -1.477  -7.052  11.925  1.00 47.66  ? 190 LYS A CG  1 
ATOM   1317 C CD  . LYS A 1 176 ? -2.384  -7.526  13.059  1.00 55.94  ? 190 LYS A CD  1 
ATOM   1318 C CE  . LYS A 1 176 ? -3.340  -8.581  12.484  1.00 61.48  ? 190 LYS A CE  1 
ATOM   1319 N NZ  . LYS A 1 176 ? -4.363  -9.113  13.430  1.00 69.04  ? 190 LYS A NZ  1 
ATOM   1320 N N   . GLY A 1 177 ? 1.633   -7.345  10.256  1.00 31.09  ? 191 GLY A N   1 
ATOM   1321 C CA  . GLY A 1 177 ? 1.915   -8.326  9.174   1.00 29.85  ? 191 GLY A CA  1 
ATOM   1322 C C   . GLY A 1 177 ? 2.596   -7.725  7.945   1.00 28.13  ? 191 GLY A C   1 
ATOM   1323 O O   . GLY A 1 177 ? 3.446   -6.828  8.074   1.00 26.49  ? 191 GLY A O   1 
ATOM   1324 N N   . MET A 1 178 ? 2.254   -8.251  6.762   1.00 27.20  ? 192 MET A N   1 
ATOM   1325 C CA  . MET A 1 178 ? 2.842   -7.807  5.497   1.00 28.24  ? 192 MET A CA  1 
ATOM   1326 C C   . MET A 1 178 ? 2.660   -6.296  5.296   1.00 27.04  ? 192 MET A C   1 
ATOM   1327 O O   . MET A 1 178 ? 3.577   -5.593  4.823   1.00 25.40  ? 192 MET A O   1 
ATOM   1328 C CB  . MET A 1 178 ? 2.175   -8.545  4.332   1.00 29.64  ? 192 MET A CB  1 
ATOM   1329 C CG  . MET A 1 178 ? 2.782   -8.318  2.951   1.00 31.33  ? 192 MET A CG  1 
ATOM   1330 S SD  . MET A 1 178 ? 1.722   -8.951  1.603   1.00 35.32  ? 192 MET A SD  1 
ATOM   1331 C CE  . MET A 1 178 ? 0.386   -7.732  1.613   1.00 35.80  ? 192 MET A CE  1 
ATOM   1332 N N   . THR A 1 179 ? 1.462   -5.824  5.624   1.00 27.48  ? 193 THR A N   1 
ATOM   1333 C CA  . THR A 1 179 ? 1.127   -4.390  5.514   1.00 27.75  ? 193 THR A CA  1 
ATOM   1334 C C   . THR A 1 179 ? 2.113   -3.531  6.316   1.00 26.15  ? 193 THR A C   1 
ATOM   1335 O O   . THR A 1 179 ? 2.684   -2.587  5.780   1.00 26.24  ? 193 THR A O   1 
ATOM   1336 C CB  . THR A 1 179 ? -0.337  -4.133  5.944   1.00 28.83  ? 193 THR A CB  1 
ATOM   1337 O OG1 . THR A 1 179 ? -1.201  -4.965  5.157   1.00 28.58  ? 193 THR A OG1 1 
ATOM   1338 C CG2 . THR A 1 179 ? -0.738  -2.626  5.734   1.00 29.12  ? 193 THR A CG2 1 
ATOM   1339 N N   . ALA A 1 180 ? 2.330   -3.855  7.592   1.00 25.94  ? 194 ALA A N   1 
ATOM   1340 C CA  . ALA A 1 180 ? 3.305   -3.105  8.419   1.00 25.17  ? 194 ALA A CA  1 
ATOM   1341 C C   . ALA A 1 180 ? 4.726   -3.202  7.874   1.00 25.51  ? 194 ALA A C   1 
ATOM   1342 O O   . ALA A 1 180 ? 5.458   -2.187  7.811   1.00 26.12  ? 194 ALA A O   1 
ATOM   1343 C CB  . ALA A 1 180 ? 3.263   -3.543  9.884   1.00 28.09  ? 194 ALA A CB  1 
ATOM   1344 N N   . ASN A 1 181 ? 5.114   -4.399  7.425   1.00 24.90  ? 195 ASN A N   1 
ATOM   1345 C CA  . ASN A 1 181 ? 6.458   -4.603  6.854   1.00 24.85  ? 195 ASN A CA  1 
ATOM   1346 C C   . ASN A 1 181 ? 6.709   -3.766  5.595   1.00 23.15  ? 195 ASN A C   1 
ATOM   1347 O O   . ASN A 1 181 ? 7.767   -3.146  5.468   1.00 23.14  ? 195 ASN A O   1 
ATOM   1348 C CB  . ASN A 1 181 ? 6.743   -6.113  6.623   1.00 27.61  ? 195 ASN A CB  1 
ATOM   1349 C CG  . ASN A 1 181 ? 7.073   -6.829  7.919   1.00 31.01  ? 195 ASN A CG  1 
ATOM   1350 O OD1 . ASN A 1 181 ? 8.255   -7.027  8.235   1.00 43.60  ? 195 ASN A OD1 1 
ATOM   1351 N ND2 . ASN A 1 181 ? 6.075   -7.137  8.712   1.00 32.74  ? 195 ASN A ND2 1 
ATOM   1352 N N   . LEU A 1 182 ? 5.750   -3.726  4.678   1.00 23.68  ? 196 LEU A N   1 
ATOM   1353 C CA  . LEU A 1 182 ? 5.894   -2.925  3.446   1.00 23.64  ? 196 LEU A CA  1 
ATOM   1354 C C   . LEU A 1 182 ? 5.903   -1.409  3.724   1.00 23.17  ? 196 LEU A C   1 
ATOM   1355 O O   . LEU A 1 182 ? 6.624   -0.617  3.052   1.00 22.87  ? 196 LEU A O   1 
ATOM   1356 C CB  . LEU A 1 182 ? 4.818   -3.288  2.415   1.00 24.53  ? 196 LEU A CB  1 
ATOM   1357 C CG  . LEU A 1 182 ? 4.922   -4.675  1.732   1.00 26.25  ? 196 LEU A CG  1 
ATOM   1358 C CD1 . LEU A 1 182 ? 3.661   -5.067  0.961   1.00 28.24  ? 196 LEU A CD1 1 
ATOM   1359 C CD2 . LEU A 1 182 ? 6.157   -4.795  0.855   1.00 26.18  ? 196 LEU A CD2 1 
ATOM   1360 N N   . ALA A 1 183 ? 5.125   -1.004  4.721   1.00 23.84  ? 197 ALA A N   1 
ATOM   1361 C CA  . ALA A 1 183 ? 5.132   0.436   5.131   1.00 24.92  ? 197 ALA A CA  1 
ATOM   1362 C C   . ALA A 1 183 ? 6.508   0.897   5.599   1.00 24.18  ? 197 ALA A C   1 
ATOM   1363 O O   . ALA A 1 183 ? 6.986   1.956   5.214   1.00 25.84  ? 197 ALA A O   1 
ATOM   1364 C CB  . ALA A 1 183 ? 4.100   0.674   6.211   1.00 24.50  ? 197 ALA A CB  1 
ATOM   1365 N N   . VAL A 1 184 ? 7.147   0.080   6.438   1.00 26.31  ? 198 VAL A N   1 
ATOM   1366 C CA  . VAL A 1 184 ? 8.500   0.376   6.948   1.00 25.95  ? 198 VAL A CA  1 
ATOM   1367 C C   . VAL A 1 184 ? 9.488   0.428   5.805   1.00 23.68  ? 198 VAL A C   1 
ATOM   1368 O O   . VAL A 1 184 ? 10.298  1.360   5.715   1.00 23.93  ? 198 VAL A O   1 
ATOM   1369 C CB  . VAL A 1 184 ? 8.947   -0.632  8.051   1.00 26.57  ? 198 VAL A CB  1 
ATOM   1370 C CG1 . VAL A 1 184 ? 10.440  -0.494  8.366   1.00 27.52  ? 198 VAL A CG1 1 
ATOM   1371 C CG2 . VAL A 1 184 ? 8.112   -0.439  9.301   1.00 28.16  ? 198 VAL A CG2 1 
ATOM   1372 N N   . LEU A 1 185 ? 9.411   -0.546  4.904   1.00 24.82  ? 199 LEU A N   1 
ATOM   1373 C CA  . LEU A 1 185 ? 10.264  -0.558  3.727   1.00 23.23  ? 199 LEU A CA  1 
ATOM   1374 C C   . LEU A 1 185 ? 10.207  0.729   2.877   1.00 24.73  ? 199 LEU A C   1 
ATOM   1375 O O   . LEU A 1 185 ? 11.247  1.305   2.543   1.00 23.83  ? 199 LEU A O   1 
ATOM   1376 C CB  . LEU A 1 185 ? 9.948   -1.760  2.849   1.00 25.09  ? 199 LEU A CB  1 
ATOM   1377 C CG  . LEU A 1 185 ? 10.678  -1.845  1.500   1.00 26.96  ? 199 LEU A CG  1 
ATOM   1378 C CD1 . LEU A 1 185 ? 12.190  -1.913  1.679   1.00 27.19  ? 199 LEU A CD1 1 
ATOM   1379 C CD2 . LEU A 1 185 ? 10.168  -3.042  0.723   1.00 29.10  ? 199 LEU A CD2 1 
ATOM   1380 N N   . VAL A 1 186 ? 8.990   1.162   2.516   1.00 24.37  ? 200 VAL A N   1 
ATOM   1381 C CA  . VAL A 1 186 ? 8.795   2.396   1.739   1.00 25.47  ? 200 VAL A CA  1 
ATOM   1382 C C   . VAL A 1 186 ? 9.348   3.623   2.497   1.00 23.99  ? 200 VAL A C   1 
ATOM   1383 O O   . VAL A 1 186 ? 10.076  4.400   1.930   1.00 25.10  ? 200 VAL A O   1 
ATOM   1384 C CB  . VAL A 1 186 ? 7.292   2.578   1.362   1.00 27.10  ? 200 VAL A CB  1 
ATOM   1385 C CG1 . VAL A 1 186 ? 7.070   3.900   0.649   1.00 29.77  ? 200 VAL A CG1 1 
ATOM   1386 C CG2 . VAL A 1 186 ? 6.903   1.470   0.419   1.00 30.52  ? 200 VAL A CG2 1 
ATOM   1387 N N   . ALA A 1 187 ? 9.069   3.718   3.800   1.00 25.91  ? 201 ALA A N   1 
ATOM   1388 C CA  . ALA A 1 187 ? 9.618   4.808   4.621   1.00 27.73  ? 201 ALA A CA  1 
ATOM   1389 C C   . ALA A 1 187 ? 11.164  4.841   4.600   1.00 25.58  ? 201 ALA A C   1 
ATOM   1390 O O   . ALA A 1 187 ? 11.787  5.922   4.447   1.00 25.30  ? 201 ALA A O   1 
ATOM   1391 C CB  . ALA A 1 187 ? 9.090   4.704   6.038   1.00 28.40  ? 201 ALA A CB  1 
ATOM   1392 N N   . PHE A 1 188 ? 11.800  3.677   4.746   1.00 26.46  ? 202 PHE A N   1 
ATOM   1393 C CA  . PHE A 1 188 ? 13.273  3.620   4.658   1.00 25.92  ? 202 PHE A CA  1 
ATOM   1394 C C   . PHE A 1 188 ? 13.797  4.101   3.295   1.00 26.04  ? 202 PHE A C   1 
ATOM   1395 O O   . PHE A 1 188 ? 14.754  4.907   3.230   1.00 24.96  ? 202 PHE A O   1 
ATOM   1396 C CB  . PHE A 1 188 ? 13.867  2.206   4.946   1.00 27.71  ? 202 PHE A CB  1 
ATOM   1397 C CG  . PHE A 1 188 ? 13.808  1.714   6.384   1.00 28.30  ? 202 PHE A CG  1 
ATOM   1398 C CD1 . PHE A 1 188 ? 13.601  2.539   7.479   1.00 29.88  ? 202 PHE A CD1 1 
ATOM   1399 C CD2 . PHE A 1 188 ? 14.077  0.355   6.630   1.00 31.39  ? 202 PHE A CD2 1 
ATOM   1400 C CE1 . PHE A 1 188 ? 13.580  2.030   8.781   1.00 31.90  ? 202 PHE A CE1 1 
ATOM   1401 C CE2 . PHE A 1 188 ? 14.080  -0.164  7.928   1.00 31.69  ? 202 PHE A CE2 1 
ATOM   1402 C CZ  . PHE A 1 188 ? 13.827  0.677   9.018   1.00 32.66  ? 202 PHE A CZ  1 
ATOM   1403 N N   . ILE A 1 189 ? 13.205  3.603   2.203   1.00 24.10  ? 203 ILE A N   1 
ATOM   1404 C CA  . ILE A 1 189 ? 13.674  3.928   0.863   1.00 24.53  ? 203 ILE A CA  1 
ATOM   1405 C C   . ILE A 1 189 ? 13.638  5.432   0.601   1.00 25.18  ? 203 ILE A C   1 
ATOM   1406 O O   . ILE A 1 189 ? 14.578  5.991   0.036   1.00 26.15  ? 203 ILE A O   1 
ATOM   1407 C CB  . ILE A 1 189 ? 12.849  3.197   -0.228  1.00 24.39  ? 203 ILE A CB  1 
ATOM   1408 C CG1 . ILE A 1 189 ? 13.192  1.692   -0.196  1.00 27.14  ? 203 ILE A CG1 1 
ATOM   1409 C CG2 . ILE A 1 189 ? 13.131  3.750   -1.624  1.00 24.74  ? 203 ILE A CG2 1 
ATOM   1410 C CD1 . ILE A 1 189 ? 12.283  0.825   -1.047  1.00 27.98  ? 203 ILE A CD1 1 
ATOM   1411 N N   . ILE A 1 190 ? 12.527  6.058   0.994   1.00 25.04  ? 204 ILE A N   1 
ATOM   1412 C CA  . ILE A 1 190 ? 12.252  7.463   0.650   1.00 27.07  ? 204 ILE A CA  1 
ATOM   1413 C C   . ILE A 1 190 ? 12.889  8.470   1.644   1.00 25.96  ? 204 ILE A C   1 
ATOM   1414 O O   . ILE A 1 190 ? 13.336  9.525   1.220   1.00 27.39  ? 204 ILE A O   1 
ATOM   1415 C CB  . ILE A 1 190 ? 10.718  7.691   0.527   1.00 28.43  ? 204 ILE A CB  1 
ATOM   1416 C CG1 . ILE A 1 190 ? 10.202  6.918   -0.699  1.00 26.75  ? 204 ILE A CG1 1 
ATOM   1417 C CG2 . ILE A 1 190 ? 10.364  9.192   0.476   1.00 29.92  ? 204 ILE A CG2 1 
ATOM   1418 C CD1 . ILE A 1 190 ? 8.690   6.876   -0.802  1.00 28.81  ? 204 ILE A CD1 1 
ATOM   1419 N N   . LEU A 1 191 ? 12.913  8.137   2.932   1.00 28.03  ? 205 LEU A N   1 
ATOM   1420 C CA  . LEU A 1 191 ? 13.322  9.073   3.991   1.00 28.02  ? 205 LEU A CA  1 
ATOM   1421 C C   . LEU A 1 191 ? 14.761  8.904   4.558   1.00 33.06  ? 205 LEU A C   1 
ATOM   1422 O O   . LEU A 1 191 ? 15.273  9.821   5.217   1.00 30.15  ? 205 LEU A O   1 
ATOM   1423 C CB  . LEU A 1 191 ? 12.322  9.041   5.116   1.00 27.36  ? 205 LEU A CB  1 
ATOM   1424 C CG  . LEU A 1 191 ? 10.872  9.395   4.683   1.00 29.46  ? 205 LEU A CG  1 
ATOM   1425 C CD1 . LEU A 1 191 ? 9.932   9.342   5.878   1.00 28.76  ? 205 LEU A CD1 1 
ATOM   1426 C CD2 . LEU A 1 191 ? 10.771  10.760  4.026   1.00 30.22  ? 205 LEU A CD2 1 
ATOM   1427 N N   . GLU A 1 192 ? 15.419  7.774   4.318   1.00 30.88  ? 206 GLU A N   1 
ATOM   1428 C CA  . GLU A 1 192 ? 16.786  7.599   4.878   1.00 37.29  ? 206 GLU A CA  1 
ATOM   1429 C C   . GLU A 1 192 ? 17.764  8.650   4.351   1.00 36.28  ? 206 GLU A C   1 
ATOM   1430 O O   . GLU A 1 192 ? 17.674  9.069   3.197   1.00 34.60  ? 206 GLU A O   1 
ATOM   1431 C CB  . GLU A 1 192 ? 17.359  6.195   4.610   1.00 38.43  ? 206 GLU A CB  1 
ATOM   1432 C CG  . GLU A 1 192 ? 17.800  5.984   3.174   1.00 40.68  ? 206 GLU A CG  1 
ATOM   1433 C CD  . GLU A 1 192 ? 18.415  4.607   2.898   1.00 48.05  ? 206 GLU A CD  1 
ATOM   1434 O OE1 . GLU A 1 192 ? 18.856  3.915   3.856   1.00 45.53  ? 206 GLU A OE1 1 
ATOM   1435 O OE2 . GLU A 1 192 ? 18.478  4.257   1.686   1.00 48.51  ? 206 GLU A OE2 1 
ATOM   1436 N N   . LYS A 1 193 ? 18.704  9.048   5.211   1.00 43.41  ? 207 LYS A N   1 
ATOM   1437 C CA  . LYS A 1 193 ? 19.788  9.964   4.856   1.00 50.17  ? 207 LYS A CA  1 
ATOM   1438 C C   . LYS A 1 193 ? 19.290  11.181  4.094   1.00 53.71  ? 207 LYS A C   1 
ATOM   1439 O O   . LYS A 1 193 ? 19.567  11.307  2.907   1.00 53.78  ? 207 LYS A O   1 
ATOM   1440 C CB  . LYS A 1 193 ? 20.857  9.242   4.040   1.00 55.09  ? 207 LYS A CB  1 
ATOM   1441 C CG  . LYS A 1 193 ? 21.572  8.138   4.796   1.00 60.76  ? 207 LYS A CG  1 
ATOM   1442 C CD  . LYS A 1 193 ? 22.495  7.371   3.845   1.00 70.19  ? 207 LYS A CD  1 
ATOM   1443 C CE  . LYS A 1 193 ? 22.590  5.882   4.189   1.00 73.49  ? 207 LYS A CE  1 
ATOM   1444 N NZ  . LYS A 1 193 ? 22.862  5.041   2.987   1.00 74.28  ? 207 LYS A NZ  1 
ATOM   1445 N N   . LYS A 1 194 ? 18.536  12.053  4.769   1.00 60.02  ? 208 LYS A N   1 
ATOM   1446 C CA  . LYS A 1 194 ? 17.978  13.279  4.153   1.00 69.83  ? 208 LYS A CA  1 
ATOM   1447 C C   . LYS A 1 194 ? 18.420  14.513  4.933   1.00 69.98  ? 208 LYS A C   1 
ATOM   1448 O O   . LYS A 1 194 ? 18.245  14.542  6.155   1.00 56.84  ? 208 LYS A O   1 
ATOM   1449 C CB  . LYS A 1 194 ? 16.446  13.237  4.133   1.00 75.45  ? 208 LYS A CB  1 
ATOM   1450 C CG  . LYS A 1 194 ? 15.868  12.413  2.993   1.00 83.88  ? 208 LYS A CG  1 
ATOM   1451 C CD  . LYS A 1 194 ? 15.911  13.138  1.647   1.00 86.93  ? 208 LYS A CD  1 
ATOM   1452 C CE  . LYS A 1 194 ? 14.533  13.596  1.188   1.00 89.29  ? 208 LYS A CE  1 
ATOM   1453 N NZ  . LYS A 1 194 ? 14.499  13.895  -0.264  1.00 93.43  ? 208 LYS A NZ  1 
ATOM   1454 N N   . PRO A 1 195 ? 18.988  15.535  4.236   1.00 82.65  ? 209 PRO A N   1 
ATOM   1455 C CA  . PRO A 1 195 ? 19.243  16.842  4.895   1.00 88.80  ? 209 PRO A CA  1 
ATOM   1456 C C   . PRO A 1 195 ? 17.949  17.539  5.399   1.00 91.71  ? 209 PRO A C   1 
ATOM   1457 O O   . PRO A 1 195 ? 16.878  17.303  4.838   1.00 99.96  ? 209 PRO A O   1 
ATOM   1458 C CB  . PRO A 1 195 ? 19.927  17.671  3.787   1.00 87.73  ? 209 PRO A CB  1 
ATOM   1459 C CG  . PRO A 1 195 ? 20.476  16.674  2.813   1.00 85.80  ? 209 PRO A CG  1 
ATOM   1460 C CD  . PRO A 1 195 ? 19.538  15.498  2.860   1.00 83.07  ? 209 PRO A CD  1 
ATOM   1461 N N   . THR A 1 196 ? 18.051  18.365  6.448   1.00 91.60  ? 210 THR A N   1 
ATOM   1462 C CA  . THR A 1 196 ? 16.903  19.129  6.982   1.00 91.56  ? 210 THR A CA  1 
ATOM   1463 C C   . THR A 1 196 ? 17.044  20.635  6.678   1.00 88.78  ? 210 THR A C   1 
ATOM   1464 O O   . THR A 1 196 ? 16.302  21.201  5.870   1.00 80.97  ? 210 THR A O   1 
ATOM   1465 C CB  . THR A 1 196 ? 16.730  18.911  8.509   1.00 90.78  ? 210 THR A CB  1 
ATOM   1466 O OG1 . THR A 1 196 ? 17.799  19.542  9.223   1.00 85.07  ? 210 THR A OG1 1 
ATOM   1467 C CG2 . THR A 1 196 ? 16.712  17.421  8.854   1.00 90.51  ? 210 THR A CG2 1 
HETATM 1468 C C   . ACT B 2 .   ? -8.097  -1.998  12.970  1.00 63.54  ? 301 ACT A C   1 
HETATM 1469 O O   . ACT B 2 .   ? -8.738  -1.449  12.051  1.00 68.11  ? 301 ACT A O   1 
HETATM 1470 O OXT . ACT B 2 .   ? -7.517  -1.305  13.834  1.00 54.12  ? 301 ACT A OXT 1 
HETATM 1471 C CH3 . ACT B 2 .   ? -8.034  -3.504  13.012  1.00 63.20  ? 301 ACT A CH3 1 
HETATM 1472 C C   . ACT C 2 .   ? -0.151  8.646   -15.043 1.00 78.06  ? 302 ACT A C   1 
HETATM 1473 O O   . ACT C 2 .   ? -1.288  8.130   -14.955 1.00 79.45  ? 302 ACT A O   1 
HETATM 1474 O OXT . ACT C 2 .   ? 0.021   9.837   -14.707 1.00 78.32  ? 302 ACT A OXT 1 
HETATM 1475 C CH3 . ACT C 2 .   ? 1.018   7.839   -15.554 1.00 73.82  ? 302 ACT A CH3 1 
HETATM 1476 S S   . DMS D 3 .   ? -12.471 10.599  -7.238  1.00 79.47  ? 303 DMS A S   1 
HETATM 1477 O O   . DMS D 3 .   ? -11.351 11.516  -6.830  1.00 45.77  ? 303 DMS A O   1 
HETATM 1478 C C1  . DMS D 3 .   ? -12.293 9.981   -8.836  1.00 68.75  ? 303 DMS A C1  1 
HETATM 1479 C C2  . DMS D 3 .   ? -12.504 9.071   -6.438  1.00 72.74  ? 303 DMS A C2  1 
HETATM 1480 S S   . DMS E 3 .   ? -0.265  15.857  -9.533  1.00 76.12  ? 304 DMS A S   1 
HETATM 1481 O O   . DMS E 3 .   ? -0.811  15.711  -8.138  1.00 50.18  ? 304 DMS A O   1 
HETATM 1482 C C1  . DMS E 3 .   ? -0.297  17.481  -10.088 1.00 69.04  ? 304 DMS A C1  1 
HETATM 1483 C C2  . DMS E 3 .   ? 1.425   15.551  -9.557  1.00 75.70  ? 304 DMS A C2  1 
HETATM 1484 N N1  . H4Y F 4 .   ? -2.820  -11.709 2.875   1.00 42.99  ? 305 H4Y A N1  1 
HETATM 1485 C C4  . H4Y F 4 .   ? -4.769  -10.205 0.961   1.00 42.35  ? 305 H4Y A C4  1 
HETATM 1486 C C5  . H4Y F 4 .   ? -3.921  -10.960 0.153   1.00 41.47  ? 305 H4Y A C5  1 
HETATM 1487 C C6  . H4Y F 4 .   ? -3.511  -12.339 0.531   1.00 41.46  ? 305 H4Y A C6  1 
HETATM 1488 C C7  . H4Y F 4 .   ? -3.616  -13.366 -0.411  1.00 39.65  ? 305 H4Y A C7  1 
HETATM 1489 C C8  . H4Y F 4 .   ? -3.234  -14.665 -0.107  1.00 41.21  ? 305 H4Y A C8  1 
HETATM 1490 C C10 . H4Y F 4 .   ? -2.617  -14.012 2.129   1.00 41.57  ? 305 H4Y A C10 1 
HETATM 1491 C C13 . H4Y F 4 .   ? -2.119  -9.739  3.991   1.00 44.71  ? 305 H4Y A C13 1 
HETATM 1492 C C15 . H4Y F 4 .   ? -3.524  -11.701 4.048   1.00 46.95  ? 305 H4Y A C15 1 
HETATM 1493 C C17 . H4Y F 4 .   ? -3.834  -9.110  -1.405  1.00 40.64  ? 305 H4Y A C17 1 
HETATM 1494 C C1  . H4Y F 4 .   ? -6.007  -6.374  -0.555  1.00 58.81  ? 305 H4Y A C1  1 
HETATM 1495 O O1  . H4Y F 4 .   ? -4.923  -7.120  -1.074  1.00 44.25  ? 305 H4Y A O1  1 
HETATM 1496 C C2  . H4Y F 4 .   ? -4.688  -8.377  -0.595  1.00 44.95  ? 305 H4Y A C2  1 
HETATM 1497 C C3  . H4Y F 4 .   ? -5.148  -8.920  0.605   1.00 45.83  ? 305 H4Y A C3  1 
HETATM 1498 C C9  . H4Y F 4 .   ? -2.760  -14.985 1.154   1.00 40.24  ? 305 H4Y A C9  1 
HETATM 1499 C C11 . H4Y F 4 .   ? -2.972  -12.697 1.850   1.00 42.46  ? 305 H4Y A C11 1 
HETATM 1500 C C12 . H4Y F 4 .   ? -1.844  -10.609 2.781   1.00 45.79  ? 305 H4Y A C12 1 
HETATM 1501 C C14 . H4Y F 4 .   ? -2.976  -10.591 4.912   1.00 47.73  ? 305 H4Y A C14 1 
HETATM 1502 O O2  . H4Y F 4 .   ? -4.424  -12.476 4.326   1.00 44.41  ? 305 H4Y A O2  1 
HETATM 1503 C C16 . H4Y F 4 .   ? -3.460  -10.384 -1.025  1.00 41.24  ? 305 H4Y A C16 1 
HETATM 1504 O O   . HOH G 5 .   ? -15.867 4.068   -4.623  1.00 50.32  ? 401 HOH A O   1 
HETATM 1505 O O   . HOH G 5 .   ? -10.456 -5.440  -3.560  1.00 53.02  ? 402 HOH A O   1 
HETATM 1506 O O   . HOH G 5 .   ? 19.840  4.188   6.054   1.00 51.58  ? 403 HOH A O   1 
HETATM 1507 O O   . HOH G 5 .   ? -2.922  15.954  -12.348 1.00 54.43  ? 404 HOH A O   1 
HETATM 1508 O O   . HOH G 5 .   ? 9.419   -14.580 -13.515 1.00 37.45  ? 405 HOH A O   1 
HETATM 1509 O O   . HOH G 5 .   ? -4.757  -19.231 -8.828  1.00 47.52  ? 406 HOH A O   1 
HETATM 1510 O O   . HOH G 5 .   ? 7.228   17.651  -7.851  1.00 58.05  ? 407 HOH A O   1 
HETATM 1511 O O   . HOH G 5 .   ? 7.432   -20.226 -3.061  1.00 32.38  ? 408 HOH A O   1 
HETATM 1512 O O   . HOH G 5 .   ? 15.945  14.328  7.146   1.00 46.79  ? 409 HOH A O   1 
HETATM 1513 O O   . HOH G 5 .   ? -5.428  -15.329 -10.187 1.00 73.99  ? 410 HOH A O   1 
HETATM 1514 O O   . HOH G 5 .   ? 15.406  12.259  -1.979  1.00 61.23  ? 411 HOH A O   1 
HETATM 1515 O O   . HOH G 5 .   ? -4.983  -12.777 6.798   1.00 53.24  ? 412 HOH A O   1 
HETATM 1516 O O   . HOH G 5 .   ? 16.526  6.705   -9.779  1.00 49.89  ? 413 HOH A O   1 
HETATM 1517 O O   . HOH G 5 .   ? -10.879 1.921   -15.331 1.00 71.39  ? 414 HOH A O   1 
HETATM 1518 O O   . HOH G 5 .   ? 10.532  13.032  -1.054  1.00 46.34  ? 415 HOH A O   1 
HETATM 1519 O O   . HOH G 5 .   ? 12.426  11.545  -10.338 1.00 51.55  ? 416 HOH A O   1 
HETATM 1520 O O   . HOH G 5 .   ? 14.035  4.987   13.049  1.00 73.51  ? 417 HOH A O   1 
HETATM 1521 O O   . HOH G 5 .   ? -7.330  -3.969  0.963   1.00 53.57  ? 418 HOH A O   1 
HETATM 1522 O O   . HOH G 5 .   ? -12.043 2.355   11.255  1.00 60.01  ? 419 HOH A O   1 
HETATM 1523 O O   . HOH G 5 .   ? -7.836  8.653   21.087  1.00 58.11  ? 420 HOH A O   1 
HETATM 1524 O O   . HOH G 5 .   ? 7.579   17.670  -5.509  1.00 44.45  ? 421 HOH A O   1 
HETATM 1525 O O   . HOH G 5 .   ? -5.651  -14.450 3.111   1.00 73.61  ? 422 HOH A O   1 
HETATM 1526 O O   . HOH G 5 .   ? 6.063   8.612   15.291  1.00 46.30  ? 423 HOH A O   1 
HETATM 1527 O O   . HOH G 5 .   ? -9.828  8.265   11.147  1.00 48.76  ? 424 HOH A O   1 
HETATM 1528 O O   . HOH G 5 .   ? -1.174  -7.292  6.437   1.00 30.64  ? 425 HOH A O   1 
HETATM 1529 O O   . HOH G 5 .   ? -0.346  -10.438 -9.256  1.00 29.05  ? 426 HOH A O   1 
HETATM 1530 O O   . HOH G 5 .   ? 4.909   -20.008 -15.648 1.00 59.63  ? 427 HOH A O   1 
HETATM 1531 O O   . HOH G 5 .   ? -5.802  16.984  -10.903 1.00 34.84  ? 428 HOH A O   1 
HETATM 1532 O O   . HOH G 5 .   ? -9.299  5.552   19.656  1.00 84.90  ? 429 HOH A O   1 
HETATM 1533 O O   . HOH G 5 .   ? 11.303  5.324   17.950  1.00 60.04  ? 430 HOH A O   1 
HETATM 1534 O O   . HOH G 5 .   ? -1.183  5.358   18.742  1.00 58.83  ? 431 HOH A O   1 
HETATM 1535 O O   . HOH G 5 .   ? 8.250   -2.079  -12.373 1.00 62.24  ? 432 HOH A O   1 
HETATM 1536 O O   . HOH G 5 .   ? 6.602   -9.163  14.600  1.00 57.67  ? 433 HOH A O   1 
HETATM 1537 O O   . HOH G 5 .   ? 17.116  5.008   -0.517  1.00 33.09  ? 434 HOH A O   1 
HETATM 1538 O O   . HOH G 5 .   ? -12.528 -8.084  -13.948 1.00 38.69  ? 435 HOH A O   1 
HETATM 1539 O O   . HOH G 5 .   ? -9.892  -10.409 -8.732  1.00 47.17  ? 436 HOH A O   1 
HETATM 1540 O O   . HOH G 5 .   ? 2.751   -2.102  -16.447 1.00 65.02  ? 437 HOH A O   1 
HETATM 1541 O O   . HOH G 5 .   ? 9.325   19.790  -2.941  1.00 49.72  ? 438 HOH A O   1 
HETATM 1542 O O   . HOH G 5 .   ? 2.739   -11.396 -15.479 1.00 56.10  ? 439 HOH A O   1 
HETATM 1543 O O   . HOH G 5 .   ? -2.735  -5.075  9.126   1.00 32.21  ? 440 HOH A O   1 
HETATM 1544 O O   . HOH G 5 .   ? -17.490 1.975   3.672   1.00 35.75  ? 441 HOH A O   1 
HETATM 1545 O O   . HOH G 5 .   ? 0.420   -18.516 -12.314 1.00 33.80  ? 442 HOH A O   1 
HETATM 1546 O O   . HOH G 5 .   ? 12.044  15.121  -0.359  1.00 74.29  ? 443 HOH A O   1 
HETATM 1547 O O   . HOH G 5 .   ? -4.202  -11.965 -16.441 1.00 34.25  ? 444 HOH A O   1 
HETATM 1548 O O   . HOH G 5 .   ? -10.072 18.343  -6.191  1.00 76.14  ? 445 HOH A O   1 
HETATM 1549 O O   . HOH G 5 .   ? 2.374   11.712  -11.070 1.00 49.54  ? 446 HOH A O   1 
HETATM 1550 O O   . HOH G 5 .   ? 9.465   4.644   -12.809 1.00 54.72  ? 447 HOH A O   1 
HETATM 1551 O O   . HOH G 5 .   ? 5.304   -8.672  -11.298 1.00 60.05  ? 448 HOH A O   1 
HETATM 1552 O O   . HOH G 5 .   ? 9.500   9.962   12.484  1.00 47.86  ? 449 HOH A O   1 
HETATM 1553 O O   . HOH G 5 .   ? -6.783  2.468   -10.329 1.00 36.30  ? 450 HOH A O   1 
HETATM 1554 O O   . HOH G 5 .   ? -7.862  13.896  -9.970  1.00 44.21  ? 451 HOH A O   1 
HETATM 1555 O O   . HOH G 5 .   ? -7.113  -4.958  -15.725 1.00 36.38  ? 452 HOH A O   1 
HETATM 1556 O O   . HOH G 5 .   ? 10.860  -6.064  7.943   1.00 33.03  ? 453 HOH A O   1 
HETATM 1557 O O   . HOH G 5 .   ? -5.614  8.936   9.694   1.00 52.04  ? 454 HOH A O   1 
HETATM 1558 O O   . HOH G 5 .   ? -6.388  -2.390  -14.451 1.00 31.70  ? 455 HOH A O   1 
HETATM 1559 O O   . HOH G 5 .   ? -14.304 6.947   -9.317  1.00 52.09  ? 456 HOH A O   1 
HETATM 1560 O O   . HOH G 5 .   ? 19.402  -10.870 -12.907 1.00 54.05  ? 457 HOH A O   1 
HETATM 1561 O O   . HOH G 5 .   ? 19.676  -0.315  -8.128  1.00 59.36  ? 458 HOH A O   1 
HETATM 1562 O O   . HOH G 5 .   ? 4.314   -5.501  -17.937 1.00 59.35  ? 459 HOH A O   1 
HETATM 1563 O O   . HOH G 5 .   ? 11.215  1.787   11.994  1.00 36.39  ? 460 HOH A O   1 
HETATM 1564 O O   . HOH G 5 .   ? -5.544  12.719  -2.621  1.00 52.45  ? 461 HOH A O   1 
HETATM 1565 O O   . HOH G 5 .   ? 8.475   -9.292  -10.689 1.00 40.45  ? 462 HOH A O   1 
HETATM 1566 O O   . HOH G 5 .   ? 13.083  11.234  -1.015  1.00 48.40  ? 463 HOH A O   1 
HETATM 1567 O O   . HOH G 5 .   ? -9.383  -8.075  -2.539  1.00 39.56  ? 464 HOH A O   1 
HETATM 1568 O O   . HOH G 5 .   ? -1.719  -4.974  2.374   1.00 35.00  ? 465 HOH A O   1 
HETATM 1569 O O   . HOH G 5 .   ? -7.517  -0.003  16.876  1.00 63.03  ? 466 HOH A O   1 
HETATM 1570 O O   . HOH G 5 .   ? 8.770   -13.385 0.922   1.00 36.66  ? 467 HOH A O   1 
HETATM 1571 O O   . HOH G 5 .   ? -4.051  -7.403  6.117   1.00 47.74  ? 468 HOH A O   1 
HETATM 1572 O O   . HOH G 5 .   ? -2.156  4.675   -14.341 1.00 42.93  ? 469 HOH A O   1 
HETATM 1573 O O   . HOH G 5 .   ? -9.434  -13.961 -10.608 1.00 51.20  ? 470 HOH A O   1 
HETATM 1574 O O   . HOH G 5 .   ? 6.883   1.661   20.795  1.00 45.74  ? 471 HOH A O   1 
HETATM 1575 O O   . HOH G 5 .   ? 13.525  -13.425 -14.639 1.00 45.88  ? 472 HOH A O   1 
HETATM 1576 O O   . HOH G 5 .   ? 1.829   -11.698 -8.074  1.00 26.71  ? 473 HOH A O   1 
HETATM 1577 O O   . HOH G 5 .   ? 0.086   11.905  12.801  1.00 47.29  ? 474 HOH A O   1 
HETATM 1578 O O   . HOH G 5 .   ? -0.107  10.969  -9.966  1.00 36.21  ? 475 HOH A O   1 
HETATM 1579 O O   . HOH G 5 .   ? -9.618  -5.188  -16.453 1.00 43.02  ? 476 HOH A O   1 
HETATM 1580 O O   . HOH G 5 .   ? 2.179   -14.494 -15.043 1.00 71.63  ? 477 HOH A O   1 
HETATM 1581 O O   . HOH G 5 .   ? -0.576  13.830  -3.759  1.00 36.70  ? 478 HOH A O   1 
HETATM 1582 O O   . HOH G 5 .   ? 4.636   -15.001 -10.420 1.00 30.51  ? 479 HOH A O   1 
HETATM 1583 O O   . HOH G 5 .   ? 5.602   -8.759  11.039  1.00 44.19  ? 480 HOH A O   1 
HETATM 1584 O O   . HOH G 5 .   ? 20.080  14.808  8.355   1.00 35.04  ? 481 HOH A O   1 
HETATM 1585 O O   . HOH G 5 .   ? -0.725  14.210  8.636   1.00 63.27  ? 482 HOH A O   1 
HETATM 1586 O O   . HOH G 5 .   ? -5.461  -4.678  11.297  1.00 45.26  ? 483 HOH A O   1 
HETATM 1587 O O   . HOH G 5 .   ? -0.611  -2.177  -16.740 1.00 48.34  ? 484 HOH A O   1 
HETATM 1588 O O   . HOH G 5 .   ? 13.972  12.313  5.924   1.00 37.71  ? 485 HOH A O   1 
HETATM 1589 O O   . HOH G 5 .   ? 3.857   -18.492 4.508   1.00 54.76  ? 486 HOH A O   1 
HETATM 1590 O O   . HOH G 5 .   ? 3.181   -5.231  -14.026 1.00 33.55  ? 487 HOH A O   1 
HETATM 1591 O O   . HOH G 5 .   ? -3.212  -16.742 -10.023 1.00 32.55  ? 488 HOH A O   1 
HETATM 1592 O O   . HOH G 5 .   ? 9.673   3.088   17.577  1.00 51.45  ? 489 HOH A O   1 
HETATM 1593 O O   . HOH G 5 .   ? 2.604   -24.407 -9.950  1.00 40.49  ? 490 HOH A O   1 
HETATM 1594 O O   . HOH G 5 .   ? -0.233  7.640   16.712  1.00 38.18  ? 491 HOH A O   1 
HETATM 1595 O O   . HOH G 5 .   ? 0.799   4.352   -14.090 1.00 41.15  ? 492 HOH A O   1 
HETATM 1596 O O   . HOH G 5 .   ? 16.101  11.420  -4.695  1.00 57.26  ? 493 HOH A O   1 
HETATM 1597 O O   . HOH G 5 .   ? -21.418 -1.342  -2.494  1.00 65.15  ? 494 HOH A O   1 
HETATM 1598 O O   . HOH G 5 .   ? 2.405   -26.291 -2.288  1.00 47.05  ? 495 HOH A O   1 
HETATM 1599 O O   . HOH G 5 .   ? -18.489 5.840   1.157   1.00 45.13  ? 496 HOH A O   1 
HETATM 1600 O O   . HOH G 5 .   ? -14.216 11.034  12.673  1.00 41.70  ? 497 HOH A O   1 
HETATM 1601 O O   . HOH G 5 .   ? -9.361  -10.735 -4.747  1.00 37.75  ? 498 HOH A O   1 
HETATM 1602 O O   . HOH G 5 .   ? 5.869   11.940  6.379   1.00 28.75  ? 499 HOH A O   1 
HETATM 1603 O O   . HOH G 5 .   ? 6.481   -10.111 -9.329  1.00 43.47  ? 500 HOH A O   1 
HETATM 1604 O O   . HOH G 5 .   ? -12.140 -1.579  -11.476 1.00 42.92  ? 501 HOH A O   1 
HETATM 1605 O O   . HOH G 5 .   ? 0.180   -10.392 6.865   1.00 39.66  ? 502 HOH A O   1 
HETATM 1606 O O   . HOH G 5 .   ? 3.243   -8.929  -14.753 1.00 32.74  ? 503 HOH A O   1 
HETATM 1607 O O   . HOH G 5 .   ? 17.355  19.253  12.197  1.00 55.85  ? 504 HOH A O   1 
HETATM 1608 O O   . HOH G 5 .   ? -1.745  11.424  -11.849 1.00 51.56  ? 505 HOH A O   1 
HETATM 1609 O O   . HOH G 5 .   ? 2.294   -16.717 -13.768 1.00 72.02  ? 506 HOH A O   1 
HETATM 1610 O O   . HOH G 5 .   ? 5.326   13.502  8.543   1.00 42.31  ? 507 HOH A O   1 
HETATM 1611 O O   . HOH G 5 .   ? -7.334  9.880   7.152   1.00 28.79  ? 508 HOH A O   1 
HETATM 1612 O O   . HOH G 5 .   ? -15.690 2.005   -6.593  1.00 45.86  ? 509 HOH A O   1 
HETATM 1613 O O   . HOH G 5 .   ? 7.044   -13.244 2.763   1.00 95.24  ? 510 HOH A O   1 
HETATM 1614 O O   . HOH G 5 .   ? -6.733  21.905  -5.907  1.00 54.43  ? 511 HOH A O   1 
HETATM 1615 O O   . HOH G 5 .   ? 1.761   -10.508 -17.968 1.00 48.06  ? 512 HOH A O   1 
HETATM 1616 O O   . HOH G 5 .   ? 15.868  -7.229  -10.076 1.00 86.19  ? 513 HOH A O   1 
HETATM 1617 O O   . HOH G 5 .   ? -10.615 -1.076  -13.673 1.00 56.59  ? 514 HOH A O   1 
HETATM 1618 O O   . HOH G 5 .   ? -14.212 -0.150  -10.492 1.00 49.01  ? 515 HOH A O   1 
HETATM 1619 O O   . HOH G 5 .   ? 3.485   -25.091 -4.387  1.00 43.28  ? 516 HOH A O   1 
HETATM 1620 O O   . HOH G 5 .   ? 8.162   -17.154 3.106   1.00 43.52  ? 517 HOH A O   1 
HETATM 1621 O O   . HOH G 5 .   ? -8.914  10.336  0.485   1.00 58.68  ? 518 HOH A O   1 
HETATM 1622 O O   . HOH G 5 .   ? 7.608   12.959  4.113   1.00 37.52  ? 519 HOH A O   1 
HETATM 1623 O O   . HOH G 5 .   ? -12.576 -5.474  -10.005 1.00 47.01  ? 520 HOH A O   1 
HETATM 1624 O O   . HOH G 5 .   ? -6.188  -15.214 -14.113 1.00 49.30  ? 521 HOH A O   1 
HETATM 1625 O O   . HOH G 5 .   ? 15.318  8.719   -11.433 1.00 59.24  ? 522 HOH A O   1 
HETATM 1626 O O   . HOH G 5 .   ? 7.955   13.840  2.395   1.00 51.41  ? 523 HOH A O   1 
HETATM 1627 O O   . HOH G 5 .   ? -11.706 6.780   -15.830 1.00 64.26  ? 524 HOH A O   1 
HETATM 1628 O O   . HOH G 5 .   ? -1.393  -14.874 -14.135 1.00 52.55  ? 525 HOH A O   1 
HETATM 1629 O O   . HOH G 5 .   ? -9.163  7.413   -16.057 1.00 58.45  ? 526 HOH A O   1 
HETATM 1630 O O   . HOH G 5 .   ? 0.228   14.735  11.065  1.00 54.44  ? 527 HOH A O   1 
HETATM 1631 O O   . HOH G 5 .   ? 19.966  2.604   -3.494  1.00 56.70  ? 528 HOH A O   1 
HETATM 1632 O O   . HOH G 5 .   ? 1.831   -23.421 -6.951  1.00 55.39  ? 529 HOH A O   1 
HETATM 1633 O O   . HOH G 5 .   ? -1.926  -17.169 -12.207 1.00 58.17  ? 530 HOH A O   1 
HETATM 1634 O O   . HOH G 5 .   ? 20.950  17.305  8.205   1.00 52.58  ? 531 HOH A O   1 
HETATM 1635 O O   . HOH G 5 .   ? 14.903  6.163   18.095  1.00 64.14  ? 532 HOH A O   1 
HETATM 1636 O O   . HOH G 5 .   ? -5.540  19.923  -3.753  1.00 52.80  ? 533 HOH A O   1 
HETATM 1637 O O   . HOH G 5 .   ? -16.849 4.432   4.566   1.00 38.52  ? 534 HOH A O   1 
HETATM 1638 O O   . HOH G 5 .   ? -15.640 11.455  -3.866  1.00 76.92  ? 535 HOH A O   1 
HETATM 1639 O O   . HOH G 5 .   ? 5.571   -6.769  -12.923 1.00 40.63  ? 536 HOH A O   1 
HETATM 1640 O O   . HOH G 5 .   ? -8.799  -18.044 -9.947  1.00 73.26  ? 537 HOH A O   1 
HETATM 1641 O O   . HOH G 5 .   ? 17.865  9.193   -5.685  1.00 58.97  ? 538 HOH A O   1 
HETATM 1642 O O   . HOH G 5 .   ? -5.826  13.524  -16.965 1.00 46.34  ? 539 HOH A O   1 
HETATM 1643 O O   . HOH G 5 .   ? 4.372   -11.723 1.690   1.00 43.27  ? 540 HOH A O   1 
HETATM 1644 O O   . HOH G 5 .   ? -13.314 -4.109  -12.034 1.00 40.36  ? 541 HOH A O   1 
HETATM 1645 O O   . HOH G 5 .   ? 21.289  18.627  10.459  1.00 52.01  ? 542 HOH A O   1 
HETATM 1646 O O   . HOH G 5 .   ? -8.847  13.633  19.893  1.00 63.17  ? 543 HOH A O   1 
HETATM 1647 O O   . HOH G 5 .   ? 4.687   11.908  11.499  1.00 50.47  ? 544 HOH A O   1 
HETATM 1648 O O   . HOH G 5 .   ? 14.256  2.819   12.026  1.00 62.36  ? 545 HOH A O   1 
HETATM 1649 O O   . HOH G 5 .   ? -18.989 2.191   -4.432  1.00 59.86  ? 546 HOH A O   1 
HETATM 1650 O O   . HOH G 5 .   ? 5.019   -7.353  -15.381 1.00 67.65  ? 547 HOH A O   1 
HETATM 1651 O O   . HOH G 5 .   ? -9.307  -13.190 -3.124  1.00 47.67  ? 548 HOH A O   1 
HETATM 1652 O O   . HOH G 5 .   ? 5.988   -0.822  -12.458 1.00 45.93  ? 549 HOH A O   1 
HETATM 1653 O O   . HOH G 5 .   ? 12.928  13.669  3.591   1.00 65.04  ? 550 HOH A O   1 
HETATM 1654 O O   . HOH G 5 .   ? 16.385  4.784   -11.618 1.00 81.64  ? 551 HOH A O   1 
HETATM 1655 O O   . HOH G 5 .   ? 4.397   -2.411  -14.383 1.00 60.16  ? 552 HOH A O   1 
HETATM 1656 O O   . HOH G 5 .   ? 2.903   10.643  12.618  1.00 45.16  ? 553 HOH A O   1 
HETATM 1657 O O   . HOH G 5 .   ? 2.460   -11.840 10.561  1.00 58.67  ? 554 HOH A O   1 
HETATM 1658 O O   . HOH G 5 .   ? 7.646   14.665  9.285   1.00 53.15  ? 555 HOH A O   1 
HETATM 1659 O O   . HOH G 5 .   ? 11.184  11.964  10.466  1.00 53.43  ? 556 HOH A O   1 
HETATM 1660 O O   . HOH G 5 .   ? 3.954   9.916   14.988  1.00 55.57  ? 557 HOH A O   1 
HETATM 1661 O O   . HOH G 5 .   ? 9.304   13.494  6.818   1.00 42.55  ? 558 HOH A O   1 
HETATM 1662 O O   . HOH G 5 .   ? 0.780   0.455   -14.882 1.00 55.39  ? 559 HOH A O   1 
HETATM 1663 O O   . HOH G 5 .   ? -14.257 -7.570  -18.463 1.00 37.79  ? 560 HOH A O   1 
HETATM 1664 O O   . HOH G 5 .   ? 9.305   13.777  10.966  1.00 43.22  ? 561 HOH A O   1 
# 
loop_
_pdbx_poly_seq_scheme.asym_id 
_pdbx_poly_seq_scheme.entity_id 
_pdbx_poly_seq_scheme.seq_id 
_pdbx_poly_seq_scheme.mon_id 
_pdbx_poly_seq_scheme.ndb_seq_num 
_pdbx_poly_seq_scheme.pdb_seq_num 
_pdbx_poly_seq_scheme.auth_seq_num 
_pdbx_poly_seq_scheme.pdb_mon_id 
_pdbx_poly_seq_scheme.auth_mon_id 
_pdbx_poly_seq_scheme.pdb_strand_id 
_pdbx_poly_seq_scheme.pdb_ins_code 
_pdbx_poly_seq_scheme.hetero 
A 1 1   SER 1   15  15  SER SER A . n 
A 1 2   MET 2   16  16  MET MET A . n 
A 1 3   LEU 3   17  17  LEU LEU A . n 
A 1 4   ASP 4   18  18  ASP ASP A . n 
A 1 5   ASP 5   19  19  ASP ASP A . n 
A 1 6   ALA 6   20  20  ALA ALA A . n 
A 1 7   LYS 7   21  21  LYS LYS A . n 
A 1 8   ALA 8   22  22  ALA ALA A . n 
A 1 9   ARG 9   23  23  ARG ARG A . n 
A 1 10  LEU 10  24  24  LEU LEU A . n 
A 1 11  ARG 11  25  25  ARG ARG A . n 
A 1 12  LYS 12  26  26  LYS LYS A . n 
A 1 13  TYR 13  27  27  TYR TYR A . n 
A 1 14  ASP 14  28  28  ASP ASP A . n 
A 1 15  ILE 15  29  29  ILE ILE A . n 
A 1 16  GLY 16  30  30  GLY GLY A . n 
A 1 17  GLY 17  31  31  GLY GLY A . n 
A 1 18  LYS 18  32  32  LYS LYS A . n 
A 1 19  TYR 19  33  33  TYR TYR A . n 
A 1 20  SER 20  34  34  SER SER A . n 
A 1 21  HIS 21  35  35  HIS HIS A . n 
A 1 22  LEU 22  36  36  LEU LEU A . n 
A 1 23  PRO 23  37  37  PRO PRO A . n 
A 1 24  TYR 24  38  38  TYR TYR A . n 
A 1 25  ASN 25  39  39  ASN ASN A . n 
A 1 26  LYS 26  40  40  LYS LYS A . n 
A 1 27  TYR 27  41  41  TYR TYR A . n 
A 1 28  SER 28  42  42  SER SER A . n 
A 1 29  VAL 29  43  43  VAL VAL A . n 
A 1 30  LEU 30  44  44  LEU LEU A . n 
A 1 31  LEU 31  45  45  LEU LEU A . n 
A 1 32  PRO 32  46  46  PRO PRO A . n 
A 1 33  LEU 33  47  47  LEU LEU A . n 
A 1 34  VAL 34  48  48  VAL VAL A . n 
A 1 35  ALA 35  49  49  ALA ALA A . n 
A 1 36  LYS 36  50  50  LYS LYS A . n 
A 1 37  GLU 37  51  51  GLU GLU A . n 
A 1 38  GLY 38  52  52  GLY GLY A . n 
A 1 39  LYS 39  53  53  LYS LYS A . n 
A 1 40  LEU 40  54  54  LEU LEU A . n 
A 1 41  HIS 41  55  55  HIS HIS A . n 
A 1 42  LEU 42  56  56  LEU LEU A . n 
A 1 43  LEU 43  57  57  LEU LEU A . n 
A 1 44  PHE 44  58  58  PHE PHE A . n 
A 1 45  THR 45  59  59  THR THR A . n 
A 1 46  VAL 46  60  60  VAL VAL A . n 
A 1 47  ARG 47  61  61  ARG ARG A . n 
A 1 48  SER 48  62  62  SER SER A . n 
A 1 49  GLU 49  63  63  GLU GLU A . n 
A 1 50  LYS 50  64  64  LYS LYS A . n 
A 1 51  LEU 51  65  65  LEU LEU A . n 
A 1 52  ARG 52  66  66  ARG ARG A . n 
A 1 53  ARG 53  67  67  ARG ARG A . n 
A 1 54  ALA 54  68  68  ALA ALA A . n 
A 1 55  PRO 55  69  69  PRO PRO A . n 
A 1 56  GLY 56  70  70  GLY GLY A . n 
A 1 57  GLU 57  71  71  GLU GLU A . n 
A 1 58  VAL 58  72  72  VAL VAL A . n 
A 1 59  CYS 59  73  73  CYS CYS A . n 
A 1 60  PHE 60  74  74  PHE PHE A . n 
A 1 61  PRO 61  75  75  PRO PRO A . n 
A 1 62  GLY 62  76  76  GLY GLY A . n 
A 1 63  GLY 63  77  77  GLY GLY A . n 
A 1 64  LYS 64  78  78  LYS LYS A . n 
A 1 65  ARG 65  79  79  ARG ARG A . n 
A 1 66  ASP 66  80  80  ASP ASP A . n 
A 1 67  PRO 67  81  81  PRO PRO A . n 
A 1 68  THR 68  82  82  THR THR A . n 
A 1 69  ASP 69  83  83  ASP ASP A . n 
A 1 70  MET 70  84  84  MET MET A . n 
A 1 71  ASP 71  85  85  ASP ASP A . n 
A 1 72  ASP 72  86  86  ASP ASP A . n 
A 1 73  ALA 73  87  87  ALA ALA A . n 
A 1 74  ALA 74  88  88  ALA ALA A . n 
A 1 75  THR 75  89  89  THR THR A . n 
A 1 76  ALA 76  90  90  ALA ALA A . n 
A 1 77  LEU 77  91  91  LEU LEU A . n 
A 1 78  ARG 78  92  92  ARG ARG A . n 
A 1 79  GLU 79  93  93  GLU GLU A . n 
A 1 80  ALA 80  94  94  ALA ALA A . n 
A 1 81  GLN 81  95  95  GLN GLN A . n 
A 1 82  GLU 82  96  96  GLU GLU A . n 
A 1 83  GLU 83  97  97  GLU GLU A . n 
A 1 84  VAL 84  98  98  VAL VAL A . n 
A 1 85  GLY 85  99  99  GLY GLY A . n 
A 1 86  LEU 86  100 100 LEU LEU A . n 
A 1 87  ARG 87  101 101 ARG ARG A . n 
A 1 88  HYP 88  102 102 HYP HYP A . n 
A 1 89  HIS 89  103 103 HIS HIS A . n 
A 1 90  GLN 90  104 104 GLN GLN A . n 
A 1 91  VAL 91  105 105 VAL VAL A . n 
A 1 92  GLU 92  106 106 GLU GLU A . n 
A 1 93  VAL 93  107 107 VAL VAL A . n 
A 1 94  VAL 94  108 108 VAL VAL A . n 
A 1 95  CSO 95  109 109 CSO CSO A . n 
A 1 96  CYS 96  110 110 CYS CYS A . n 
A 1 97  LEU 97  111 111 LEU LEU A . n 
A 1 98  VAL 98  112 112 VAL VAL A . n 
A 1 99  PRO 99  113 113 PRO PRO A . n 
A 1 100 CYS 100 114 114 CYS CYS A . n 
A 1 101 LEU 101 115 115 LEU LEU A . n 
A 1 102 ILE 102 116 116 ILE ILE A . n 
A 1 103 ASP 103 117 117 ASP ASP A . n 
A 1 104 THR 104 118 118 THR THR A . n 
A 1 105 ASP 105 119 119 ASP ASP A . n 
A 1 106 THR 106 120 120 THR THR A . n 
A 1 107 LEU 107 121 121 LEU LEU A . n 
A 1 108 ILE 108 122 122 ILE ILE A . n 
A 1 109 THR 109 123 123 THR THR A . n 
A 1 110 PRO 110 124 124 PRO PRO A . n 
A 1 111 PHE 111 125 125 PHE PHE A . n 
A 1 112 VAL 112 126 126 VAL VAL A . n 
A 1 113 GLY 113 127 127 GLY GLY A . n 
A 1 114 LEU 114 128 128 LEU LEU A . n 
A 1 115 ILE 115 129 129 ILE ILE A . n 
A 1 116 ASP 116 130 130 ASP ASP A . n 
A 1 117 HIS 117 131 131 HIS HIS A . n 
A 1 118 ASN 118 132 132 ASN ASN A . n 
A 1 119 PHE 119 133 133 PHE PHE A . n 
A 1 120 GLN 120 134 134 GLN GLN A . n 
A 1 121 ALA 121 135 135 ALA ALA A . n 
A 1 122 GLN 122 136 136 GLN GLN A . n 
A 1 123 PRO 123 137 137 PRO PRO A . n 
A 1 124 ASN 124 138 138 ASN ASN A . n 
A 1 125 PRO 125 139 139 PRO PRO A . n 
A 1 126 ALA 126 140 140 ALA ALA A . n 
A 1 127 GLU 127 141 141 GLU GLU A . n 
A 1 128 VAL 128 142 142 VAL VAL A . n 
A 1 129 LYS 129 143 143 LYS LYS A . n 
A 1 130 ASP 130 144 144 ASP ASP A . n 
A 1 131 VAL 131 145 145 VAL VAL A . n 
A 1 132 PHE 132 146 146 PHE PHE A . n 
A 1 133 LEU 133 147 147 LEU LEU A . n 
A 1 134 VAL 134 148 148 VAL VAL A . n 
A 1 135 PRO 135 149 149 PRO PRO A . n 
A 1 136 LEU 136 150 150 LEU LEU A . n 
A 1 137 ALA 137 151 151 ALA ALA A . n 
A 1 138 TYR 138 152 152 TYR TYR A . n 
A 1 139 PHE 139 153 153 PHE PHE A . n 
A 1 140 LEU 140 154 154 LEU LEU A . n 
A 1 141 HIS 141 155 155 HIS HIS A . n 
A 1 142 PRO 142 156 156 PRO PRO A . n 
A 1 143 GLN 143 157 157 GLN GLN A . n 
A 1 144 VAL 144 158 158 VAL VAL A . n 
A 1 145 HIS 145 159 159 HIS HIS A . n 
A 1 146 ASP 146 160 160 ASP ASP A . n 
A 1 147 GLN 147 161 161 GLN GLN A . n 
A 1 148 HIS 148 162 ?   ?   ?   A . n 
A 1 149 TYR 149 163 ?   ?   ?   A . n 
A 1 150 VAL 150 164 ?   ?   ?   A . n 
A 1 151 THR 151 165 ?   ?   ?   A . n 
A 1 152 ARG 152 166 ?   ?   ?   A . n 
A 1 153 LEU 153 167 ?   ?   ?   A . n 
A 1 154 GLY 154 168 ?   ?   ?   A . n 
A 1 155 HIS 155 169 ?   ?   ?   A . n 
A 1 156 ARG 156 170 ?   ?   ?   A . n 
A 1 157 PHE 157 171 ?   ?   ?   A . n 
A 1 158 ILE 158 172 172 ILE ILE A . n 
A 1 159 ASN 159 173 173 ASN ASN A . n 
A 1 160 HIS 160 174 174 HIS HIS A . n 
A 1 161 ILE 161 175 175 ILE ILE A . n 
A 1 162 PHE 162 176 176 PHE PHE A . n 
A 1 163 GLU 163 177 177 GLU GLU A . n 
A 1 164 TYR 164 178 178 TYR TYR A . n 
A 1 165 THR 165 179 179 THR THR A . n 
A 1 166 ASN 166 180 180 ASN ASN A . n 
A 1 167 PRO 167 181 181 PRO PRO A . n 
A 1 168 GLU 168 182 182 GLU GLU A . n 
A 1 169 ASP 169 183 183 ASP ASP A . n 
A 1 170 GLY 170 184 184 GLY GLY A . n 
A 1 171 VAL 171 185 185 VAL VAL A . n 
A 1 172 THR 172 186 186 THR THR A . n 
A 1 173 TYR 173 187 187 TYR TYR A . n 
A 1 174 GLN 174 188 188 GLN GLN A . n 
A 1 175 ILE 175 189 189 ILE ILE A . n 
A 1 176 LYS 176 190 190 LYS LYS A . n 
A 1 177 GLY 177 191 191 GLY GLY A . n 
A 1 178 MET 178 192 192 MET MET A . n 
A 1 179 THR 179 193 193 THR THR A . n 
A 1 180 ALA 180 194 194 ALA ALA A . n 
A 1 181 ASN 181 195 195 ASN ASN A . n 
A 1 182 LEU 182 196 196 LEU LEU A . n 
A 1 183 ALA 183 197 197 ALA ALA A . n 
A 1 184 VAL 184 198 198 VAL VAL A . n 
A 1 185 LEU 185 199 199 LEU LEU A . n 
A 1 186 VAL 186 200 200 VAL VAL A . n 
A 1 187 ALA 187 201 201 ALA ALA A . n 
A 1 188 PHE 188 202 202 PHE PHE A . n 
A 1 189 ILE 189 203 203 ILE ILE A . n 
A 1 190 ILE 190 204 204 ILE ILE A . n 
A 1 191 LEU 191 205 205 LEU LEU A . n 
A 1 192 GLU 192 206 206 GLU GLU A . n 
A 1 193 LYS 193 207 207 LYS LYS A . n 
A 1 194 LYS 194 208 208 LYS LYS A . n 
A 1 195 PRO 195 209 209 PRO PRO A . n 
A 1 196 THR 196 210 210 THR THR A . n 
# 
loop_
_pdbx_nonpoly_scheme.asym_id 
_pdbx_nonpoly_scheme.entity_id 
_pdbx_nonpoly_scheme.mon_id 
_pdbx_nonpoly_scheme.ndb_seq_num 
_pdbx_nonpoly_scheme.pdb_seq_num 
_pdbx_nonpoly_scheme.auth_seq_num 
_pdbx_nonpoly_scheme.pdb_mon_id 
_pdbx_nonpoly_scheme.auth_mon_id 
_pdbx_nonpoly_scheme.pdb_strand_id 
_pdbx_nonpoly_scheme.pdb_ins_code 
B 2 ACT 1   301 1   ACT ACT A . 
C 2 ACT 1   302 2   ACT ACT A . 
D 3 DMS 1   303 1   DMS DMS A . 
E 3 DMS 1   304 2   DMS DMS A . 
F 4 H4Y 1   305 1   H4Y LIG A . 
G 5 HOH 1   401 69  HOH HOH A . 
G 5 HOH 2   402 112 HOH HOH A . 
G 5 HOH 3   403 94  HOH HOH A . 
G 5 HOH 4   404 143 HOH HOH A . 
G 5 HOH 5   405 9   HOH HOH A . 
G 5 HOH 6   406 140 HOH HOH A . 
G 5 HOH 7   407 199 HOH HOH A . 
G 5 HOH 8   408 53  HOH HOH A . 
G 5 HOH 9   409 24  HOH HOH A . 
G 5 HOH 10  410 157 HOH HOH A . 
G 5 HOH 11  411 161 HOH HOH A . 
G 5 HOH 12  412 18  HOH HOH A . 
G 5 HOH 13  413 109 HOH HOH A . 
G 5 HOH 14  414 182 HOH HOH A . 
G 5 HOH 15  415 101 HOH HOH A . 
G 5 HOH 16  416 113 HOH HOH A . 
G 5 HOH 17  417 198 HOH HOH A . 
G 5 HOH 18  418 51  HOH HOH A . 
G 5 HOH 19  419 80  HOH HOH A . 
G 5 HOH 20  420 156 HOH HOH A . 
G 5 HOH 21  421 193 HOH HOH A . 
G 5 HOH 22  422 141 HOH HOH A . 
G 5 HOH 23  423 117 HOH HOH A . 
G 5 HOH 24  424 134 HOH HOH A . 
G 5 HOH 25  425 20  HOH HOH A . 
G 5 HOH 26  426 14  HOH HOH A . 
G 5 HOH 27  427 77  HOH HOH A . 
G 5 HOH 28  428 13  HOH HOH A . 
G 5 HOH 29  429 154 HOH HOH A . 
G 5 HOH 30  430 167 HOH HOH A . 
G 5 HOH 31  431 158 HOH HOH A . 
G 5 HOH 32  432 62  HOH HOH A . 
G 5 HOH 33  433 162 HOH HOH A . 
G 5 HOH 34  434 105 HOH HOH A . 
G 5 HOH 35  435 26  HOH HOH A . 
G 5 HOH 36  436 79  HOH HOH A . 
G 5 HOH 37  437 76  HOH HOH A . 
G 5 HOH 38  438 137 HOH HOH A . 
G 5 HOH 39  439 75  HOH HOH A . 
G 5 HOH 40  440 201 HOH HOH A . 
G 5 HOH 41  441 15  HOH HOH A . 
G 5 HOH 42  442 36  HOH HOH A . 
G 5 HOH 43  443 166 HOH HOH A . 
G 5 HOH 44  444 10  HOH HOH A . 
G 5 HOH 45  445 71  HOH HOH A . 
G 5 HOH 46  446 85  HOH HOH A . 
G 5 HOH 47  447 49  HOH HOH A . 
G 5 HOH 48  448 128 HOH HOH A . 
G 5 HOH 49  449 197 HOH HOH A . 
G 5 HOH 50  450 39  HOH HOH A . 
G 5 HOH 51  451 27  HOH HOH A . 
G 5 HOH 52  452 6   HOH HOH A . 
G 5 HOH 53  453 64  HOH HOH A . 
G 5 HOH 54  454 179 HOH HOH A . 
G 5 HOH 55  455 1   HOH HOH A . 
G 5 HOH 56  456 35  HOH HOH A . 
G 5 HOH 57  457 183 HOH HOH A . 
G 5 HOH 58  458 146 HOH HOH A . 
G 5 HOH 59  459 78  HOH HOH A . 
G 5 HOH 60  460 104 HOH HOH A . 
G 5 HOH 61  461 58  HOH HOH A . 
G 5 HOH 62  462 38  HOH HOH A . 
G 5 HOH 63  463 99  HOH HOH A . 
G 5 HOH 64  464 56  HOH HOH A . 
G 5 HOH 65  465 200 HOH HOH A . 
G 5 HOH 66  466 186 HOH HOH A . 
G 5 HOH 67  467 7   HOH HOH A . 
G 5 HOH 68  468 73  HOH HOH A . 
G 5 HOH 69  469 22  HOH HOH A . 
G 5 HOH 70  470 42  HOH HOH A . 
G 5 HOH 71  471 139 HOH HOH A . 
G 5 HOH 72  472 25  HOH HOH A . 
G 5 HOH 73  473 8   HOH HOH A . 
G 5 HOH 74  474 103 HOH HOH A . 
G 5 HOH 75  475 28  HOH HOH A . 
G 5 HOH 76  476 19  HOH HOH A . 
G 5 HOH 77  477 173 HOH HOH A . 
G 5 HOH 78  478 108 HOH HOH A . 
G 5 HOH 79  479 2   HOH HOH A . 
G 5 HOH 80  480 125 HOH HOH A . 
G 5 HOH 81  481 12  HOH HOH A . 
G 5 HOH 82  482 176 HOH HOH A . 
G 5 HOH 83  483 202 HOH HOH A . 
G 5 HOH 84  484 34  HOH HOH A . 
G 5 HOH 85  485 45  HOH HOH A . 
G 5 HOH 86  486 43  HOH HOH A . 
G 5 HOH 87  487 21  HOH HOH A . 
G 5 HOH 88  488 17  HOH HOH A . 
G 5 HOH 89  489 118 HOH HOH A . 
G 5 HOH 90  490 152 HOH HOH A . 
G 5 HOH 91  491 121 HOH HOH A . 
G 5 HOH 92  492 37  HOH HOH A . 
G 5 HOH 93  493 153 HOH HOH A . 
G 5 HOH 94  494 61  HOH HOH A . 
G 5 HOH 95  495 72  HOH HOH A . 
G 5 HOH 96  496 110 HOH HOH A . 
G 5 HOH 97  497 116 HOH HOH A . 
G 5 HOH 98  498 203 HOH HOH A . 
G 5 HOH 99  499 98  HOH HOH A . 
G 5 HOH 100 500 59  HOH HOH A . 
G 5 HOH 101 501 55  HOH HOH A . 
G 5 HOH 102 502 30  HOH HOH A . 
G 5 HOH 103 503 31  HOH HOH A . 
G 5 HOH 104 504 191 HOH HOH A . 
G 5 HOH 105 505 145 HOH HOH A . 
G 5 HOH 106 506 149 HOH HOH A . 
G 5 HOH 107 507 106 HOH HOH A . 
G 5 HOH 108 508 96  HOH HOH A . 
G 5 HOH 109 509 5   HOH HOH A . 
G 5 HOH 110 510 160 HOH HOH A . 
G 5 HOH 111 511 155 HOH HOH A . 
G 5 HOH 112 512 63  HOH HOH A . 
G 5 HOH 113 513 187 HOH HOH A . 
G 5 HOH 114 514 169 HOH HOH A . 
G 5 HOH 115 515 66  HOH HOH A . 
G 5 HOH 116 516 138 HOH HOH A . 
G 5 HOH 117 517 23  HOH HOH A . 
G 5 HOH 118 518 159 HOH HOH A . 
G 5 HOH 119 519 170 HOH HOH A . 
G 5 HOH 120 520 50  HOH HOH A . 
G 5 HOH 121 521 129 HOH HOH A . 
G 5 HOH 122 522 126 HOH HOH A . 
G 5 HOH 123 523 127 HOH HOH A . 
G 5 HOH 124 524 88  HOH HOH A . 
G 5 HOH 125 525 175 HOH HOH A . 
G 5 HOH 126 526 111 HOH HOH A . 
G 5 HOH 127 527 184 HOH HOH A . 
G 5 HOH 128 528 119 HOH HOH A . 
G 5 HOH 129 529 194 HOH HOH A . 
G 5 HOH 130 530 144 HOH HOH A . 
G 5 HOH 131 531 57  HOH HOH A . 
G 5 HOH 132 532 177 HOH HOH A . 
G 5 HOH 133 533 122 HOH HOH A . 
G 5 HOH 134 534 16  HOH HOH A . 
G 5 HOH 135 535 82  HOH HOH A . 
G 5 HOH 136 536 44  HOH HOH A . 
G 5 HOH 137 537 181 HOH HOH A . 
G 5 HOH 138 538 123 HOH HOH A . 
G 5 HOH 139 539 29  HOH HOH A . 
G 5 HOH 140 540 195 HOH HOH A . 
G 5 HOH 141 541 131 HOH HOH A . 
G 5 HOH 142 542 174 HOH HOH A . 
G 5 HOH 143 543 172 HOH HOH A . 
G 5 HOH 144 544 192 HOH HOH A . 
G 5 HOH 145 545 147 HOH HOH A . 
G 5 HOH 146 546 65  HOH HOH A . 
G 5 HOH 147 547 90  HOH HOH A . 
G 5 HOH 148 548 86  HOH HOH A . 
G 5 HOH 149 549 190 HOH HOH A . 
G 5 HOH 150 550 180 HOH HOH A . 
G 5 HOH 151 551 168 HOH HOH A . 
G 5 HOH 152 552 132 HOH HOH A . 
G 5 HOH 153 553 188 HOH HOH A . 
G 5 HOH 154 554 185 HOH HOH A . 
G 5 HOH 155 555 148 HOH HOH A . 
G 5 HOH 156 556 165 HOH HOH A . 
G 5 HOH 157 557 130 HOH HOH A . 
G 5 HOH 158 558 171 HOH HOH A . 
G 5 HOH 159 559 164 HOH HOH A . 
G 5 HOH 160 560 68  HOH HOH A . 
G 5 HOH 161 561 115 HOH HOH A . 
# 
loop_
_pdbx_struct_mod_residue.id 
_pdbx_struct_mod_residue.label_asym_id 
_pdbx_struct_mod_residue.label_comp_id 
_pdbx_struct_mod_residue.label_seq_id 
_pdbx_struct_mod_residue.auth_asym_id 
_pdbx_struct_mod_residue.auth_comp_id 
_pdbx_struct_mod_residue.auth_seq_id 
_pdbx_struct_mod_residue.PDB_ins_code 
_pdbx_struct_mod_residue.parent_comp_id 
_pdbx_struct_mod_residue.details 
1 A HYP 88 A HYP 102 ? PRO 'modified residue' 
2 A CSO 95 A CSO 109 ? CYS 'modified residue' 
# 
_pdbx_struct_assembly.id                   1 
_pdbx_struct_assembly.details              author_and_software_defined_assembly 
_pdbx_struct_assembly.method_details       PISA 
_pdbx_struct_assembly.oligomeric_details   monomeric 
_pdbx_struct_assembly.oligomeric_count     1 
# 
_pdbx_struct_assembly_gen.assembly_id       1 
_pdbx_struct_assembly_gen.oper_expression   1 
_pdbx_struct_assembly_gen.asym_id_list      A,B,C,D,E,F,G 
# 
loop_
_pdbx_struct_assembly_prop.biol_id 
_pdbx_struct_assembly_prop.type 
_pdbx_struct_assembly_prop.value 
_pdbx_struct_assembly_prop.details 
1 'ABSA (A^2)' 740   ? 
1 MORE         5     ? 
1 'SSA (A^2)'  10400 ? 
# 
_pdbx_struct_oper_list.id                   1 
_pdbx_struct_oper_list.type                 'identity operation' 
_pdbx_struct_oper_list.name                 1_555 
_pdbx_struct_oper_list.symmetry_operation   x,y,z 
_pdbx_struct_oper_list.matrix[1][1]         1.0000000000 
_pdbx_struct_oper_list.matrix[1][2]         0.0000000000 
_pdbx_struct_oper_list.matrix[1][3]         0.0000000000 
_pdbx_struct_oper_list.vector[1]            0.0000000000 
_pdbx_struct_oper_list.matrix[2][1]         0.0000000000 
_pdbx_struct_oper_list.matrix[2][2]         1.0000000000 
_pdbx_struct_oper_list.matrix[2][3]         0.0000000000 
_pdbx_struct_oper_list.vector[2]            0.0000000000 
_pdbx_struct_oper_list.matrix[3][1]         0.0000000000 
_pdbx_struct_oper_list.matrix[3][2]         0.0000000000 
_pdbx_struct_oper_list.matrix[3][3]         1.0000000000 
_pdbx_struct_oper_list.vector[3]            0.0000000000 
# 
loop_
_pdbx_audit_revision_history.ordinal 
_pdbx_audit_revision_history.data_content_type 
_pdbx_audit_revision_history.major_revision 
_pdbx_audit_revision_history.minor_revision 
_pdbx_audit_revision_history.revision_date 
1 'Structure model' 1 0 2019-03-27 
2 'Structure model' 1 1 2023-11-15 
# 
_pdbx_audit_revision_details.ordinal             1 
_pdbx_audit_revision_details.revision_ordinal    1 
_pdbx_audit_revision_details.data_content_type   'Structure model' 
_pdbx_audit_revision_details.provider            repository 
_pdbx_audit_revision_details.type                'Initial release' 
_pdbx_audit_revision_details.description         ? 
_pdbx_audit_revision_details.details             ? 
# 
loop_
_pdbx_audit_revision_group.ordinal 
_pdbx_audit_revision_group.revision_ordinal 
_pdbx_audit_revision_group.data_content_type 
_pdbx_audit_revision_group.group 
1 2 'Structure model' 'Data collection'     
2 2 'Structure model' 'Database references' 
# 
loop_
_pdbx_audit_revision_category.ordinal 
_pdbx_audit_revision_category.revision_ordinal 
_pdbx_audit_revision_category.data_content_type 
_pdbx_audit_revision_category.category 
1 2 'Structure model' chem_comp_atom 
2 2 'Structure model' chem_comp_bond 
3 2 'Structure model' database_2     
# 
loop_
_pdbx_audit_revision_item.ordinal 
_pdbx_audit_revision_item.revision_ordinal 
_pdbx_audit_revision_item.data_content_type 
_pdbx_audit_revision_item.item 
1 2 'Structure model' '_database_2.pdbx_DOI'                
2 2 'Structure model' '_database_2.pdbx_database_accession' 
# 
_phasing.method   MR 
# 
loop_
_software.pdbx_ordinal 
_software.name 
_software.version 
_software.date 
_software.type 
_software.contact_author 
_software.contact_author_email 
_software.classification 
_software.location 
_software.language 
_software.citation_id 
1 REFMAC      5.8.0189 ?               program 'Garib N. Murshudov' garib@ysbl.york.ac.uk    refinement        
http://www.ccp4.ac.uk/dist/html/refmac5.html        Fortran_77 ? 
2 Aimless     0.5.31   12/12/16        program 'Phil Evans'         ?                        'data scaling'    
http://www.mrc-lmb.cam.ac.uk/harry/pre/aimless.html ?          ? 
3 PDB_EXTRACT 3.23     'SEP. 23, 2016' package PDB                  deposit@deposit.rcsb.org 'data extraction' 
http://sw-tools.pdb.org/apps/PDB_EXTRACT/           C++        ? 
4 XDS         .        ?               program ?                    ?                        'data reduction'  ? ?          ? 
5 REFMAC      .        ?               program ?                    ?                        phasing           ? ?          ? 
# 
loop_
_pdbx_validate_close_contact.id 
_pdbx_validate_close_contact.PDB_model_num 
_pdbx_validate_close_contact.auth_atom_id_1 
_pdbx_validate_close_contact.auth_asym_id_1 
_pdbx_validate_close_contact.auth_comp_id_1 
_pdbx_validate_close_contact.auth_seq_id_1 
_pdbx_validate_close_contact.PDB_ins_code_1 
_pdbx_validate_close_contact.label_alt_id_1 
_pdbx_validate_close_contact.auth_atom_id_2 
_pdbx_validate_close_contact.auth_asym_id_2 
_pdbx_validate_close_contact.auth_comp_id_2 
_pdbx_validate_close_contact.auth_seq_id_2 
_pdbx_validate_close_contact.PDB_ins_code_2 
_pdbx_validate_close_contact.label_alt_id_2 
_pdbx_validate_close_contact.dist 
1 1 O  A HOH 519 ? ? O A HOH 523 ? ? 1.96 
2 1 CB A CYS 114 ? ? O A HOH 540 ? ? 2.02 
3 1 O  A GLN 136 ? ? O A HOH 401 ? ? 2.19 
# 
loop_
_pdbx_validate_symm_contact.id 
_pdbx_validate_symm_contact.PDB_model_num 
_pdbx_validate_symm_contact.auth_atom_id_1 
_pdbx_validate_symm_contact.auth_asym_id_1 
_pdbx_validate_symm_contact.auth_comp_id_1 
_pdbx_validate_symm_contact.auth_seq_id_1 
_pdbx_validate_symm_contact.PDB_ins_code_1 
_pdbx_validate_symm_contact.label_alt_id_1 
_pdbx_validate_symm_contact.site_symmetry_1 
_pdbx_validate_symm_contact.auth_atom_id_2 
_pdbx_validate_symm_contact.auth_asym_id_2 
_pdbx_validate_symm_contact.auth_comp_id_2 
_pdbx_validate_symm_contact.auth_seq_id_2 
_pdbx_validate_symm_contact.PDB_ins_code_2 
_pdbx_validate_symm_contact.label_alt_id_2 
_pdbx_validate_symm_contact.site_symmetry_2 
_pdbx_validate_symm_contact.dist 
1 1 O A HOH 513 ? ? 1_555 O A HOH 513 ? ? 6_559 1.82 
2 1 O A HOH 510 ? ? 1_555 O A HOH 510 ? ? 6_559 2.08 
# 
loop_
_pdbx_validate_torsion.id 
_pdbx_validate_torsion.PDB_model_num 
_pdbx_validate_torsion.auth_comp_id 
_pdbx_validate_torsion.auth_asym_id 
_pdbx_validate_torsion.auth_seq_id 
_pdbx_validate_torsion.PDB_ins_code 
_pdbx_validate_torsion.label_alt_id 
_pdbx_validate_torsion.phi 
_pdbx_validate_torsion.psi 
1 1 LYS A 64  ? ? -58.01 -5.47  
2 1 ARG A 66  ? ? -70.13 -71.46 
3 1 THR A 118 ? ? 69.94  -18.41 
# 
loop_
_pdbx_unobs_or_zero_occ_atoms.id 
_pdbx_unobs_or_zero_occ_atoms.PDB_model_num 
_pdbx_unobs_or_zero_occ_atoms.polymer_flag 
_pdbx_unobs_or_zero_occ_atoms.occupancy_flag 
_pdbx_unobs_or_zero_occ_atoms.auth_asym_id 
_pdbx_unobs_or_zero_occ_atoms.auth_comp_id 
_pdbx_unobs_or_zero_occ_atoms.auth_seq_id 
_pdbx_unobs_or_zero_occ_atoms.PDB_ins_code 
_pdbx_unobs_or_zero_occ_atoms.auth_atom_id 
_pdbx_unobs_or_zero_occ_atoms.label_alt_id 
_pdbx_unobs_or_zero_occ_atoms.label_asym_id 
_pdbx_unobs_or_zero_occ_atoms.label_comp_id 
_pdbx_unobs_or_zero_occ_atoms.label_seq_id 
_pdbx_unobs_or_zero_occ_atoms.label_atom_id 
1 1 Y 1 A GLN 161 ? CG  ? A GLN 147 CG  
2 1 Y 1 A GLN 161 ? CD  ? A GLN 147 CD  
3 1 Y 1 A GLN 161 ? OE1 ? A GLN 147 OE1 
4 1 Y 1 A GLN 161 ? NE2 ? A GLN 147 NE2 
# 
loop_
_pdbx_unobs_or_zero_occ_residues.id 
_pdbx_unobs_or_zero_occ_residues.PDB_model_num 
_pdbx_unobs_or_zero_occ_residues.polymer_flag 
_pdbx_unobs_or_zero_occ_residues.occupancy_flag 
_pdbx_unobs_or_zero_occ_residues.auth_asym_id 
_pdbx_unobs_or_zero_occ_residues.auth_comp_id 
_pdbx_unobs_or_zero_occ_residues.auth_seq_id 
_pdbx_unobs_or_zero_occ_residues.PDB_ins_code 
_pdbx_unobs_or_zero_occ_residues.label_asym_id 
_pdbx_unobs_or_zero_occ_residues.label_comp_id 
_pdbx_unobs_or_zero_occ_residues.label_seq_id 
1  1 Y 1 A HIS 162 ? A HIS 148 
2  1 Y 1 A TYR 163 ? A TYR 149 
3  1 Y 1 A VAL 164 ? A VAL 150 
4  1 Y 1 A THR 165 ? A THR 151 
5  1 Y 1 A ARG 166 ? A ARG 152 
6  1 Y 1 A LEU 167 ? A LEU 153 
7  1 Y 1 A GLY 168 ? A GLY 154 
8  1 Y 1 A HIS 169 ? A HIS 155 
9  1 Y 1 A ARG 170 ? A ARG 156 
10 1 Y 1 A PHE 171 ? A PHE 157 
# 
loop_
_chem_comp_atom.comp_id 
_chem_comp_atom.atom_id 
_chem_comp_atom.type_symbol 
_chem_comp_atom.pdbx_aromatic_flag 
_chem_comp_atom.pdbx_stereo_config 
_chem_comp_atom.pdbx_ordinal 
ACT C    C N N 1   
ACT O    O N N 2   
ACT OXT  O N N 3   
ACT CH3  C N N 4   
ACT H1   H N N 5   
ACT H2   H N N 6   
ACT H3   H N N 7   
ALA N    N N N 8   
ALA CA   C N S 9   
ALA C    C N N 10  
ALA O    O N N 11  
ALA CB   C N N 12  
ALA OXT  O N N 13  
ALA H    H N N 14  
ALA H2   H N N 15  
ALA HA   H N N 16  
ALA HB1  H N N 17  
ALA HB2  H N N 18  
ALA HB3  H N N 19  
ALA HXT  H N N 20  
ARG N    N N N 21  
ARG CA   C N S 22  
ARG C    C N N 23  
ARG O    O N N 24  
ARG CB   C N N 25  
ARG CG   C N N 26  
ARG CD   C N N 27  
ARG NE   N N N 28  
ARG CZ   C N N 29  
ARG NH1  N N N 30  
ARG NH2  N N N 31  
ARG OXT  O N N 32  
ARG H    H N N 33  
ARG H2   H N N 34  
ARG HA   H N N 35  
ARG HB2  H N N 36  
ARG HB3  H N N 37  
ARG HG2  H N N 38  
ARG HG3  H N N 39  
ARG HD2  H N N 40  
ARG HD3  H N N 41  
ARG HE   H N N 42  
ARG HH11 H N N 43  
ARG HH12 H N N 44  
ARG HH21 H N N 45  
ARG HH22 H N N 46  
ARG HXT  H N N 47  
ASN N    N N N 48  
ASN CA   C N S 49  
ASN C    C N N 50  
ASN O    O N N 51  
ASN CB   C N N 52  
ASN CG   C N N 53  
ASN OD1  O N N 54  
ASN ND2  N N N 55  
ASN OXT  O N N 56  
ASN H    H N N 57  
ASN H2   H N N 58  
ASN HA   H N N 59  
ASN HB2  H N N 60  
ASN HB3  H N N 61  
ASN HD21 H N N 62  
ASN HD22 H N N 63  
ASN HXT  H N N 64  
ASP N    N N N 65  
ASP CA   C N S 66  
ASP C    C N N 67  
ASP O    O N N 68  
ASP CB   C N N 69  
ASP CG   C N N 70  
ASP OD1  O N N 71  
ASP OD2  O N N 72  
ASP OXT  O N N 73  
ASP H    H N N 74  
ASP H2   H N N 75  
ASP HA   H N N 76  
ASP HB2  H N N 77  
ASP HB3  H N N 78  
ASP HD2  H N N 79  
ASP HXT  H N N 80  
CSO N    N N N 81  
CSO CA   C N R 82  
CSO CB   C N N 83  
CSO SG   S N N 84  
CSO C    C N N 85  
CSO O    O N N 86  
CSO OXT  O N N 87  
CSO OD   O N N 88  
CSO H    H N N 89  
CSO H2   H N N 90  
CSO HA   H N N 91  
CSO HB2  H N N 92  
CSO HB3  H N N 93  
CSO HXT  H N N 94  
CSO HD   H N N 95  
CYS N    N N N 96  
CYS CA   C N R 97  
CYS C    C N N 98  
CYS O    O N N 99  
CYS CB   C N N 100 
CYS SG   S N N 101 
CYS OXT  O N N 102 
CYS H    H N N 103 
CYS H2   H N N 104 
CYS HA   H N N 105 
CYS HB2  H N N 106 
CYS HB3  H N N 107 
CYS HG   H N N 108 
CYS HXT  H N N 109 
DMS S    S N N 110 
DMS O    O N N 111 
DMS C1   C N N 112 
DMS C2   C N N 113 
DMS H11  H N N 114 
DMS H12  H N N 115 
DMS H13  H N N 116 
DMS H21  H N N 117 
DMS H22  H N N 118 
DMS H23  H N N 119 
GLN N    N N N 120 
GLN CA   C N S 121 
GLN C    C N N 122 
GLN O    O N N 123 
GLN CB   C N N 124 
GLN CG   C N N 125 
GLN CD   C N N 126 
GLN OE1  O N N 127 
GLN NE2  N N N 128 
GLN OXT  O N N 129 
GLN H    H N N 130 
GLN H2   H N N 131 
GLN HA   H N N 132 
GLN HB2  H N N 133 
GLN HB3  H N N 134 
GLN HG2  H N N 135 
GLN HG3  H N N 136 
GLN HE21 H N N 137 
GLN HE22 H N N 138 
GLN HXT  H N N 139 
GLU N    N N N 140 
GLU CA   C N S 141 
GLU C    C N N 142 
GLU O    O N N 143 
GLU CB   C N N 144 
GLU CG   C N N 145 
GLU CD   C N N 146 
GLU OE1  O N N 147 
GLU OE2  O N N 148 
GLU OXT  O N N 149 
GLU H    H N N 150 
GLU H2   H N N 151 
GLU HA   H N N 152 
GLU HB2  H N N 153 
GLU HB3  H N N 154 
GLU HG2  H N N 155 
GLU HG3  H N N 156 
GLU HE2  H N N 157 
GLU HXT  H N N 158 
GLY N    N N N 159 
GLY CA   C N N 160 
GLY C    C N N 161 
GLY O    O N N 162 
GLY OXT  O N N 163 
GLY H    H N N 164 
GLY H2   H N N 165 
GLY HA2  H N N 166 
GLY HA3  H N N 167 
GLY HXT  H N N 168 
H4Y N1   N N N 169 
H4Y C4   C Y N 170 
H4Y C5   C Y N 171 
H4Y C6   C Y N 172 
H4Y C7   C Y N 173 
H4Y C8   C Y N 174 
H4Y C10  C Y N 175 
H4Y C13  C N N 176 
H4Y C15  C N N 177 
H4Y C17  C Y N 178 
H4Y C1   C N N 179 
H4Y O1   O N N 180 
H4Y C2   C Y N 181 
H4Y C3   C Y N 182 
H4Y C9   C Y N 183 
H4Y C11  C Y N 184 
H4Y C12  C N N 185 
H4Y C14  C N N 186 
H4Y O2   O N N 187 
H4Y C16  C Y N 188 
H4Y H1   H N N 189 
H4Y H2   H N N 190 
H4Y H3   H N N 191 
H4Y H4   H N N 192 
H4Y H5   H N N 193 
H4Y H6   H N N 194 
H4Y H7   H N N 195 
H4Y H8   H N N 196 
H4Y H9   H N N 197 
H4Y H10  H N N 198 
H4Y H11  H N N 199 
H4Y H12  H N N 200 
H4Y H13  H N N 201 
H4Y H14  H N N 202 
H4Y H15  H N N 203 
H4Y H16  H N N 204 
H4Y H17  H N N 205 
HIS N    N N N 206 
HIS CA   C N S 207 
HIS C    C N N 208 
HIS O    O N N 209 
HIS CB   C N N 210 
HIS CG   C Y N 211 
HIS ND1  N Y N 212 
HIS CD2  C Y N 213 
HIS CE1  C Y N 214 
HIS NE2  N Y N 215 
HIS OXT  O N N 216 
HIS H    H N N 217 
HIS H2   H N N 218 
HIS HA   H N N 219 
HIS HB2  H N N 220 
HIS HB3  H N N 221 
HIS HD1  H N N 222 
HIS HD2  H N N 223 
HIS HE1  H N N 224 
HIS HE2  H N N 225 
HIS HXT  H N N 226 
HOH O    O N N 227 
HOH H1   H N N 228 
HOH H2   H N N 229 
HYP N    N N N 230 
HYP CA   C N S 231 
HYP C    C N N 232 
HYP O    O N N 233 
HYP CB   C N N 234 
HYP CG   C N R 235 
HYP CD   C N N 236 
HYP OD1  O N N 237 
HYP OXT  O N N 238 
HYP H    H N N 239 
HYP HA   H N N 240 
HYP HB2  H N N 241 
HYP HB3  H N N 242 
HYP HG   H N N 243 
HYP HD22 H N N 244 
HYP HD23 H N N 245 
HYP HD1  H N N 246 
HYP HXT  H N N 247 
ILE N    N N N 248 
ILE CA   C N S 249 
ILE C    C N N 250 
ILE O    O N N 251 
ILE CB   C N S 252 
ILE CG1  C N N 253 
ILE CG2  C N N 254 
ILE CD1  C N N 255 
ILE OXT  O N N 256 
ILE H    H N N 257 
ILE H2   H N N 258 
ILE HA   H N N 259 
ILE HB   H N N 260 
ILE HG12 H N N 261 
ILE HG13 H N N 262 
ILE HG21 H N N 263 
ILE HG22 H N N 264 
ILE HG23 H N N 265 
ILE HD11 H N N 266 
ILE HD12 H N N 267 
ILE HD13 H N N 268 
ILE HXT  H N N 269 
LEU N    N N N 270 
LEU CA   C N S 271 
LEU C    C N N 272 
LEU O    O N N 273 
LEU CB   C N N 274 
LEU CG   C N N 275 
LEU CD1  C N N 276 
LEU CD2  C N N 277 
LEU OXT  O N N 278 
LEU H    H N N 279 
LEU H2   H N N 280 
LEU HA   H N N 281 
LEU HB2  H N N 282 
LEU HB3  H N N 283 
LEU HG   H N N 284 
LEU HD11 H N N 285 
LEU HD12 H N N 286 
LEU HD13 H N N 287 
LEU HD21 H N N 288 
LEU HD22 H N N 289 
LEU HD23 H N N 290 
LEU HXT  H N N 291 
LYS N    N N N 292 
LYS CA   C N S 293 
LYS C    C N N 294 
LYS O    O N N 295 
LYS CB   C N N 296 
LYS CG   C N N 297 
LYS CD   C N N 298 
LYS CE   C N N 299 
LYS NZ   N N N 300 
LYS OXT  O N N 301 
LYS H    H N N 302 
LYS H2   H N N 303 
LYS HA   H N N 304 
LYS HB2  H N N 305 
LYS HB3  H N N 306 
LYS HG2  H N N 307 
LYS HG3  H N N 308 
LYS HD2  H N N 309 
LYS HD3  H N N 310 
LYS HE2  H N N 311 
LYS HE3  H N N 312 
LYS HZ1  H N N 313 
LYS HZ2  H N N 314 
LYS HZ3  H N N 315 
LYS HXT  H N N 316 
MET N    N N N 317 
MET CA   C N S 318 
MET C    C N N 319 
MET O    O N N 320 
MET CB   C N N 321 
MET CG   C N N 322 
MET SD   S N N 323 
MET CE   C N N 324 
MET OXT  O N N 325 
MET H    H N N 326 
MET H2   H N N 327 
MET HA   H N N 328 
MET HB2  H N N 329 
MET HB3  H N N 330 
MET HG2  H N N 331 
MET HG3  H N N 332 
MET HE1  H N N 333 
MET HE2  H N N 334 
MET HE3  H N N 335 
MET HXT  H N N 336 
PHE N    N N N 337 
PHE CA   C N S 338 
PHE C    C N N 339 
PHE O    O N N 340 
PHE CB   C N N 341 
PHE CG   C Y N 342 
PHE CD1  C Y N 343 
PHE CD2  C Y N 344 
PHE CE1  C Y N 345 
PHE CE2  C Y N 346 
PHE CZ   C Y N 347 
PHE OXT  O N N 348 
PHE H    H N N 349 
PHE H2   H N N 350 
PHE HA   H N N 351 
PHE HB2  H N N 352 
PHE HB3  H N N 353 
PHE HD1  H N N 354 
PHE HD2  H N N 355 
PHE HE1  H N N 356 
PHE HE2  H N N 357 
PHE HZ   H N N 358 
PHE HXT  H N N 359 
PRO N    N N N 360 
PRO CA   C N S 361 
PRO C    C N N 362 
PRO O    O N N 363 
PRO CB   C N N 364 
PRO CG   C N N 365 
PRO CD   C N N 366 
PRO OXT  O N N 367 
PRO H    H N N 368 
PRO HA   H N N 369 
PRO HB2  H N N 370 
PRO HB3  H N N 371 
PRO HG2  H N N 372 
PRO HG3  H N N 373 
PRO HD2  H N N 374 
PRO HD3  H N N 375 
PRO HXT  H N N 376 
SER N    N N N 377 
SER CA   C N S 378 
SER C    C N N 379 
SER O    O N N 380 
SER CB   C N N 381 
SER OG   O N N 382 
SER OXT  O N N 383 
SER H    H N N 384 
SER H2   H N N 385 
SER HA   H N N 386 
SER HB2  H N N 387 
SER HB3  H N N 388 
SER HG   H N N 389 
SER HXT  H N N 390 
THR N    N N N 391 
THR CA   C N S 392 
THR C    C N N 393 
THR O    O N N 394 
THR CB   C N R 395 
THR OG1  O N N 396 
THR CG2  C N N 397 
THR OXT  O N N 398 
THR H    H N N 399 
THR H2   H N N 400 
THR HA   H N N 401 
THR HB   H N N 402 
THR HG1  H N N 403 
THR HG21 H N N 404 
THR HG22 H N N 405 
THR HG23 H N N 406 
THR HXT  H N N 407 
TYR N    N N N 408 
TYR CA   C N S 409 
TYR C    C N N 410 
TYR O    O N N 411 
TYR CB   C N N 412 
TYR CG   C Y N 413 
TYR CD1  C Y N 414 
TYR CD2  C Y N 415 
TYR CE1  C Y N 416 
TYR CE2  C Y N 417 
TYR CZ   C Y N 418 
TYR OH   O N N 419 
TYR OXT  O N N 420 
TYR H    H N N 421 
TYR H2   H N N 422 
TYR HA   H N N 423 
TYR HB2  H N N 424 
TYR HB3  H N N 425 
TYR HD1  H N N 426 
TYR HD2  H N N 427 
TYR HE1  H N N 428 
TYR HE2  H N N 429 
TYR HH   H N N 430 
TYR HXT  H N N 431 
VAL N    N N N 432 
VAL CA   C N S 433 
VAL C    C N N 434 
VAL O    O N N 435 
VAL CB   C N N 436 
VAL CG1  C N N 437 
VAL CG2  C N N 438 
VAL OXT  O N N 439 
VAL H    H N N 440 
VAL H2   H N N 441 
VAL HA   H N N 442 
VAL HB   H N N 443 
VAL HG11 H N N 444 
VAL HG12 H N N 445 
VAL HG13 H N N 446 
VAL HG21 H N N 447 
VAL HG22 H N N 448 
VAL HG23 H N N 449 
VAL HXT  H N N 450 
# 
loop_
_chem_comp_bond.comp_id 
_chem_comp_bond.atom_id_1 
_chem_comp_bond.atom_id_2 
_chem_comp_bond.value_order 
_chem_comp_bond.pdbx_aromatic_flag 
_chem_comp_bond.pdbx_stereo_config 
_chem_comp_bond.pdbx_ordinal 
ACT C   O    doub N N 1   
ACT C   OXT  sing N N 2   
ACT C   CH3  sing N N 3   
ACT CH3 H1   sing N N 4   
ACT CH3 H2   sing N N 5   
ACT CH3 H3   sing N N 6   
ALA N   CA   sing N N 7   
ALA N   H    sing N N 8   
ALA N   H2   sing N N 9   
ALA CA  C    sing N N 10  
ALA CA  CB   sing N N 11  
ALA CA  HA   sing N N 12  
ALA C   O    doub N N 13  
ALA C   OXT  sing N N 14  
ALA CB  HB1  sing N N 15  
ALA CB  HB2  sing N N 16  
ALA CB  HB3  sing N N 17  
ALA OXT HXT  sing N N 18  
ARG N   CA   sing N N 19  
ARG N   H    sing N N 20  
ARG N   H2   sing N N 21  
ARG CA  C    sing N N 22  
ARG CA  CB   sing N N 23  
ARG CA  HA   sing N N 24  
ARG C   O    doub N N 25  
ARG C   OXT  sing N N 26  
ARG CB  CG   sing N N 27  
ARG CB  HB2  sing N N 28  
ARG CB  HB3  sing N N 29  
ARG CG  CD   sing N N 30  
ARG CG  HG2  sing N N 31  
ARG CG  HG3  sing N N 32  
ARG CD  NE   sing N N 33  
ARG CD  HD2  sing N N 34  
ARG CD  HD3  sing N N 35  
ARG NE  CZ   sing N N 36  
ARG NE  HE   sing N N 37  
ARG CZ  NH1  sing N N 38  
ARG CZ  NH2  doub N N 39  
ARG NH1 HH11 sing N N 40  
ARG NH1 HH12 sing N N 41  
ARG NH2 HH21 sing N N 42  
ARG NH2 HH22 sing N N 43  
ARG OXT HXT  sing N N 44  
ASN N   CA   sing N N 45  
ASN N   H    sing N N 46  
ASN N   H2   sing N N 47  
ASN CA  C    sing N N 48  
ASN CA  CB   sing N N 49  
ASN CA  HA   sing N N 50  
ASN C   O    doub N N 51  
ASN C   OXT  sing N N 52  
ASN CB  CG   sing N N 53  
ASN CB  HB2  sing N N 54  
ASN CB  HB3  sing N N 55  
ASN CG  OD1  doub N N 56  
ASN CG  ND2  sing N N 57  
ASN ND2 HD21 sing N N 58  
ASN ND2 HD22 sing N N 59  
ASN OXT HXT  sing N N 60  
ASP N   CA   sing N N 61  
ASP N   H    sing N N 62  
ASP N   H2   sing N N 63  
ASP CA  C    sing N N 64  
ASP CA  CB   sing N N 65  
ASP CA  HA   sing N N 66  
ASP C   O    doub N N 67  
ASP C   OXT  sing N N 68  
ASP CB  CG   sing N N 69  
ASP CB  HB2  sing N N 70  
ASP CB  HB3  sing N N 71  
ASP CG  OD1  doub N N 72  
ASP CG  OD2  sing N N 73  
ASP OD2 HD2  sing N N 74  
ASP OXT HXT  sing N N 75  
CSO N   CA   sing N N 76  
CSO N   H    sing N N 77  
CSO N   H2   sing N N 78  
CSO CA  CB   sing N N 79  
CSO CA  C    sing N N 80  
CSO CA  HA   sing N N 81  
CSO CB  SG   sing N N 82  
CSO CB  HB2  sing N N 83  
CSO CB  HB3  sing N N 84  
CSO SG  OD   sing N N 85  
CSO C   O    doub N N 86  
CSO C   OXT  sing N N 87  
CSO OXT HXT  sing N N 88  
CSO OD  HD   sing N N 89  
CYS N   CA   sing N N 90  
CYS N   H    sing N N 91  
CYS N   H2   sing N N 92  
CYS CA  C    sing N N 93  
CYS CA  CB   sing N N 94  
CYS CA  HA   sing N N 95  
CYS C   O    doub N N 96  
CYS C   OXT  sing N N 97  
CYS CB  SG   sing N N 98  
CYS CB  HB2  sing N N 99  
CYS CB  HB3  sing N N 100 
CYS SG  HG   sing N N 101 
CYS OXT HXT  sing N N 102 
DMS S   O    doub N N 103 
DMS S   C1   sing N N 104 
DMS S   C2   sing N N 105 
DMS C1  H11  sing N N 106 
DMS C1  H12  sing N N 107 
DMS C1  H13  sing N N 108 
DMS C2  H21  sing N N 109 
DMS C2  H22  sing N N 110 
DMS C2  H23  sing N N 111 
GLN N   CA   sing N N 112 
GLN N   H    sing N N 113 
GLN N   H2   sing N N 114 
GLN CA  C    sing N N 115 
GLN CA  CB   sing N N 116 
GLN CA  HA   sing N N 117 
GLN C   O    doub N N 118 
GLN C   OXT  sing N N 119 
GLN CB  CG   sing N N 120 
GLN CB  HB2  sing N N 121 
GLN CB  HB3  sing N N 122 
GLN CG  CD   sing N N 123 
GLN CG  HG2  sing N N 124 
GLN CG  HG3  sing N N 125 
GLN CD  OE1  doub N N 126 
GLN CD  NE2  sing N N 127 
GLN NE2 HE21 sing N N 128 
GLN NE2 HE22 sing N N 129 
GLN OXT HXT  sing N N 130 
GLU N   CA   sing N N 131 
GLU N   H    sing N N 132 
GLU N   H2   sing N N 133 
GLU CA  C    sing N N 134 
GLU CA  CB   sing N N 135 
GLU CA  HA   sing N N 136 
GLU C   O    doub N N 137 
GLU C   OXT  sing N N 138 
GLU CB  CG   sing N N 139 
GLU CB  HB2  sing N N 140 
GLU CB  HB3  sing N N 141 
GLU CG  CD   sing N N 142 
GLU CG  HG2  sing N N 143 
GLU CG  HG3  sing N N 144 
GLU CD  OE1  doub N N 145 
GLU CD  OE2  sing N N 146 
GLU OE2 HE2  sing N N 147 
GLU OXT HXT  sing N N 148 
GLY N   CA   sing N N 149 
GLY N   H    sing N N 150 
GLY N   H2   sing N N 151 
GLY CA  C    sing N N 152 
GLY CA  HA2  sing N N 153 
GLY CA  HA3  sing N N 154 
GLY C   O    doub N N 155 
GLY C   OXT  sing N N 156 
GLY OXT HXT  sing N N 157 
H4Y C8  C7   doub Y N 158 
H4Y C8  C9   sing Y N 159 
H4Y C7  C6   sing Y N 160 
H4Y C9  C10  doub Y N 161 
H4Y C16 C17  doub Y N 162 
H4Y C16 C5   sing Y N 163 
H4Y C6  C5   sing N N 164 
H4Y C6  C11  doub Y N 165 
H4Y C17 C2   sing Y N 166 
H4Y C5  C4   doub Y N 167 
H4Y C2  O1   sing N N 168 
H4Y C2  C3   doub Y N 169 
H4Y C4  C3   sing Y N 170 
H4Y O1  C1   sing N N 171 
H4Y C10 C11  sing Y N 172 
H4Y C11 N1   sing N N 173 
H4Y O2  C15  doub N N 174 
H4Y N1  C15  sing N N 175 
H4Y N1  C12  sing N N 176 
H4Y C15 C14  sing N N 177 
H4Y C12 C13  sing N N 178 
H4Y C14 C13  sing N N 179 
H4Y C4  H1   sing N N 180 
H4Y C7  H2   sing N N 181 
H4Y C8  H3   sing N N 182 
H4Y C10 H4   sing N N 183 
H4Y C13 H5   sing N N 184 
H4Y C13 H6   sing N N 185 
H4Y C17 H7   sing N N 186 
H4Y C1  H8   sing N N 187 
H4Y C1  H9   sing N N 188 
H4Y C1  H10  sing N N 189 
H4Y C3  H11  sing N N 190 
H4Y C9  H12  sing N N 191 
H4Y C12 H13  sing N N 192 
H4Y C12 H14  sing N N 193 
H4Y C14 H15  sing N N 194 
H4Y C14 H16  sing N N 195 
H4Y C16 H17  sing N N 196 
HIS N   CA   sing N N 197 
HIS N   H    sing N N 198 
HIS N   H2   sing N N 199 
HIS CA  C    sing N N 200 
HIS CA  CB   sing N N 201 
HIS CA  HA   sing N N 202 
HIS C   O    doub N N 203 
HIS C   OXT  sing N N 204 
HIS CB  CG   sing N N 205 
HIS CB  HB2  sing N N 206 
HIS CB  HB3  sing N N 207 
HIS CG  ND1  sing Y N 208 
HIS CG  CD2  doub Y N 209 
HIS ND1 CE1  doub Y N 210 
HIS ND1 HD1  sing N N 211 
HIS CD2 NE2  sing Y N 212 
HIS CD2 HD2  sing N N 213 
HIS CE1 NE2  sing Y N 214 
HIS CE1 HE1  sing N N 215 
HIS NE2 HE2  sing N N 216 
HIS OXT HXT  sing N N 217 
HOH O   H1   sing N N 218 
HOH O   H2   sing N N 219 
HYP N   CA   sing N N 220 
HYP N   CD   sing N N 221 
HYP N   H    sing N N 222 
HYP CA  C    sing N N 223 
HYP CA  CB   sing N N 224 
HYP CA  HA   sing N N 225 
HYP C   O    doub N N 226 
HYP C   OXT  sing N N 227 
HYP CB  CG   sing N N 228 
HYP CB  HB2  sing N N 229 
HYP CB  HB3  sing N N 230 
HYP CG  CD   sing N N 231 
HYP CG  OD1  sing N N 232 
HYP CG  HG   sing N N 233 
HYP CD  HD22 sing N N 234 
HYP CD  HD23 sing N N 235 
HYP OD1 HD1  sing N N 236 
HYP OXT HXT  sing N N 237 
ILE N   CA   sing N N 238 
ILE N   H    sing N N 239 
ILE N   H2   sing N N 240 
ILE CA  C    sing N N 241 
ILE CA  CB   sing N N 242 
ILE CA  HA   sing N N 243 
ILE C   O    doub N N 244 
ILE C   OXT  sing N N 245 
ILE CB  CG1  sing N N 246 
ILE CB  CG2  sing N N 247 
ILE CB  HB   sing N N 248 
ILE CG1 CD1  sing N N 249 
ILE CG1 HG12 sing N N 250 
ILE CG1 HG13 sing N N 251 
ILE CG2 HG21 sing N N 252 
ILE CG2 HG22 sing N N 253 
ILE CG2 HG23 sing N N 254 
ILE CD1 HD11 sing N N 255 
ILE CD1 HD12 sing N N 256 
ILE CD1 HD13 sing N N 257 
ILE OXT HXT  sing N N 258 
LEU N   CA   sing N N 259 
LEU N   H    sing N N 260 
LEU N   H2   sing N N 261 
LEU CA  C    sing N N 262 
LEU CA  CB   sing N N 263 
LEU CA  HA   sing N N 264 
LEU C   O    doub N N 265 
LEU C   OXT  sing N N 266 
LEU CB  CG   sing N N 267 
LEU CB  HB2  sing N N 268 
LEU CB  HB3  sing N N 269 
LEU CG  CD1  sing N N 270 
LEU CG  CD2  sing N N 271 
LEU CG  HG   sing N N 272 
LEU CD1 HD11 sing N N 273 
LEU CD1 HD12 sing N N 274 
LEU CD1 HD13 sing N N 275 
LEU CD2 HD21 sing N N 276 
LEU CD2 HD22 sing N N 277 
LEU CD2 HD23 sing N N 278 
LEU OXT HXT  sing N N 279 
LYS N   CA   sing N N 280 
LYS N   H    sing N N 281 
LYS N   H2   sing N N 282 
LYS CA  C    sing N N 283 
LYS CA  CB   sing N N 284 
LYS CA  HA   sing N N 285 
LYS C   O    doub N N 286 
LYS C   OXT  sing N N 287 
LYS CB  CG   sing N N 288 
LYS CB  HB2  sing N N 289 
LYS CB  HB3  sing N N 290 
LYS CG  CD   sing N N 291 
LYS CG  HG2  sing N N 292 
LYS CG  HG3  sing N N 293 
LYS CD  CE   sing N N 294 
LYS CD  HD2  sing N N 295 
LYS CD  HD3  sing N N 296 
LYS CE  NZ   sing N N 297 
LYS CE  HE2  sing N N 298 
LYS CE  HE3  sing N N 299 
LYS NZ  HZ1  sing N N 300 
LYS NZ  HZ2  sing N N 301 
LYS NZ  HZ3  sing N N 302 
LYS OXT HXT  sing N N 303 
MET N   CA   sing N N 304 
MET N   H    sing N N 305 
MET N   H2   sing N N 306 
MET CA  C    sing N N 307 
MET CA  CB   sing N N 308 
MET CA  HA   sing N N 309 
MET C   O    doub N N 310 
MET C   OXT  sing N N 311 
MET CB  CG   sing N N 312 
MET CB  HB2  sing N N 313 
MET CB  HB3  sing N N 314 
MET CG  SD   sing N N 315 
MET CG  HG2  sing N N 316 
MET CG  HG3  sing N N 317 
MET SD  CE   sing N N 318 
MET CE  HE1  sing N N 319 
MET CE  HE2  sing N N 320 
MET CE  HE3  sing N N 321 
MET OXT HXT  sing N N 322 
PHE N   CA   sing N N 323 
PHE N   H    sing N N 324 
PHE N   H2   sing N N 325 
PHE CA  C    sing N N 326 
PHE CA  CB   sing N N 327 
PHE CA  HA   sing N N 328 
PHE C   O    doub N N 329 
PHE C   OXT  sing N N 330 
PHE CB  CG   sing N N 331 
PHE CB  HB2  sing N N 332 
PHE CB  HB3  sing N N 333 
PHE CG  CD1  doub Y N 334 
PHE CG  CD2  sing Y N 335 
PHE CD1 CE1  sing Y N 336 
PHE CD1 HD1  sing N N 337 
PHE CD2 CE2  doub Y N 338 
PHE CD2 HD2  sing N N 339 
PHE CE1 CZ   doub Y N 340 
PHE CE1 HE1  sing N N 341 
PHE CE2 CZ   sing Y N 342 
PHE CE2 HE2  sing N N 343 
PHE CZ  HZ   sing N N 344 
PHE OXT HXT  sing N N 345 
PRO N   CA   sing N N 346 
PRO N   CD   sing N N 347 
PRO N   H    sing N N 348 
PRO CA  C    sing N N 349 
PRO CA  CB   sing N N 350 
PRO CA  HA   sing N N 351 
PRO C   O    doub N N 352 
PRO C   OXT  sing N N 353 
PRO CB  CG   sing N N 354 
PRO CB  HB2  sing N N 355 
PRO CB  HB3  sing N N 356 
PRO CG  CD   sing N N 357 
PRO CG  HG2  sing N N 358 
PRO CG  HG3  sing N N 359 
PRO CD  HD2  sing N N 360 
PRO CD  HD3  sing N N 361 
PRO OXT HXT  sing N N 362 
SER N   CA   sing N N 363 
SER N   H    sing N N 364 
SER N   H2   sing N N 365 
SER CA  C    sing N N 366 
SER CA  CB   sing N N 367 
SER CA  HA   sing N N 368 
SER C   O    doub N N 369 
SER C   OXT  sing N N 370 
SER CB  OG   sing N N 371 
SER CB  HB2  sing N N 372 
SER CB  HB3  sing N N 373 
SER OG  HG   sing N N 374 
SER OXT HXT  sing N N 375 
THR N   CA   sing N N 376 
THR N   H    sing N N 377 
THR N   H2   sing N N 378 
THR CA  C    sing N N 379 
THR CA  CB   sing N N 380 
THR CA  HA   sing N N 381 
THR C   O    doub N N 382 
THR C   OXT  sing N N 383 
THR CB  OG1  sing N N 384 
THR CB  CG2  sing N N 385 
THR CB  HB   sing N N 386 
THR OG1 HG1  sing N N 387 
THR CG2 HG21 sing N N 388 
THR CG2 HG22 sing N N 389 
THR CG2 HG23 sing N N 390 
THR OXT HXT  sing N N 391 
TYR N   CA   sing N N 392 
TYR N   H    sing N N 393 
TYR N   H2   sing N N 394 
TYR CA  C    sing N N 395 
TYR CA  CB   sing N N 396 
TYR CA  HA   sing N N 397 
TYR C   O    doub N N 398 
TYR C   OXT  sing N N 399 
TYR CB  CG   sing N N 400 
TYR CB  HB2  sing N N 401 
TYR CB  HB3  sing N N 402 
TYR CG  CD1  doub Y N 403 
TYR CG  CD2  sing Y N 404 
TYR CD1 CE1  sing Y N 405 
TYR CD1 HD1  sing N N 406 
TYR CD2 CE2  doub Y N 407 
TYR CD2 HD2  sing N N 408 
TYR CE1 CZ   doub Y N 409 
TYR CE1 HE1  sing N N 410 
TYR CE2 CZ   sing Y N 411 
TYR CE2 HE2  sing N N 412 
TYR CZ  OH   sing N N 413 
TYR OH  HH   sing N N 414 
TYR OXT HXT  sing N N 415 
VAL N   CA   sing N N 416 
VAL N   H    sing N N 417 
VAL N   H2   sing N N 418 
VAL CA  C    sing N N 419 
VAL CA  CB   sing N N 420 
VAL CA  HA   sing N N 421 
VAL C   O    doub N N 422 
VAL C   OXT  sing N N 423 
VAL CB  CG1  sing N N 424 
VAL CB  CG2  sing N N 425 
VAL CB  HB   sing N N 426 
VAL CG1 HG11 sing N N 427 
VAL CG1 HG12 sing N N 428 
VAL CG1 HG13 sing N N 429 
VAL CG2 HG21 sing N N 430 
VAL CG2 HG22 sing N N 431 
VAL CG2 HG23 sing N N 432 
VAL OXT HXT  sing N N 433 
# 
_pdbx_deposit_group.group_id            G_1002045 
_pdbx_deposit_group.group_description   
;human NUDT7 screened against the 3D-Fragment Consortium Library by X-ray Crystallography at the XChem facility of Diamond Light Source beamline I04-1
;
_pdbx_deposit_group.group_title         'PanDDA analysis group deposition of models with modelled events (e.g. bound ligands)' 
_pdbx_deposit_group.group_type          'changed state' 
# 
loop_
_pdbx_entity_nonpoly.entity_id 
_pdbx_entity_nonpoly.name 
_pdbx_entity_nonpoly.comp_id 
2 'ACETATE ION'                                        ACT 
3 'DIMETHYL SULFOXIDE'                                 DMS 
4 "1-(4'-methoxy[1,1'-biphenyl]-2-yl)pyrrolidin-2-one" H4Y 
5 water                                                HOH 
# 
_pdbx_related_exp_data_set.ordinal              1 
_pdbx_related_exp_data_set.data_reference       10.5281/zenodo.1244111 
_pdbx_related_exp_data_set.metadata_reference   10.5281/zenodo.1244111 
_pdbx_related_exp_data_set.data_set_type        'other data' 
_pdbx_related_exp_data_set.details              'Complete PanDDA analysis' 
# 
